data_1UC6
#
_entry.id   1UC6
#
_entity_poly.entity_id   1
_entity_poly.type   'polypeptide(L)'
_entity_poly.pdbx_seq_one_letter_code
;GPLGSVKPDPPENVVARPVPSNPRRLEVTWQTPSTWPDPESFPLKFFLRYRPLILDQWQHVELSNGTAHTITDAYAGKEY
IIQVAAKDNEIGTWSDWSVAAHATPWTEE
;
_entity_poly.pdbx_strand_id   A
#
# COMPACT_ATOMS: atom_id res chain seq x y z
N GLY A 1 -15.95 -0.27 18.51
CA GLY A 1 -16.18 1.01 17.77
C GLY A 1 -17.48 0.99 17.01
N PRO A 2 -17.44 1.04 15.67
CA PRO A 2 -18.64 1.01 14.85
C PRO A 2 -19.28 -0.36 14.87
N LEU A 3 -18.86 -1.18 15.84
CA LEU A 3 -19.38 -2.52 16.00
C LEU A 3 -19.30 -3.27 14.68
N GLY A 4 -18.12 -3.82 14.40
CA GLY A 4 -17.92 -4.56 13.19
C GLY A 4 -16.95 -3.89 12.24
N SER A 5 -17.35 -2.74 11.70
CA SER A 5 -16.49 -2.01 10.77
C SER A 5 -15.42 -1.21 11.51
N VAL A 6 -14.95 -1.74 12.62
CA VAL A 6 -13.92 -1.08 13.40
C VAL A 6 -12.73 -0.70 12.53
N LYS A 7 -12.23 0.51 12.70
CA LYS A 7 -11.10 1.00 11.92
C LYS A 7 -10.01 -0.07 11.85
N PRO A 8 -9.76 -0.63 10.65
CA PRO A 8 -8.75 -1.68 10.46
C PRO A 8 -7.36 -1.22 10.89
N ASP A 9 -6.63 -2.12 11.55
CA ASP A 9 -5.29 -1.82 12.00
C ASP A 9 -4.35 -1.60 10.81
N PRO A 10 -3.19 -0.95 11.02
CA PRO A 10 -2.24 -0.70 9.94
C PRO A 10 -1.83 -2.00 9.24
N PRO A 11 -1.94 -2.04 7.89
CA PRO A 11 -1.58 -3.23 7.11
C PRO A 11 -0.21 -3.78 7.52
N GLU A 12 -0.08 -5.10 7.52
CA GLU A 12 1.17 -5.74 7.90
C GLU A 12 1.83 -6.42 6.70
N ASN A 13 3.05 -6.92 6.92
CA ASN A 13 3.81 -7.59 5.88
C ASN A 13 3.94 -6.68 4.65
N VAL A 14 3.98 -5.38 4.89
CA VAL A 14 4.09 -4.41 3.81
C VAL A 14 5.54 -4.27 3.36
N VAL A 15 5.88 -4.95 2.27
CA VAL A 15 7.24 -4.89 1.73
C VAL A 15 7.22 -4.54 0.24
N ALA A 16 7.90 -3.46 -0.11
CA ALA A 16 7.97 -3.03 -1.51
C ALA A 16 9.26 -3.52 -2.15
N ARG A 17 9.14 -4.60 -2.93
CA ARG A 17 10.29 -5.20 -3.59
C ARG A 17 10.44 -4.69 -5.03
N PRO A 18 11.68 -4.38 -5.45
CA PRO A 18 11.94 -3.89 -6.80
C PRO A 18 12.17 -5.03 -7.79
N VAL A 19 11.46 -4.98 -8.91
CA VAL A 19 11.57 -6.01 -9.94
C VAL A 19 12.88 -5.85 -10.73
N PRO A 20 13.74 -6.88 -10.74
CA PRO A 20 15.02 -6.84 -11.46
C PRO A 20 14.86 -6.87 -12.97
N SER A 21 13.66 -7.21 -13.43
CA SER A 21 13.38 -7.28 -14.86
C SER A 21 12.79 -5.98 -15.37
N ASN A 22 12.48 -5.07 -14.45
CA ASN A 22 11.91 -3.78 -14.81
C ASN A 22 12.52 -2.66 -13.95
N PRO A 23 13.27 -1.73 -14.57
CA PRO A 23 13.90 -0.62 -13.85
C PRO A 23 12.92 0.50 -13.49
N ARG A 24 11.67 0.13 -13.23
CA ARG A 24 10.65 1.11 -12.86
C ARG A 24 9.47 0.45 -12.17
N ARG A 25 9.52 -0.87 -12.06
CA ARG A 25 8.46 -1.63 -11.42
C ARG A 25 8.76 -1.86 -9.94
N LEU A 26 7.74 -1.68 -9.11
CA LEU A 26 7.89 -1.87 -7.67
C LEU A 26 6.78 -2.77 -7.14
N GLU A 27 7.10 -4.04 -6.92
CA GLU A 27 6.13 -5.01 -6.42
C GLU A 27 5.80 -4.74 -4.96
N VAL A 28 4.83 -3.86 -4.72
CA VAL A 28 4.41 -3.52 -3.36
C VAL A 28 3.45 -4.57 -2.83
N THR A 29 3.97 -5.50 -2.04
CA THR A 29 3.15 -6.57 -1.47
C THR A 29 2.86 -6.31 0.00
N TRP A 30 1.71 -6.78 0.46
CA TRP A 30 1.32 -6.61 1.85
C TRP A 30 0.27 -7.64 2.25
N GLN A 31 -0.23 -7.52 3.48
CA GLN A 31 -1.24 -8.44 3.98
C GLN A 31 -2.12 -7.74 5.01
N THR A 32 -3.25 -8.36 5.32
CA THR A 32 -4.18 -7.80 6.29
C THR A 32 -3.56 -7.79 7.69
N PRO A 33 -4.00 -6.87 8.56
CA PRO A 33 -3.48 -6.77 9.92
C PRO A 33 -3.73 -8.03 10.73
N SER A 34 -2.89 -8.26 11.74
CA SER A 34 -3.04 -9.43 12.60
C SER A 34 -4.35 -9.36 13.38
N THR A 35 -4.83 -8.12 13.59
CA THR A 35 -6.07 -7.91 14.32
C THR A 35 -7.28 -8.22 13.44
N TRP A 36 -7.07 -8.15 12.13
CA TRP A 36 -8.15 -8.42 11.18
C TRP A 36 -8.36 -9.92 11.02
N PRO A 37 -9.61 -10.41 11.16
CA PRO A 37 -9.94 -11.83 11.04
C PRO A 37 -9.97 -12.32 9.60
N ASP A 38 -11.16 -12.35 9.00
CA ASP A 38 -11.31 -12.80 7.62
C ASP A 38 -11.27 -11.64 6.63
N PRO A 39 -10.28 -11.61 5.73
CA PRO A 39 -10.15 -10.54 4.75
C PRO A 39 -11.18 -10.66 3.63
N GLU A 40 -11.84 -11.81 3.56
CA GLU A 40 -12.87 -12.06 2.54
C GLU A 40 -14.20 -11.49 2.99
N SER A 41 -14.68 -11.96 4.13
CA SER A 41 -15.96 -11.50 4.67
C SER A 41 -15.93 -10.00 4.92
N PHE A 42 -14.73 -9.48 5.16
CA PHE A 42 -14.54 -8.06 5.42
C PHE A 42 -13.64 -7.44 4.36
N PRO A 43 -14.21 -7.03 3.22
CA PRO A 43 -13.44 -6.42 2.13
C PRO A 43 -12.69 -5.18 2.58
N LEU A 44 -11.40 -5.35 2.86
CA LEU A 44 -10.57 -4.24 3.32
C LEU A 44 -10.03 -3.43 2.15
N LYS A 45 -10.43 -2.16 2.08
CA LYS A 45 -9.98 -1.27 1.01
C LYS A 45 -8.64 -0.64 1.39
N PHE A 46 -7.60 -0.98 0.63
CA PHE A 46 -6.26 -0.46 0.88
C PHE A 46 -5.97 0.76 0.02
N PHE A 47 -5.54 1.84 0.68
CA PHE A 47 -5.21 3.07 -0.03
C PHE A 47 -3.70 3.24 -0.14
N LEU A 48 -3.18 3.05 -1.35
CA LEU A 48 -1.76 3.16 -1.58
C LEU A 48 -1.39 4.49 -2.24
N ARG A 49 -0.32 5.10 -1.76
CA ARG A 49 0.16 6.37 -2.30
C ARG A 49 1.68 6.38 -2.37
N TYR A 50 2.22 6.55 -3.56
CA TYR A 50 3.65 6.58 -3.76
C TYR A 50 4.13 7.96 -4.20
N ARG A 51 4.94 8.59 -3.36
CA ARG A 51 5.46 9.92 -3.67
C ARG A 51 6.98 9.89 -3.82
N PRO A 52 7.49 10.44 -4.94
CA PRO A 52 8.94 10.48 -5.19
C PRO A 52 9.67 11.30 -4.13
N LEU A 53 10.93 10.95 -3.88
CA LEU A 53 11.73 11.65 -2.88
C LEU A 53 12.28 12.95 -3.44
N ILE A 54 11.80 13.34 -4.62
CA ILE A 54 12.24 14.58 -5.25
C ILE A 54 11.05 15.45 -5.63
N LEU A 55 9.86 14.87 -5.54
CA LEU A 55 8.64 15.59 -5.88
C LEU A 55 7.55 15.29 -4.86
N ASP A 56 6.93 16.34 -4.32
CA ASP A 56 5.87 16.17 -3.35
C ASP A 56 4.55 15.86 -4.06
N GLN A 57 4.48 14.67 -4.66
CA GLN A 57 3.29 14.25 -5.37
C GLN A 57 2.68 13.01 -4.73
N TRP A 58 1.65 13.20 -3.93
CA TRP A 58 0.97 12.10 -3.26
C TRP A 58 -0.07 11.47 -4.17
N GLN A 59 0.20 10.25 -4.62
CA GLN A 59 -0.73 9.53 -5.50
C GLN A 59 -1.91 8.99 -4.72
N HIS A 60 -2.87 8.43 -5.44
CA HIS A 60 -4.06 7.88 -4.81
C HIS A 60 -4.55 6.64 -5.55
N VAL A 61 -4.25 5.47 -5.00
CA VAL A 61 -4.66 4.20 -5.60
C VAL A 61 -5.54 3.42 -4.64
N GLU A 62 -6.69 2.96 -5.13
CA GLU A 62 -7.61 2.20 -4.31
C GLU A 62 -7.60 0.72 -4.66
N LEU A 63 -7.41 -0.11 -3.65
CA LEU A 63 -7.38 -1.56 -3.83
C LEU A 63 -8.50 -2.20 -3.01
N SER A 64 -9.65 -2.38 -3.65
CA SER A 64 -10.82 -2.97 -2.99
C SER A 64 -10.45 -4.27 -2.29
N ASN A 65 -9.52 -5.02 -2.87
CA ASN A 65 -9.09 -6.29 -2.30
C ASN A 65 -7.72 -6.68 -2.82
N GLY A 66 -6.85 -5.68 -3.00
CA GLY A 66 -5.51 -5.93 -3.50
C GLY A 66 -4.50 -6.14 -2.39
N THR A 67 -3.63 -7.12 -2.56
CA THR A 67 -2.60 -7.42 -1.57
C THR A 67 -1.22 -7.42 -2.21
N ALA A 68 -1.20 -7.31 -3.54
CA ALA A 68 0.05 -7.29 -4.28
C ALA A 68 -0.04 -6.29 -5.44
N HIS A 69 0.21 -5.02 -5.14
CA HIS A 69 0.14 -3.97 -6.14
C HIS A 69 1.49 -3.77 -6.84
N THR A 70 1.46 -3.80 -8.16
CA THR A 70 2.67 -3.62 -8.96
C THR A 70 2.62 -2.29 -9.69
N ILE A 71 3.46 -1.35 -9.27
CA ILE A 71 3.49 -0.02 -9.89
C ILE A 71 4.77 0.20 -10.69
N THR A 72 4.59 0.46 -11.98
CA THR A 72 5.72 0.72 -12.87
C THR A 72 5.94 2.22 -13.02
N ASP A 73 5.42 2.98 -12.07
CA ASP A 73 5.54 4.43 -12.07
C ASP A 73 6.59 4.89 -11.06
N ALA A 74 7.36 3.93 -10.53
CA ALA A 74 8.39 4.24 -9.55
C ALA A 74 9.74 4.52 -10.21
N TYR A 75 10.42 5.55 -9.73
CA TYR A 75 11.73 5.92 -10.26
C TYR A 75 12.82 5.02 -9.70
N ALA A 76 13.67 4.51 -10.59
CA ALA A 76 14.76 3.63 -10.17
C ALA A 76 15.91 4.42 -9.55
N GLY A 77 16.03 5.68 -9.94
CA GLY A 77 17.09 6.51 -9.42
C GLY A 77 16.69 7.26 -8.16
N LYS A 78 15.40 7.28 -7.86
CA LYS A 78 14.90 7.97 -6.67
C LYS A 78 14.05 7.05 -5.81
N GLU A 79 14.14 7.23 -4.50
CA GLU A 79 13.37 6.41 -3.57
C GLU A 79 11.90 6.83 -3.59
N TYR A 80 11.02 5.86 -3.34
CA TYR A 80 9.59 6.12 -3.34
C TYR A 80 8.96 5.75 -2.00
N ILE A 81 8.30 6.71 -1.36
CA ILE A 81 7.65 6.46 -0.09
C ILE A 81 6.20 6.07 -0.32
N ILE A 82 5.94 4.76 -0.34
CA ILE A 82 4.60 4.24 -0.57
C ILE A 82 3.87 3.96 0.74
N GLN A 83 2.97 4.87 1.11
CA GLN A 83 2.20 4.72 2.34
C GLN A 83 0.90 3.96 2.07
N VAL A 84 0.62 2.99 2.93
CA VAL A 84 -0.58 2.17 2.78
C VAL A 84 -1.56 2.41 3.93
N ALA A 85 -2.83 2.55 3.59
CA ALA A 85 -3.87 2.79 4.59
C ALA A 85 -4.87 1.64 4.60
N ALA A 86 -5.87 1.74 5.48
CA ALA A 86 -6.89 0.71 5.60
C ALA A 86 -8.28 1.32 5.76
N LYS A 87 -9.29 0.56 5.35
CA LYS A 87 -10.67 1.01 5.45
C LYS A 87 -11.62 -0.15 5.13
N ASP A 88 -12.87 -0.02 5.54
CA ASP A 88 -13.85 -1.07 5.28
C ASP A 88 -14.76 -0.69 4.12
N ASN A 89 -14.98 -1.64 3.20
CA ASN A 89 -15.82 -1.39 2.04
C ASN A 89 -17.26 -1.09 2.46
N GLU A 90 -17.72 -1.75 3.51
CA GLU A 90 -19.07 -1.54 4.01
C GLU A 90 -19.22 -0.17 4.64
N ILE A 91 -18.74 -0.03 5.86
CA ILE A 91 -18.82 1.25 6.58
C ILE A 91 -17.52 2.03 6.44
N GLY A 92 -17.65 3.31 6.09
CA GLY A 92 -16.49 4.15 5.91
C GLY A 92 -15.75 4.46 7.20
N THR A 93 -14.74 3.64 7.51
CA THR A 93 -13.93 3.84 8.70
C THR A 93 -12.50 4.16 8.29
N TRP A 94 -12.33 5.31 7.66
CA TRP A 94 -11.03 5.76 7.16
C TRP A 94 -9.96 5.71 8.25
N SER A 95 -8.84 5.09 7.91
CA SER A 95 -7.71 4.99 8.82
C SER A 95 -6.55 5.83 8.31
N ASP A 96 -6.05 6.72 9.16
CA ASP A 96 -4.95 7.60 8.79
C ASP A 96 -3.76 6.80 8.25
N TRP A 97 -3.01 7.41 7.33
CA TRP A 97 -1.85 6.76 6.73
C TRP A 97 -0.92 6.21 7.80
N SER A 98 -0.64 4.91 7.74
CA SER A 98 0.22 4.27 8.73
C SER A 98 1.56 3.84 8.14
N VAL A 99 1.61 2.61 7.64
CA VAL A 99 2.85 2.07 7.08
C VAL A 99 3.38 2.91 5.91
N ALA A 100 4.63 3.35 6.05
CA ALA A 100 5.28 4.14 5.02
C ALA A 100 6.48 3.37 4.45
N ALA A 101 6.18 2.45 3.54
CA ALA A 101 7.22 1.61 2.94
C ALA A 101 8.17 2.40 2.04
N HIS A 102 9.46 2.09 2.16
CA HIS A 102 10.50 2.74 1.37
C HIS A 102 11.07 1.74 0.38
N ALA A 103 11.13 2.12 -0.90
CA ALA A 103 11.66 1.21 -1.92
C ALA A 103 12.27 1.96 -3.09
N THR A 104 12.89 1.20 -3.98
CA THR A 104 13.53 1.75 -5.17
C THR A 104 13.65 0.67 -6.25
N PRO A 105 12.92 0.82 -7.37
CA PRO A 105 12.96 -0.16 -8.46
C PRO A 105 14.37 -0.43 -8.95
N TRP A 106 14.54 -1.50 -9.72
CA TRP A 106 15.83 -1.89 -10.25
C TRP A 106 16.58 -0.69 -10.83
N THR A 107 17.64 -0.27 -10.14
CA THR A 107 18.44 0.86 -10.60
C THR A 107 19.34 0.46 -11.75
N GLU A 108 18.77 0.39 -12.94
CA GLU A 108 19.52 0.01 -14.14
C GLU A 108 20.45 1.13 -14.58
N GLU A 109 21.75 0.84 -14.59
CA GLU A 109 22.74 1.83 -15.00
C GLU A 109 23.83 1.18 -15.86
N GLY A 1 -12.64 -8.32 19.03
CA GLY A 1 -12.89 -7.80 17.66
C GLY A 1 -13.87 -8.66 16.89
N PRO A 2 -15.17 -8.29 16.89
CA PRO A 2 -16.21 -9.08 16.23
C PRO A 2 -16.29 -8.82 14.73
N LEU A 3 -15.98 -7.60 14.33
CA LEU A 3 -15.99 -7.22 12.93
C LEU A 3 -14.91 -6.20 12.64
N GLY A 4 -14.61 -5.97 11.38
CA GLY A 4 -13.57 -5.03 11.01
C GLY A 4 -14.09 -3.61 10.87
N SER A 5 -15.41 -3.46 10.93
CA SER A 5 -16.04 -2.15 10.82
C SER A 5 -15.75 -1.27 12.03
N VAL A 6 -15.03 -1.82 12.98
CA VAL A 6 -14.60 -1.07 14.15
C VAL A 6 -13.44 -0.13 13.77
N LYS A 7 -12.72 -0.53 12.70
CA LYS A 7 -11.56 0.17 12.13
C LYS A 7 -10.42 -0.82 11.94
N PRO A 8 -10.02 -1.09 10.69
CA PRO A 8 -8.93 -2.01 10.40
C PRO A 8 -7.62 -1.54 11.03
N ASP A 9 -6.73 -2.48 11.30
CA ASP A 9 -5.43 -2.13 11.84
C ASP A 9 -4.45 -1.90 10.70
N PRO A 10 -3.31 -1.25 10.98
CA PRO A 10 -2.29 -0.98 9.96
C PRO A 10 -1.85 -2.26 9.26
N PRO A 11 -1.91 -2.28 7.92
CA PRO A 11 -1.54 -3.45 7.11
C PRO A 11 -0.21 -4.04 7.54
N GLU A 12 -0.07 -5.35 7.38
CA GLU A 12 1.13 -6.04 7.79
C GLU A 12 1.80 -6.71 6.60
N ASN A 13 3.05 -7.12 6.80
CA ASN A 13 3.88 -7.73 5.75
C ASN A 13 4.06 -6.76 4.59
N VAL A 14 4.03 -5.48 4.91
CA VAL A 14 4.18 -4.45 3.91
C VAL A 14 5.64 -4.29 3.53
N VAL A 15 5.96 -4.63 2.29
CA VAL A 15 7.32 -4.58 1.83
C VAL A 15 7.37 -4.42 0.31
N ALA A 16 7.98 -3.33 -0.13
CA ALA A 16 8.13 -3.08 -1.55
C ALA A 16 9.44 -3.70 -2.04
N ARG A 17 9.32 -4.53 -3.05
CA ARG A 17 10.46 -5.26 -3.58
C ARG A 17 10.57 -5.05 -5.08
N PRO A 18 11.69 -4.47 -5.53
CA PRO A 18 11.90 -4.15 -6.94
C PRO A 18 11.96 -5.39 -7.84
N VAL A 19 11.50 -5.23 -9.07
CA VAL A 19 11.55 -6.30 -10.04
C VAL A 19 12.78 -6.13 -10.94
N PRO A 20 13.71 -7.09 -10.89
CA PRO A 20 15.00 -6.99 -11.59
C PRO A 20 14.85 -6.88 -13.11
N SER A 21 13.70 -7.27 -13.64
CA SER A 21 13.48 -7.26 -15.08
C SER A 21 12.92 -5.92 -15.55
N ASN A 22 12.69 -5.00 -14.62
CA ASN A 22 12.12 -3.71 -14.95
C ASN A 22 12.66 -2.61 -14.06
N PRO A 23 13.27 -1.58 -14.65
CA PRO A 23 13.85 -0.45 -13.91
C PRO A 23 12.81 0.52 -13.39
N ARG A 24 11.54 0.14 -13.46
CA ARG A 24 10.45 0.98 -13.01
C ARG A 24 9.39 0.17 -12.28
N ARG A 25 9.55 -1.15 -12.26
CA ARG A 25 8.56 -2.01 -11.61
C ARG A 25 8.90 -2.24 -10.15
N LEU A 26 8.04 -1.72 -9.30
CA LEU A 26 8.21 -1.83 -7.86
C LEU A 26 7.03 -2.60 -7.26
N GLU A 27 7.29 -3.84 -6.87
CA GLU A 27 6.24 -4.69 -6.32
C GLU A 27 5.98 -4.36 -4.86
N VAL A 28 4.85 -3.71 -4.63
CA VAL A 28 4.44 -3.31 -3.29
C VAL A 28 3.55 -4.38 -2.67
N THR A 29 4.17 -5.36 -2.04
CA THR A 29 3.44 -6.47 -1.48
C THR A 29 3.12 -6.25 0.00
N TRP A 30 1.95 -6.72 0.43
CA TRP A 30 1.56 -6.63 1.82
C TRP A 30 0.47 -7.65 2.13
N GLN A 31 0.00 -7.61 3.36
CA GLN A 31 -1.07 -8.47 3.83
C GLN A 31 -1.96 -7.67 4.77
N THR A 32 -3.11 -8.21 5.13
CA THR A 32 -3.98 -7.54 6.08
C THR A 32 -3.36 -7.58 7.47
N PRO A 33 -3.78 -6.69 8.38
CA PRO A 33 -3.28 -6.66 9.76
C PRO A 33 -3.58 -7.99 10.47
N SER A 34 -2.73 -8.37 11.42
CA SER A 34 -2.89 -9.63 12.13
C SER A 34 -4.21 -9.66 12.90
N THR A 35 -4.72 -8.48 13.25
CA THR A 35 -5.98 -8.35 13.96
C THR A 35 -7.18 -8.66 13.06
N TRP A 36 -7.00 -8.46 11.76
CA TRP A 36 -8.07 -8.75 10.80
C TRP A 36 -8.26 -10.26 10.65
N PRO A 37 -9.52 -10.71 10.73
CA PRO A 37 -9.84 -12.14 10.61
C PRO A 37 -9.80 -12.63 9.16
N ASP A 38 -10.97 -12.84 8.56
CA ASP A 38 -11.05 -13.29 7.18
C ASP A 38 -11.15 -12.09 6.22
N PRO A 39 -10.08 -11.81 5.46
CA PRO A 39 -10.04 -10.64 4.57
C PRO A 39 -10.79 -10.85 3.26
N GLU A 40 -11.24 -12.07 3.01
CA GLU A 40 -12.00 -12.37 1.81
C GLU A 40 -13.49 -12.22 2.07
N SER A 41 -13.94 -12.81 3.18
CA SER A 41 -15.33 -12.70 3.59
C SER A 41 -15.64 -11.29 4.08
N PHE A 42 -14.63 -10.67 4.68
CA PHE A 42 -14.72 -9.26 5.07
C PHE A 42 -13.70 -8.47 4.27
N PRO A 43 -14.08 -8.05 3.05
CA PRO A 43 -13.17 -7.37 2.12
C PRO A 43 -12.65 -6.05 2.66
N LEU A 44 -11.34 -5.97 2.84
CA LEU A 44 -10.70 -4.75 3.29
C LEU A 44 -10.30 -3.89 2.09
N LYS A 45 -10.64 -2.61 2.14
CA LYS A 45 -10.25 -1.68 1.09
C LYS A 45 -8.95 -0.98 1.49
N PHE A 46 -7.95 -1.09 0.65
CA PHE A 46 -6.65 -0.52 0.93
C PHE A 46 -6.44 0.75 0.12
N PHE A 47 -5.69 1.69 0.67
CA PHE A 47 -5.42 2.94 0.00
C PHE A 47 -3.92 3.18 -0.06
N LEU A 48 -3.44 3.56 -1.23
CA LEU A 48 -2.01 3.66 -1.47
C LEU A 48 -1.62 5.02 -2.02
N ARG A 49 -0.45 5.50 -1.59
CA ARG A 49 0.12 6.72 -2.11
C ARG A 49 1.65 6.58 -2.16
N TYR A 50 2.24 6.86 -3.30
CA TYR A 50 3.68 6.74 -3.45
C TYR A 50 4.29 8.06 -3.90
N ARG A 51 5.02 8.68 -3.00
CA ARG A 51 5.62 9.98 -3.26
C ARG A 51 7.04 9.83 -3.79
N PRO A 52 7.25 10.04 -5.10
CA PRO A 52 8.58 9.99 -5.70
C PRO A 52 9.48 11.10 -5.18
N LEU A 53 10.72 10.76 -4.86
CA LEU A 53 11.66 11.72 -4.30
C LEU A 53 12.08 12.77 -5.33
N ILE A 54 11.58 12.64 -6.55
CA ILE A 54 11.89 13.59 -7.61
C ILE A 54 10.68 14.43 -7.98
N LEU A 55 9.59 14.29 -7.23
CA LEU A 55 8.37 15.05 -7.48
C LEU A 55 7.76 15.53 -6.19
N ASP A 56 7.79 14.66 -5.18
CA ASP A 56 7.29 14.99 -3.84
C ASP A 56 5.81 15.36 -3.86
N GLN A 57 5.02 14.59 -4.59
CA GLN A 57 3.58 14.78 -4.60
C GLN A 57 2.90 13.47 -4.25
N TRP A 58 1.83 13.56 -3.47
CA TRP A 58 1.13 12.38 -3.00
C TRP A 58 0.22 11.82 -4.09
N GLN A 59 0.46 10.56 -4.41
CA GLN A 59 -0.31 9.89 -5.44
C GLN A 59 -1.57 9.28 -4.84
N HIS A 60 -2.44 8.75 -5.69
CA HIS A 60 -3.71 8.19 -5.22
C HIS A 60 -4.00 6.85 -5.90
N VAL A 61 -4.01 5.80 -5.10
CA VAL A 61 -4.38 4.48 -5.57
C VAL A 61 -5.38 3.83 -4.61
N GLU A 62 -6.49 3.34 -5.14
CA GLU A 62 -7.48 2.66 -4.32
C GLU A 62 -7.45 1.17 -4.64
N LEU A 63 -7.16 0.36 -3.63
CA LEU A 63 -7.14 -1.08 -3.79
C LEU A 63 -8.34 -1.69 -3.09
N SER A 64 -9.43 -1.83 -3.83
CA SER A 64 -10.68 -2.36 -3.29
C SER A 64 -10.46 -3.71 -2.62
N ASN A 65 -9.60 -4.52 -3.20
CA ASN A 65 -9.21 -5.79 -2.62
C ASN A 65 -7.87 -6.24 -3.17
N GLY A 66 -6.82 -5.54 -2.76
CA GLY A 66 -5.50 -5.86 -3.25
C GLY A 66 -4.48 -5.97 -2.14
N THR A 67 -3.51 -6.85 -2.33
CA THR A 67 -2.45 -7.06 -1.35
C THR A 67 -1.09 -7.03 -2.02
N ALA A 68 -1.09 -6.72 -3.31
CA ALA A 68 0.13 -6.63 -4.07
C ALA A 68 0.01 -5.53 -5.11
N HIS A 69 0.59 -4.38 -4.83
CA HIS A 69 0.52 -3.24 -5.73
C HIS A 69 1.69 -3.27 -6.69
N THR A 70 1.42 -2.97 -7.93
CA THR A 70 2.43 -2.97 -8.96
C THR A 70 2.75 -1.56 -9.43
N ILE A 71 3.64 -0.88 -8.71
CA ILE A 71 4.10 0.44 -9.12
C ILE A 71 5.16 0.30 -10.20
N THR A 72 4.72 0.27 -11.45
CA THR A 72 5.63 0.25 -12.58
C THR A 72 5.96 1.68 -12.99
N ASP A 73 5.49 2.61 -12.17
CA ASP A 73 5.70 4.04 -12.41
C ASP A 73 6.89 4.55 -11.61
N ALA A 74 7.50 3.66 -10.84
CA ALA A 74 8.50 4.08 -9.88
C ALA A 74 9.86 4.30 -10.52
N TYR A 75 10.40 5.50 -10.34
CA TYR A 75 11.72 5.83 -10.81
C TYR A 75 12.76 5.25 -9.86
N ALA A 76 13.47 4.22 -10.31
CA ALA A 76 14.48 3.56 -9.49
C ALA A 76 15.62 4.49 -9.12
N GLY A 77 15.66 5.65 -9.77
CA GLY A 77 16.70 6.62 -9.51
C GLY A 77 16.53 7.33 -8.18
N LYS A 78 15.31 7.35 -7.65
CA LYS A 78 15.04 8.01 -6.39
C LYS A 78 13.98 7.26 -5.58
N GLU A 79 14.30 6.97 -4.33
CA GLU A 79 13.42 6.20 -3.45
C GLU A 79 11.99 6.75 -3.43
N TYR A 80 11.04 5.84 -3.30
CA TYR A 80 9.63 6.20 -3.21
C TYR A 80 9.12 5.92 -1.81
N ILE A 81 8.35 6.85 -1.25
CA ILE A 81 7.67 6.61 -0.01
C ILE A 81 6.23 6.18 -0.30
N ILE A 82 6.00 4.89 -0.15
CA ILE A 82 4.72 4.29 -0.46
C ILE A 82 3.93 4.02 0.81
N GLN A 83 3.03 4.93 1.16
CA GLN A 83 2.26 4.79 2.38
C GLN A 83 0.93 4.10 2.10
N VAL A 84 0.61 3.13 2.95
CA VAL A 84 -0.56 2.30 2.77
C VAL A 84 -1.55 2.50 3.93
N ALA A 85 -2.82 2.69 3.58
CA ALA A 85 -3.89 2.85 4.56
C ALA A 85 -4.97 1.80 4.33
N ALA A 86 -6.03 1.83 5.12
CA ALA A 86 -7.10 0.85 5.00
C ALA A 86 -8.44 1.40 5.46
N LYS A 87 -9.50 0.73 5.04
CA LYS A 87 -10.86 1.10 5.42
C LYS A 87 -11.80 -0.07 5.15
N ASP A 88 -12.76 -0.28 6.05
CA ASP A 88 -13.70 -1.40 5.91
C ASP A 88 -14.76 -1.09 4.84
N ASN A 89 -15.33 -2.15 4.27
CA ASN A 89 -16.35 -2.00 3.24
C ASN A 89 -17.74 -1.91 3.84
N GLU A 90 -17.93 -2.54 4.99
CA GLU A 90 -19.21 -2.51 5.68
C GLU A 90 -19.47 -1.13 6.27
N ILE A 91 -18.57 -0.71 7.14
CA ILE A 91 -18.60 0.64 7.68
C ILE A 91 -17.35 1.38 7.23
N GLY A 92 -17.51 2.63 6.81
CA GLY A 92 -16.39 3.38 6.30
C GLY A 92 -15.47 3.89 7.39
N THR A 93 -14.93 2.97 8.17
CA THR A 93 -13.99 3.31 9.22
C THR A 93 -12.61 3.56 8.62
N TRP A 94 -12.33 4.82 8.37
CA TRP A 94 -11.12 5.21 7.66
C TRP A 94 -9.90 5.16 8.54
N SER A 95 -9.06 4.15 8.35
CA SER A 95 -7.79 4.06 9.02
C SER A 95 -6.77 4.94 8.31
N ASP A 96 -6.21 5.89 9.05
CA ASP A 96 -5.30 6.87 8.49
C ASP A 96 -4.06 6.21 7.88
N TRP A 97 -3.42 6.93 6.94
CA TRP A 97 -2.25 6.43 6.22
C TRP A 97 -1.19 5.92 7.19
N SER A 98 -1.13 4.60 7.34
CA SER A 98 -0.33 3.98 8.38
C SER A 98 1.08 3.66 7.91
N VAL A 99 1.24 2.57 7.17
CA VAL A 99 2.56 2.05 6.84
C VAL A 99 3.18 2.77 5.65
N ALA A 100 4.17 3.61 5.94
CA ALA A 100 4.93 4.28 4.90
C ALA A 100 6.17 3.46 4.53
N ALA A 101 6.09 2.76 3.42
CA ALA A 101 7.22 1.96 2.95
C ALA A 101 8.16 2.81 2.10
N HIS A 102 9.43 2.48 2.12
CA HIS A 102 10.41 3.21 1.31
C HIS A 102 11.26 2.23 0.52
N ALA A 103 11.18 2.32 -0.81
CA ALA A 103 11.94 1.42 -1.68
C ALA A 103 12.03 1.98 -3.10
N THR A 104 12.74 1.27 -3.97
CA THR A 104 12.91 1.68 -5.36
C THR A 104 12.99 0.45 -6.26
N PRO A 105 12.57 0.55 -7.53
CA PRO A 105 12.65 -0.56 -8.48
C PRO A 105 14.10 -0.90 -8.85
N TRP A 106 14.28 -1.66 -9.92
CA TRP A 106 15.61 -2.05 -10.36
C TRP A 106 16.35 -0.85 -10.93
N THR A 107 17.46 -0.49 -10.30
CA THR A 107 18.25 0.63 -10.76
C THR A 107 19.09 0.25 -11.97
N GLU A 108 18.62 0.65 -13.14
CA GLU A 108 19.32 0.35 -14.38
C GLU A 108 20.44 1.37 -14.60
N GLU A 109 21.62 1.02 -14.10
CA GLU A 109 22.78 1.89 -14.19
C GLU A 109 24.01 1.11 -14.63
N GLY A 1 -23.56 -0.31 19.45
CA GLY A 1 -22.87 0.59 18.51
C GLY A 1 -21.67 -0.08 17.85
N PRO A 2 -21.07 0.55 16.84
CA PRO A 2 -19.93 -0.02 16.12
C PRO A 2 -18.62 0.18 16.87
N LEU A 3 -18.28 -0.79 17.71
CA LEU A 3 -17.05 -0.75 18.47
C LEU A 3 -15.86 -1.02 17.56
N GLY A 4 -16.04 -1.96 16.66
CA GLY A 4 -15.01 -2.28 15.70
C GLY A 4 -15.33 -1.72 14.33
N SER A 5 -14.72 -0.60 14.00
CA SER A 5 -14.95 0.05 12.72
C SER A 5 -14.39 -0.80 11.58
N VAL A 6 -14.68 -0.39 10.36
CA VAL A 6 -14.19 -1.11 9.20
C VAL A 6 -12.91 -0.48 8.67
N LYS A 7 -12.22 0.24 9.56
CA LYS A 7 -10.88 0.72 9.23
C LYS A 7 -9.87 -0.17 9.94
N PRO A 8 -9.17 -1.01 9.17
CA PRO A 8 -8.28 -2.02 9.73
C PRO A 8 -7.04 -1.39 10.33
N ASP A 9 -6.20 -2.22 10.93
CA ASP A 9 -4.95 -1.73 11.51
C ASP A 9 -3.91 -1.58 10.41
N PRO A 10 -2.85 -0.80 10.66
CA PRO A 10 -1.78 -0.59 9.68
C PRO A 10 -1.31 -1.89 9.05
N PRO A 11 -1.52 -2.05 7.72
CA PRO A 11 -1.23 -3.27 6.98
C PRO A 11 0.06 -3.96 7.43
N GLU A 12 0.02 -5.27 7.50
CA GLU A 12 1.17 -6.06 7.86
C GLU A 12 1.87 -6.56 6.61
N ASN A 13 3.04 -7.16 6.79
CA ASN A 13 3.82 -7.73 5.68
C ASN A 13 3.97 -6.74 4.54
N VAL A 14 4.27 -5.49 4.89
CA VAL A 14 4.38 -4.42 3.93
C VAL A 14 5.81 -4.33 3.38
N VAL A 15 6.03 -4.93 2.24
CA VAL A 15 7.35 -4.94 1.63
C VAL A 15 7.26 -4.69 0.13
N ALA A 16 7.86 -3.59 -0.30
CA ALA A 16 7.95 -3.29 -1.71
C ALA A 16 9.28 -3.78 -2.26
N ARG A 17 9.22 -4.80 -3.10
CA ARG A 17 10.44 -5.38 -3.65
C ARG A 17 10.50 -5.17 -5.16
N PRO A 18 11.48 -4.40 -5.63
CA PRO A 18 11.58 -4.05 -7.05
C PRO A 18 11.72 -5.26 -7.95
N VAL A 19 11.25 -5.11 -9.19
CA VAL A 19 11.38 -6.16 -10.18
C VAL A 19 12.72 -6.01 -10.89
N PRO A 20 13.62 -7.00 -10.72
CA PRO A 20 14.99 -6.93 -11.24
C PRO A 20 15.03 -6.91 -12.77
N SER A 21 13.89 -7.16 -13.39
CA SER A 21 13.78 -7.15 -14.84
C SER A 21 13.02 -5.92 -15.31
N ASN A 22 12.82 -4.96 -14.40
CA ASN A 22 12.06 -3.75 -14.72
C ASN A 22 12.51 -2.58 -13.87
N PRO A 23 13.26 -1.65 -14.47
CA PRO A 23 13.78 -0.45 -13.78
C PRO A 23 12.72 0.62 -13.56
N ARG A 24 11.58 0.21 -13.03
CA ARG A 24 10.47 1.12 -12.72
C ARG A 24 9.39 0.41 -11.92
N ARG A 25 9.40 -0.91 -11.99
CA ARG A 25 8.37 -1.73 -11.37
C ARG A 25 8.77 -2.21 -9.98
N LEU A 26 7.83 -2.13 -9.07
CA LEU A 26 8.01 -2.64 -7.72
C LEU A 26 6.90 -3.62 -7.40
N GLU A 27 7.26 -4.77 -6.86
CA GLU A 27 6.30 -5.72 -6.35
C GLU A 27 5.89 -5.30 -4.95
N VAL A 28 5.03 -4.30 -4.88
CA VAL A 28 4.62 -3.72 -3.61
C VAL A 28 3.61 -4.63 -2.94
N THR A 29 4.09 -5.49 -2.05
CA THR A 29 3.24 -6.48 -1.42
C THR A 29 2.94 -6.10 0.02
N TRP A 30 1.70 -6.29 0.42
CA TRP A 30 1.28 -6.06 1.80
C TRP A 30 0.28 -7.14 2.20
N GLN A 31 -0.23 -7.05 3.41
CA GLN A 31 -1.18 -8.01 3.93
C GLN A 31 -2.04 -7.35 4.99
N THR A 32 -3.17 -7.97 5.30
CA THR A 32 -4.05 -7.45 6.33
C THR A 32 -3.47 -7.71 7.70
N PRO A 33 -3.72 -6.83 8.67
CA PRO A 33 -3.26 -7.00 10.05
C PRO A 33 -3.94 -8.19 10.71
N SER A 34 -3.40 -8.62 11.85
CA SER A 34 -3.96 -9.75 12.58
C SER A 34 -5.34 -9.41 13.15
N THR A 35 -5.66 -8.12 13.17
CA THR A 35 -6.93 -7.65 13.71
C THR A 35 -8.04 -7.66 12.64
N TRP A 36 -7.67 -7.99 11.41
CA TRP A 36 -8.64 -8.04 10.33
C TRP A 36 -8.69 -9.43 9.72
N PRO A 37 -9.89 -9.92 9.37
CA PRO A 37 -10.07 -11.25 8.79
C PRO A 37 -9.60 -11.31 7.33
N ASP A 38 -10.21 -12.18 6.55
CA ASP A 38 -9.83 -12.35 5.15
C ASP A 38 -10.46 -11.27 4.29
N PRO A 39 -9.63 -10.50 3.56
CA PRO A 39 -10.10 -9.40 2.71
C PRO A 39 -10.75 -9.89 1.41
N GLU A 40 -11.60 -10.90 1.53
CA GLU A 40 -12.37 -11.38 0.39
C GLU A 40 -13.85 -11.15 0.65
N SER A 41 -14.30 -11.53 1.84
CA SER A 41 -15.66 -11.25 2.28
C SER A 41 -15.80 -9.76 2.59
N PHE A 42 -14.78 -9.21 3.22
CA PHE A 42 -14.72 -7.79 3.49
C PHE A 42 -14.03 -7.08 2.34
N PRO A 43 -14.68 -6.06 1.76
CA PRO A 43 -14.17 -5.36 0.58
C PRO A 43 -12.78 -4.77 0.82
N LEU A 44 -12.67 -3.92 1.84
CA LEU A 44 -11.40 -3.30 2.23
C LEU A 44 -10.72 -2.59 1.05
N LYS A 45 -10.87 -1.28 0.99
CA LYS A 45 -10.19 -0.48 -0.01
C LYS A 45 -8.85 0.00 0.54
N PHE A 46 -7.78 -0.61 0.07
CA PHE A 46 -6.44 -0.23 0.51
C PHE A 46 -6.01 1.03 -0.21
N PHE A 47 -5.33 1.92 0.50
CA PHE A 47 -4.88 3.17 -0.08
C PHE A 47 -3.37 3.24 -0.11
N LEU A 48 -2.81 3.09 -1.30
CA LEU A 48 -1.37 3.07 -1.46
C LEU A 48 -0.92 4.29 -2.27
N ARG A 49 -0.21 5.19 -1.61
CA ARG A 49 0.33 6.37 -2.29
C ARG A 49 1.85 6.32 -2.28
N TYR A 50 2.47 6.56 -3.42
CA TYR A 50 3.91 6.49 -3.54
C TYR A 50 4.50 7.83 -3.96
N ARG A 51 4.99 8.57 -2.99
CA ARG A 51 5.56 9.89 -3.24
C ARG A 51 7.06 9.79 -3.50
N PRO A 52 7.54 10.38 -4.60
CA PRO A 52 8.96 10.50 -4.86
C PRO A 52 9.61 11.46 -3.87
N LEU A 53 10.73 11.06 -3.28
CA LEU A 53 11.36 11.85 -2.23
C LEU A 53 11.74 13.24 -2.72
N ILE A 54 11.95 13.37 -4.02
CA ILE A 54 12.35 14.65 -4.61
C ILE A 54 11.13 15.49 -5.01
N LEU A 55 9.92 14.96 -4.85
CA LEU A 55 8.72 15.68 -5.24
C LEU A 55 7.58 15.44 -4.27
N ASP A 56 7.00 16.51 -3.76
CA ASP A 56 5.84 16.41 -2.89
C ASP A 56 4.58 16.22 -3.73
N GLN A 57 4.48 15.04 -4.34
CA GLN A 57 3.36 14.71 -5.21
C GLN A 57 2.79 13.35 -4.83
N TRP A 58 1.68 13.35 -4.10
CA TRP A 58 1.06 12.13 -3.66
C TRP A 58 0.25 11.49 -4.77
N GLN A 59 0.41 10.19 -4.93
CA GLN A 59 -0.34 9.45 -5.92
C GLN A 59 -0.96 8.22 -5.30
N HIS A 60 -2.20 8.37 -4.86
CA HIS A 60 -2.88 7.32 -4.11
C HIS A 60 -3.63 6.37 -5.05
N VAL A 61 -3.43 5.08 -4.85
CA VAL A 61 -4.14 4.07 -5.58
C VAL A 61 -5.14 3.38 -4.65
N GLU A 62 -6.39 3.31 -5.08
CA GLU A 62 -7.43 2.69 -4.28
C GLU A 62 -7.58 1.23 -4.69
N LEU A 63 -7.17 0.34 -3.80
CA LEU A 63 -7.12 -1.08 -4.12
C LEU A 63 -8.09 -1.87 -3.26
N SER A 64 -9.25 -2.17 -3.81
CA SER A 64 -10.21 -3.01 -3.13
C SER A 64 -9.75 -4.45 -3.18
N ASN A 65 -9.77 -5.10 -2.00
CA ASN A 65 -9.36 -6.51 -1.85
C ASN A 65 -8.08 -6.82 -2.63
N GLY A 66 -7.06 -6.00 -2.43
CA GLY A 66 -5.77 -6.23 -3.06
C GLY A 66 -4.65 -6.23 -2.05
N THR A 67 -3.56 -6.91 -2.36
CA THR A 67 -2.44 -7.01 -1.41
C THR A 67 -1.09 -7.00 -2.13
N ALA A 68 -1.11 -6.82 -3.44
CA ALA A 68 0.13 -6.83 -4.22
C ALA A 68 0.05 -5.88 -5.40
N HIS A 69 0.46 -4.63 -5.19
CA HIS A 69 0.46 -3.65 -6.26
C HIS A 69 1.80 -3.61 -6.97
N THR A 70 1.85 -4.19 -8.16
CA THR A 70 3.04 -4.15 -8.98
C THR A 70 3.08 -2.85 -9.78
N ILE A 71 3.56 -1.78 -9.15
CA ILE A 71 3.58 -0.47 -9.78
C ILE A 71 4.83 -0.29 -10.63
N THR A 72 4.66 0.23 -11.83
CA THR A 72 5.77 0.56 -12.70
C THR A 72 5.92 2.07 -12.80
N ASP A 73 5.41 2.75 -11.79
CA ASP A 73 5.32 4.19 -11.82
C ASP A 73 6.51 4.86 -11.14
N ALA A 74 7.33 4.07 -10.48
CA ALA A 74 8.41 4.63 -9.68
C ALA A 74 9.70 4.77 -10.47
N TYR A 75 10.34 5.92 -10.35
CA TYR A 75 11.64 6.14 -10.97
C TYR A 75 12.71 5.34 -10.23
N ALA A 76 13.42 4.49 -10.97
CA ALA A 76 14.40 3.58 -10.38
C ALA A 76 15.51 4.33 -9.65
N GLY A 77 15.86 5.49 -10.18
CA GLY A 77 16.95 6.26 -9.60
C GLY A 77 16.49 7.24 -8.53
N LYS A 78 15.26 7.07 -8.07
CA LYS A 78 14.71 7.95 -7.05
C LYS A 78 13.98 7.15 -5.98
N GLU A 79 14.13 7.56 -4.72
CA GLU A 79 13.49 6.86 -3.62
C GLU A 79 12.03 7.29 -3.49
N TYR A 80 11.17 6.33 -3.17
CA TYR A 80 9.74 6.58 -3.07
C TYR A 80 9.23 6.17 -1.69
N ILE A 81 8.31 6.96 -1.14
CA ILE A 81 7.66 6.60 0.10
C ILE A 81 6.22 6.18 -0.17
N ILE A 82 5.88 4.96 0.21
CA ILE A 82 4.55 4.41 -0.04
C ILE A 82 3.77 4.27 1.26
N GLN A 83 2.90 5.23 1.52
CA GLN A 83 2.04 5.16 2.69
C GLN A 83 0.84 4.28 2.42
N VAL A 84 0.75 3.19 3.15
CA VAL A 84 -0.33 2.23 3.00
C VAL A 84 -1.40 2.45 4.07
N ALA A 85 -2.62 2.72 3.62
CA ALA A 85 -3.75 2.88 4.52
C ALA A 85 -4.82 1.87 4.16
N ALA A 86 -5.88 1.79 4.97
CA ALA A 86 -6.93 0.80 4.75
C ALA A 86 -8.27 1.29 5.28
N LYS A 87 -9.24 1.39 4.39
CA LYS A 87 -10.61 1.74 4.76
C LYS A 87 -11.58 0.88 3.98
N ASP A 88 -12.52 0.24 4.68
CA ASP A 88 -13.46 -0.65 4.01
C ASP A 88 -14.38 0.13 3.07
N ASN A 89 -14.92 -0.57 2.07
CA ASN A 89 -15.79 0.06 1.09
C ASN A 89 -17.24 -0.04 1.52
N GLU A 90 -17.54 -0.97 2.42
CA GLU A 90 -18.90 -1.16 2.90
C GLU A 90 -19.32 -0.01 3.82
N ILE A 91 -18.41 0.40 4.68
CA ILE A 91 -18.65 1.54 5.55
C ILE A 91 -17.48 2.51 5.45
N GLY A 92 -17.79 3.78 5.27
CA GLY A 92 -16.76 4.77 5.03
C GLY A 92 -16.02 5.19 6.29
N THR A 93 -15.31 4.27 6.92
CA THR A 93 -14.47 4.61 8.06
C THR A 93 -13.03 4.78 7.60
N TRP A 94 -12.63 6.03 7.39
CA TRP A 94 -11.33 6.34 6.85
C TRP A 94 -10.22 6.18 7.89
N SER A 95 -9.21 5.40 7.55
CA SER A 95 -8.05 5.23 8.41
C SER A 95 -7.09 6.40 8.24
N ASP A 96 -6.34 6.71 9.28
CA ASP A 96 -5.29 7.70 9.16
C ASP A 96 -4.05 7.05 8.54
N TRP A 97 -3.27 7.84 7.83
CA TRP A 97 -2.13 7.33 7.06
C TRP A 97 -1.26 6.42 7.93
N SER A 98 -1.26 5.14 7.58
CA SER A 98 -0.71 4.13 8.45
C SER A 98 0.78 3.86 8.19
N VAL A 99 1.09 2.75 7.53
CA VAL A 99 2.48 2.33 7.37
C VAL A 99 3.09 2.88 6.08
N ALA A 100 4.16 3.64 6.26
CA ALA A 100 4.91 4.18 5.13
C ALA A 100 6.05 3.23 4.75
N ALA A 101 5.89 2.52 3.64
CA ALA A 101 6.92 1.63 3.15
C ALA A 101 7.87 2.39 2.23
N HIS A 102 9.06 1.85 2.01
CA HIS A 102 10.05 2.51 1.16
C HIS A 102 10.22 1.73 -0.14
N ALA A 103 10.17 2.44 -1.25
CA ALA A 103 10.22 1.81 -2.56
C ALA A 103 11.34 2.37 -3.41
N THR A 104 12.04 1.49 -4.11
CA THR A 104 13.08 1.88 -5.04
C THR A 104 13.23 0.80 -6.12
N PRO A 105 12.76 1.07 -7.34
CA PRO A 105 12.80 0.09 -8.44
C PRO A 105 14.22 -0.32 -8.80
N TRP A 106 14.34 -1.33 -9.64
CA TRP A 106 15.64 -1.82 -10.04
C TRP A 106 16.44 -0.73 -10.76
N THR A 107 17.51 -0.31 -10.13
CA THR A 107 18.39 0.67 -10.74
C THR A 107 19.30 -0.01 -11.76
N GLU A 108 18.93 0.11 -13.02
CA GLU A 108 19.60 -0.62 -14.08
C GLU A 108 21.09 -0.28 -14.15
N GLU A 109 21.90 -1.31 -14.17
CA GLU A 109 23.35 -1.16 -14.23
C GLU A 109 23.96 -2.38 -14.90
N GLY A 1 -19.84 -4.29 18.25
CA GLY A 1 -19.27 -2.92 18.30
C GLY A 1 -20.22 -1.90 17.70
N PRO A 2 -19.81 -1.21 16.63
CA PRO A 2 -20.63 -0.18 16.00
C PRO A 2 -21.55 -0.73 14.92
N LEU A 3 -22.10 -1.92 15.17
CA LEU A 3 -22.96 -2.62 14.20
C LEU A 3 -22.19 -2.84 12.90
N GLY A 4 -20.95 -3.31 13.05
CA GLY A 4 -20.10 -3.52 11.91
C GLY A 4 -18.64 -3.51 12.30
N SER A 5 -17.76 -3.55 11.32
CA SER A 5 -16.33 -3.55 11.58
C SER A 5 -15.85 -2.15 11.96
N VAL A 6 -14.65 -2.09 12.52
CA VAL A 6 -14.04 -0.82 12.87
C VAL A 6 -12.96 -0.45 11.86
N LYS A 7 -12.18 0.59 12.16
CA LYS A 7 -11.07 0.95 11.30
C LYS A 7 -9.95 -0.05 11.48
N PRO A 8 -9.48 -0.66 10.38
CA PRO A 8 -8.48 -1.73 10.43
C PRO A 8 -7.15 -1.24 10.98
N ASP A 9 -6.31 -2.17 11.36
CA ASP A 9 -4.99 -1.85 11.87
C ASP A 9 -4.03 -1.71 10.69
N PRO A 10 -2.96 -0.90 10.84
CA PRO A 10 -1.96 -0.72 9.78
C PRO A 10 -1.57 -2.05 9.16
N PRO A 11 -1.70 -2.17 7.82
CA PRO A 11 -1.41 -3.40 7.10
C PRO A 11 -0.07 -4.02 7.50
N GLU A 12 0.01 -5.33 7.44
CA GLU A 12 1.22 -6.03 7.85
C GLU A 12 1.96 -6.58 6.64
N ASN A 13 3.24 -6.86 6.82
CA ASN A 13 4.08 -7.42 5.77
C ASN A 13 4.09 -6.54 4.53
N VAL A 14 4.03 -5.23 4.74
CA VAL A 14 4.01 -4.27 3.64
C VAL A 14 5.42 -3.98 3.17
N VAL A 15 5.80 -4.56 2.05
CA VAL A 15 7.15 -4.42 1.53
C VAL A 15 7.15 -4.17 0.02
N ALA A 16 7.94 -3.22 -0.41
CA ALA A 16 8.10 -2.94 -1.82
C ALA A 16 9.37 -3.60 -2.33
N ARG A 17 9.23 -4.47 -3.32
CA ARG A 17 10.35 -5.24 -3.82
C ARG A 17 10.66 -4.84 -5.26
N PRO A 18 11.93 -4.51 -5.55
CA PRO A 18 12.32 -4.06 -6.89
C PRO A 18 12.46 -5.21 -7.87
N VAL A 19 12.09 -4.97 -9.12
CA VAL A 19 12.21 -5.98 -10.15
C VAL A 19 13.32 -5.62 -11.15
N PRO A 20 14.46 -6.31 -11.09
CA PRO A 20 15.61 -6.02 -11.96
C PRO A 20 15.31 -6.30 -13.44
N SER A 21 14.17 -6.93 -13.70
CA SER A 21 13.73 -7.16 -15.07
C SER A 21 12.81 -6.04 -15.52
N ASN A 22 12.52 -5.12 -14.62
CA ASN A 22 11.60 -4.03 -14.91
C ASN A 22 12.00 -2.76 -14.15
N PRO A 23 12.78 -1.88 -14.81
CA PRO A 23 13.34 -0.65 -14.23
C PRO A 23 12.44 0.09 -13.24
N ARG A 24 11.26 0.48 -13.67
CA ARG A 24 10.41 1.32 -12.86
C ARG A 24 9.47 0.52 -11.97
N ARG A 25 9.61 -0.80 -11.99
CA ARG A 25 8.65 -1.66 -11.32
C ARG A 25 9.03 -1.97 -9.88
N LEU A 26 8.09 -1.71 -8.99
CA LEU A 26 8.17 -2.13 -7.60
C LEU A 26 7.02 -3.07 -7.29
N GLU A 27 7.35 -4.29 -6.91
CA GLU A 27 6.34 -5.27 -6.55
C GLU A 27 5.93 -5.07 -5.10
N VAL A 28 5.03 -4.11 -4.89
CA VAL A 28 4.58 -3.76 -3.56
C VAL A 28 3.59 -4.81 -3.05
N THR A 29 4.03 -5.63 -2.10
CA THR A 29 3.18 -6.67 -1.57
C THR A 29 2.95 -6.48 -0.08
N TRP A 30 1.76 -6.83 0.39
CA TRP A 30 1.42 -6.68 1.80
C TRP A 30 0.35 -7.69 2.18
N GLN A 31 -0.01 -7.67 3.46
CA GLN A 31 -1.04 -8.52 3.99
C GLN A 31 -1.91 -7.71 4.93
N THR A 32 -2.94 -8.31 5.49
CA THR A 32 -3.79 -7.62 6.45
C THR A 32 -3.12 -7.60 7.82
N PRO A 33 -3.55 -6.70 8.71
CA PRO A 33 -2.99 -6.61 10.06
C PRO A 33 -3.32 -7.85 10.91
N SER A 34 -2.63 -8.00 12.02
CA SER A 34 -2.90 -9.09 12.94
C SER A 34 -4.24 -8.89 13.64
N THR A 35 -4.67 -7.64 13.71
CA THR A 35 -5.95 -7.30 14.31
C THR A 35 -7.11 -7.55 13.34
N TRP A 36 -6.78 -8.07 12.16
CA TRP A 36 -7.79 -8.44 11.18
C TRP A 36 -7.84 -9.95 11.03
N PRO A 37 -8.78 -10.60 11.73
CA PRO A 37 -8.91 -12.06 11.74
C PRO A 37 -9.32 -12.62 10.39
N ASP A 38 -10.55 -12.32 9.98
CA ASP A 38 -11.07 -12.77 8.69
C ASP A 38 -10.80 -11.74 7.61
N PRO A 39 -9.91 -12.06 6.67
CA PRO A 39 -9.53 -11.14 5.60
C PRO A 39 -10.48 -11.17 4.42
N GLU A 40 -11.49 -12.05 4.50
CA GLU A 40 -12.44 -12.20 3.41
C GLU A 40 -13.83 -11.75 3.83
N SER A 41 -14.29 -12.25 4.97
CA SER A 41 -15.60 -11.87 5.48
C SER A 41 -15.60 -10.44 5.99
N PHE A 42 -14.40 -9.89 6.16
CA PHE A 42 -14.25 -8.49 6.51
C PHE A 42 -13.44 -7.78 5.42
N PRO A 43 -14.13 -7.25 4.39
CA PRO A 43 -13.48 -6.62 3.25
C PRO A 43 -12.71 -5.36 3.63
N LEU A 44 -11.40 -5.41 3.44
CA LEU A 44 -10.54 -4.30 3.77
C LEU A 44 -10.23 -3.45 2.53
N LYS A 45 -10.51 -2.17 2.63
CA LYS A 45 -10.19 -1.23 1.56
C LYS A 45 -8.82 -0.61 1.83
N PHE A 46 -7.94 -0.70 0.86
CA PHE A 46 -6.59 -0.19 1.00
C PHE A 46 -6.39 1.07 0.16
N PHE A 47 -5.65 2.02 0.69
CA PHE A 47 -5.38 3.26 -0.02
C PHE A 47 -3.88 3.43 -0.19
N LEU A 48 -3.45 3.56 -1.44
CA LEU A 48 -2.02 3.61 -1.73
C LEU A 48 -1.62 4.97 -2.29
N ARG A 49 -0.48 5.46 -1.83
CA ARG A 49 0.12 6.68 -2.36
C ARG A 49 1.62 6.50 -2.41
N TYR A 50 2.24 6.87 -3.53
CA TYR A 50 3.67 6.67 -3.69
C TYR A 50 4.35 7.95 -4.12
N ARG A 51 4.95 8.64 -3.14
CA ARG A 51 5.62 9.91 -3.38
C ARG A 51 7.11 9.71 -3.62
N PRO A 52 7.66 10.30 -4.70
CA PRO A 52 9.10 10.31 -4.93
C PRO A 52 9.80 11.22 -3.93
N LEU A 53 10.96 10.80 -3.42
CA LEU A 53 11.69 11.57 -2.43
C LEU A 53 12.41 12.76 -3.06
N ILE A 54 11.66 13.52 -3.87
CA ILE A 54 12.19 14.70 -4.55
C ILE A 54 11.10 15.73 -4.74
N LEU A 55 9.85 15.27 -4.78
CA LEU A 55 8.72 16.15 -5.02
C LEU A 55 7.52 15.70 -4.21
N ASP A 56 6.77 16.67 -3.72
CA ASP A 56 5.55 16.39 -2.97
C ASP A 56 4.40 16.09 -3.93
N GLN A 57 4.43 14.90 -4.49
CA GLN A 57 3.43 14.46 -5.43
C GLN A 57 2.76 13.19 -4.93
N TRP A 58 1.74 13.36 -4.12
CA TRP A 58 1.03 12.25 -3.55
C TRP A 58 0.04 11.67 -4.53
N GLN A 59 -0.08 10.37 -4.52
CA GLN A 59 -1.01 9.68 -5.39
C GLN A 59 -2.16 9.11 -4.56
N HIS A 60 -3.16 8.57 -5.24
CA HIS A 60 -4.31 8.03 -4.54
C HIS A 60 -4.89 6.84 -5.30
N VAL A 61 -4.53 5.65 -4.84
CA VAL A 61 -5.04 4.43 -5.43
C VAL A 61 -6.04 3.77 -4.50
N GLU A 62 -7.30 3.75 -4.89
CA GLU A 62 -8.35 3.15 -4.09
C GLU A 62 -8.47 1.67 -4.40
N LEU A 63 -8.05 0.85 -3.46
CA LEU A 63 -8.08 -0.59 -3.64
C LEU A 63 -9.17 -1.21 -2.80
N SER A 64 -10.22 -1.70 -3.46
CA SER A 64 -11.31 -2.36 -2.76
C SER A 64 -10.84 -3.69 -2.19
N ASN A 65 -9.93 -4.33 -2.90
CA ASN A 65 -9.31 -5.56 -2.44
C ASN A 65 -8.05 -5.86 -3.21
N GLY A 66 -6.91 -5.59 -2.59
CA GLY A 66 -5.63 -5.83 -3.24
C GLY A 66 -4.57 -6.16 -2.23
N THR A 67 -3.57 -6.92 -2.66
CA THR A 67 -2.50 -7.36 -1.75
C THR A 67 -1.12 -7.21 -2.42
N ALA A 68 -1.12 -7.17 -3.75
CA ALA A 68 0.12 -7.02 -4.51
C ALA A 68 -0.02 -5.90 -5.52
N HIS A 69 0.36 -4.70 -5.12
CA HIS A 69 0.29 -3.55 -6.01
C HIS A 69 1.60 -3.36 -6.76
N THR A 70 1.67 -3.91 -7.94
CA THR A 70 2.81 -3.72 -8.81
C THR A 70 2.78 -2.35 -9.46
N ILE A 71 3.73 -1.50 -9.11
CA ILE A 71 3.78 -0.15 -9.68
C ILE A 71 5.03 0.03 -10.51
N THR A 72 4.83 0.45 -11.76
CA THR A 72 5.93 0.73 -12.66
C THR A 72 6.10 2.24 -12.80
N ASP A 73 5.60 2.95 -11.80
CA ASP A 73 5.60 4.40 -11.79
C ASP A 73 6.79 4.94 -11.02
N ALA A 74 7.52 4.04 -10.40
CA ALA A 74 8.56 4.42 -9.48
C ALA A 74 9.90 4.59 -10.17
N TYR A 75 10.49 5.76 -10.03
CA TYR A 75 11.79 6.02 -10.62
C TYR A 75 12.85 5.14 -9.96
N ALA A 76 13.47 4.28 -10.76
CA ALA A 76 14.44 3.29 -10.30
C ALA A 76 15.42 3.88 -9.28
N GLY A 77 16.05 4.98 -9.64
CA GLY A 77 17.05 5.57 -8.80
C GLY A 77 16.50 6.61 -7.83
N LYS A 78 15.20 6.59 -7.61
CA LYS A 78 14.56 7.53 -6.68
C LYS A 78 13.69 6.78 -5.69
N GLU A 79 13.93 7.01 -4.42
CA GLU A 79 13.15 6.36 -3.37
C GLU A 79 11.71 6.86 -3.38
N TYR A 80 10.78 5.92 -3.33
CA TYR A 80 9.37 6.25 -3.33
C TYR A 80 8.74 5.82 -2.02
N ILE A 81 8.12 6.75 -1.32
CA ILE A 81 7.44 6.44 -0.07
C ILE A 81 6.01 6.01 -0.37
N ILE A 82 5.78 4.70 -0.30
CA ILE A 82 4.49 4.13 -0.63
C ILE A 82 3.67 3.91 0.64
N GLN A 83 2.87 4.91 0.98
CA GLN A 83 2.06 4.86 2.18
C GLN A 83 0.75 4.14 1.92
N VAL A 84 0.47 3.15 2.74
CA VAL A 84 -0.75 2.37 2.62
C VAL A 84 -1.65 2.59 3.84
N ALA A 85 -2.90 2.97 3.58
CA ALA A 85 -3.86 3.20 4.65
C ALA A 85 -4.90 2.09 4.67
N ALA A 86 -5.83 2.16 5.62
CA ALA A 86 -6.85 1.13 5.76
C ALA A 86 -8.22 1.74 6.02
N LYS A 87 -9.25 0.96 5.71
CA LYS A 87 -10.63 1.33 5.94
C LYS A 87 -11.52 0.14 5.60
N ASP A 88 -12.63 -0.01 6.29
CA ASP A 88 -13.54 -1.13 6.01
C ASP A 88 -14.37 -0.83 4.77
N ASN A 89 -14.60 -1.84 3.96
CA ASN A 89 -15.29 -1.66 2.67
C ASN A 89 -16.78 -1.45 2.86
N GLU A 90 -17.29 -1.77 4.04
CA GLU A 90 -18.69 -1.60 4.35
C GLU A 90 -18.89 -0.39 5.26
N ILE A 91 -18.19 -0.40 6.39
CA ILE A 91 -18.26 0.69 7.35
C ILE A 91 -17.19 1.72 7.05
N GLY A 92 -17.59 2.99 7.00
CA GLY A 92 -16.67 4.04 6.65
C GLY A 92 -15.76 4.46 7.79
N THR A 93 -15.12 3.51 8.42
CA THR A 93 -14.17 3.78 9.48
C THR A 93 -12.77 3.95 8.89
N TRP A 94 -12.37 5.20 8.70
CA TRP A 94 -11.10 5.51 8.07
C TRP A 94 -9.94 5.42 9.06
N SER A 95 -8.92 4.66 8.70
CA SER A 95 -7.70 4.61 9.48
C SER A 95 -6.74 5.68 8.99
N ASP A 96 -5.68 5.92 9.75
CA ASP A 96 -4.68 6.90 9.36
C ASP A 96 -3.78 6.33 8.27
N TRP A 97 -3.03 7.21 7.61
CA TRP A 97 -2.03 6.79 6.65
C TRP A 97 -0.92 6.06 7.37
N SER A 98 -0.98 4.74 7.32
CA SER A 98 -0.19 3.92 8.22
C SER A 98 1.18 3.57 7.67
N VAL A 99 1.28 2.48 6.92
CA VAL A 99 2.58 1.97 6.49
C VAL A 99 3.11 2.70 5.28
N ALA A 100 4.06 3.58 5.52
CA ALA A 100 4.73 4.30 4.45
C ALA A 100 5.96 3.55 4.01
N ALA A 101 5.77 2.50 3.24
CA ALA A 101 6.86 1.66 2.76
C ALA A 101 7.64 2.36 1.66
N HIS A 102 8.78 2.92 2.01
CA HIS A 102 9.63 3.60 1.04
C HIS A 102 10.70 2.66 0.51
N ALA A 103 10.80 2.57 -0.81
CA ALA A 103 11.77 1.67 -1.44
C ALA A 103 12.18 2.19 -2.81
N THR A 104 12.96 1.40 -3.52
CA THR A 104 13.45 1.76 -4.84
C THR A 104 13.33 0.59 -5.80
N PRO A 105 12.91 0.82 -7.05
CA PRO A 105 12.79 -0.25 -8.05
C PRO A 105 14.16 -0.80 -8.47
N TRP A 106 14.30 -1.20 -9.73
CA TRP A 106 15.55 -1.81 -10.20
C TRP A 106 16.74 -0.86 -9.99
N THR A 107 17.94 -1.41 -10.00
CA THR A 107 19.12 -0.60 -9.88
C THR A 107 20.05 -0.79 -11.07
N GLU A 108 20.00 0.14 -12.01
CA GLU A 108 20.83 0.10 -13.20
C GLU A 108 22.30 0.15 -12.80
N GLU A 109 22.62 1.17 -12.02
CA GLU A 109 23.95 1.31 -11.45
C GLU A 109 23.84 1.70 -9.99
N GLY A 1 -23.54 -1.42 12.51
CA GLY A 1 -23.93 -0.28 11.65
C GLY A 1 -22.83 0.75 11.54
N PRO A 2 -23.03 1.79 10.73
CA PRO A 2 -22.04 2.85 10.52
C PRO A 2 -22.10 3.93 11.59
N LEU A 3 -22.11 3.51 12.85
CA LEU A 3 -22.14 4.45 13.96
C LEU A 3 -20.89 4.24 14.82
N GLY A 4 -20.78 3.05 15.39
CA GLY A 4 -19.59 2.69 16.13
C GLY A 4 -18.76 1.69 15.34
N SER A 5 -18.67 1.93 14.04
CA SER A 5 -18.00 1.02 13.12
C SER A 5 -16.54 0.83 13.51
N VAL A 6 -16.03 -0.37 13.25
CA VAL A 6 -14.62 -0.66 13.49
C VAL A 6 -13.84 -0.47 12.21
N LYS A 7 -12.55 -0.22 12.33
CA LYS A 7 -11.69 -0.01 11.18
C LYS A 7 -10.51 -0.95 11.23
N PRO A 8 -9.90 -1.24 10.07
CA PRO A 8 -8.74 -2.12 9.99
C PRO A 8 -7.53 -1.50 10.67
N ASP A 9 -6.67 -2.34 11.22
CA ASP A 9 -5.46 -1.87 11.87
C ASP A 9 -4.40 -1.60 10.82
N PRO A 10 -3.32 -0.87 11.17
CA PRO A 10 -2.21 -0.62 10.25
C PRO A 10 -1.73 -1.90 9.58
N PRO A 11 -1.81 -1.96 8.24
CA PRO A 11 -1.48 -3.14 7.45
C PRO A 11 -0.17 -3.80 7.87
N GLU A 12 -0.11 -5.11 7.71
CA GLU A 12 1.08 -5.87 8.08
C GLU A 12 1.71 -6.51 6.86
N ASN A 13 2.95 -6.96 7.00
CA ASN A 13 3.69 -7.63 5.93
C ASN A 13 3.84 -6.72 4.71
N VAL A 14 3.86 -5.41 4.94
CA VAL A 14 3.96 -4.43 3.87
C VAL A 14 5.40 -4.21 3.45
N VAL A 15 5.79 -4.86 2.37
CA VAL A 15 7.14 -4.74 1.85
C VAL A 15 7.12 -4.43 0.36
N ALA A 16 7.78 -3.35 -0.02
CA ALA A 16 7.88 -2.99 -1.42
C ALA A 16 9.21 -3.49 -1.98
N ARG A 17 9.13 -4.39 -2.95
CA ARG A 17 10.32 -5.00 -3.50
C ARG A 17 10.41 -4.75 -5.01
N PRO A 18 11.55 -4.23 -5.47
CA PRO A 18 11.74 -3.88 -6.88
C PRO A 18 11.80 -5.12 -7.78
N VAL A 19 11.23 -4.98 -8.97
CA VAL A 19 11.29 -6.03 -9.97
C VAL A 19 12.58 -5.86 -10.78
N PRO A 20 13.53 -6.78 -10.63
CA PRO A 20 14.86 -6.66 -11.25
C PRO A 20 14.82 -6.71 -12.77
N SER A 21 13.66 -7.07 -13.31
CA SER A 21 13.50 -7.19 -14.75
C SER A 21 12.93 -5.91 -15.35
N ASN A 22 12.70 -4.90 -14.51
CA ASN A 22 12.12 -3.65 -14.97
C ASN A 22 12.67 -2.47 -14.17
N PRO A 23 13.23 -1.46 -14.88
CA PRO A 23 13.86 -0.29 -14.25
C PRO A 23 12.86 0.71 -13.67
N ARG A 24 11.62 0.29 -13.50
CA ARG A 24 10.59 1.18 -13.00
C ARG A 24 9.52 0.41 -12.24
N ARG A 25 9.68 -0.91 -12.14
CA ARG A 25 8.66 -1.74 -11.53
C ARG A 25 8.93 -1.96 -10.05
N LEU A 26 8.04 -1.45 -9.24
CA LEU A 26 8.11 -1.59 -7.81
C LEU A 26 6.92 -2.39 -7.32
N GLU A 27 7.19 -3.55 -6.73
CA GLU A 27 6.13 -4.43 -6.28
C GLU A 27 5.87 -4.25 -4.79
N VAL A 28 4.80 -3.54 -4.47
CA VAL A 28 4.40 -3.34 -3.09
C VAL A 28 3.52 -4.51 -2.66
N THR A 29 4.06 -5.36 -1.83
CA THR A 29 3.34 -6.54 -1.37
C THR A 29 3.03 -6.42 0.12
N TRP A 30 1.76 -6.61 0.48
CA TRP A 30 1.35 -6.48 1.87
C TRP A 30 0.32 -7.53 2.22
N GLN A 31 -0.16 -7.47 3.45
CA GLN A 31 -1.22 -8.35 3.91
C GLN A 31 -2.09 -7.59 4.91
N THR A 32 -3.14 -8.22 5.40
CA THR A 32 -4.01 -7.58 6.36
C THR A 32 -3.34 -7.53 7.74
N PRO A 33 -3.75 -6.58 8.58
CA PRO A 33 -3.23 -6.47 9.94
C PRO A 33 -3.59 -7.70 10.78
N SER A 34 -2.75 -8.03 11.74
CA SER A 34 -2.97 -9.19 12.58
C SER A 34 -4.26 -9.06 13.39
N THR A 35 -4.68 -7.81 13.62
CA THR A 35 -5.90 -7.54 14.38
C THR A 35 -7.14 -7.65 13.50
N TRP A 36 -6.95 -7.91 12.21
CA TRP A 36 -8.08 -8.05 11.31
C TRP A 36 -8.46 -9.52 11.15
N PRO A 37 -9.76 -9.84 11.29
CA PRO A 37 -10.27 -11.22 11.28
C PRO A 37 -9.86 -12.03 10.04
N ASP A 38 -10.63 -11.92 8.96
CA ASP A 38 -10.41 -12.76 7.79
C ASP A 38 -9.49 -12.09 6.78
N PRO A 39 -8.34 -12.71 6.50
CA PRO A 39 -7.35 -12.20 5.56
C PRO A 39 -7.62 -12.64 4.12
N GLU A 40 -8.80 -13.19 3.87
CA GLU A 40 -9.16 -13.65 2.54
C GLU A 40 -10.46 -12.99 2.07
N SER A 41 -11.48 -13.04 2.91
CA SER A 41 -12.77 -12.46 2.60
C SER A 41 -12.90 -11.06 3.18
N PHE A 42 -11.79 -10.35 3.26
CA PHE A 42 -11.76 -9.01 3.82
C PHE A 42 -12.32 -7.99 2.84
N PRO A 43 -13.33 -7.23 3.26
CA PRO A 43 -13.89 -6.15 2.46
C PRO A 43 -13.11 -4.85 2.70
N LEU A 44 -11.84 -4.88 2.35
CA LEU A 44 -10.94 -3.79 2.69
C LEU A 44 -10.53 -2.99 1.46
N LYS A 45 -10.66 -1.68 1.56
CA LYS A 45 -10.19 -0.78 0.53
C LYS A 45 -8.81 -0.24 0.93
N PHE A 46 -7.79 -0.71 0.23
CA PHE A 46 -6.42 -0.31 0.55
C PHE A 46 -6.06 0.97 -0.21
N PHE A 47 -5.73 2.01 0.53
CA PHE A 47 -5.39 3.28 -0.07
C PHE A 47 -3.88 3.46 -0.09
N LEU A 48 -3.34 3.58 -1.29
CA LEU A 48 -1.91 3.61 -1.48
C LEU A 48 -1.47 4.91 -2.12
N ARG A 49 -0.48 5.55 -1.51
CA ARG A 49 0.12 6.75 -2.08
C ARG A 49 1.63 6.58 -2.07
N TYR A 50 2.27 6.85 -3.19
CA TYR A 50 3.72 6.68 -3.30
C TYR A 50 4.38 7.95 -3.81
N ARG A 51 5.04 8.66 -2.89
CA ARG A 51 5.67 9.93 -3.20
C ARG A 51 7.11 9.75 -3.64
N PRO A 52 7.42 10.05 -4.92
CA PRO A 52 8.78 9.99 -5.44
C PRO A 52 9.64 11.11 -4.87
N LEU A 53 10.86 10.79 -4.48
CA LEU A 53 11.76 11.76 -3.87
C LEU A 53 12.11 12.90 -4.84
N ILE A 54 11.96 12.64 -6.13
CA ILE A 54 12.27 13.64 -7.14
C ILE A 54 11.00 14.25 -7.73
N LEU A 55 9.87 14.03 -7.08
CA LEU A 55 8.59 14.54 -7.57
C LEU A 55 7.80 15.21 -6.45
N ASP A 56 7.65 14.47 -5.35
CA ASP A 56 6.80 14.89 -4.23
C ASP A 56 5.35 14.96 -4.69
N GLN A 57 4.88 13.84 -5.22
CA GLN A 57 3.54 13.73 -5.75
C GLN A 57 2.78 12.64 -5.01
N TRP A 58 1.78 13.04 -4.25
CA TRP A 58 0.99 12.08 -3.49
C TRP A 58 -0.05 11.44 -4.39
N GLN A 59 -0.10 10.13 -4.35
CA GLN A 59 -1.00 9.37 -5.21
C GLN A 59 -2.21 8.89 -4.43
N HIS A 60 -3.14 8.23 -5.11
CA HIS A 60 -4.34 7.74 -4.46
C HIS A 60 -4.85 6.48 -5.16
N VAL A 61 -4.12 5.39 -4.97
CA VAL A 61 -4.53 4.10 -5.52
C VAL A 61 -5.50 3.43 -4.55
N GLU A 62 -6.72 3.18 -5.01
CA GLU A 62 -7.72 2.53 -4.19
C GLU A 62 -7.78 1.05 -4.52
N LEU A 63 -6.94 0.28 -3.86
CA LEU A 63 -6.84 -1.14 -4.10
C LEU A 63 -7.98 -1.88 -3.41
N SER A 64 -9.01 -2.18 -4.18
CA SER A 64 -10.14 -2.94 -3.68
C SER A 64 -9.72 -4.39 -3.45
N ASN A 65 -9.51 -4.72 -2.17
CA ASN A 65 -9.02 -6.05 -1.76
C ASN A 65 -7.67 -6.34 -2.41
N GLY A 66 -6.85 -5.31 -2.58
CA GLY A 66 -5.54 -5.49 -3.17
C GLY A 66 -4.53 -5.96 -2.16
N THR A 67 -3.57 -6.75 -2.61
CA THR A 67 -2.57 -7.33 -1.72
C THR A 67 -1.17 -7.21 -2.31
N ALA A 68 -1.10 -7.06 -3.63
CA ALA A 68 0.19 -6.97 -4.31
C ALA A 68 0.13 -5.96 -5.45
N HIS A 69 0.57 -4.75 -5.18
CA HIS A 69 0.58 -3.70 -6.20
C HIS A 69 1.92 -3.66 -6.93
N THR A 70 1.93 -4.17 -8.14
CA THR A 70 3.11 -4.10 -8.99
C THR A 70 3.06 -2.84 -9.85
N ILE A 71 3.78 -1.81 -9.43
CA ILE A 71 3.75 -0.54 -10.12
C ILE A 71 5.02 -0.28 -10.90
N THR A 72 4.87 -0.13 -12.21
CA THR A 72 5.98 0.33 -13.04
C THR A 72 5.94 1.86 -13.11
N ASP A 73 5.38 2.45 -12.07
CA ASP A 73 5.22 3.89 -11.98
C ASP A 73 6.38 4.51 -11.20
N ALA A 74 7.18 3.66 -10.59
CA ALA A 74 8.20 4.12 -9.68
C ALA A 74 9.53 4.40 -10.37
N TYR A 75 10.02 5.61 -10.23
CA TYR A 75 11.30 5.99 -10.77
C TYR A 75 12.43 5.37 -9.94
N ALA A 76 13.11 4.40 -10.53
CA ALA A 76 14.23 3.71 -9.86
C ALA A 76 15.39 4.65 -9.58
N GLY A 77 15.30 5.87 -10.11
CA GLY A 77 16.34 6.85 -9.91
C GLY A 77 16.30 7.48 -8.53
N LYS A 78 15.23 7.25 -7.79
CA LYS A 78 15.11 7.80 -6.44
C LYS A 78 14.24 6.92 -5.55
N GLU A 79 14.34 7.15 -4.26
CA GLU A 79 13.55 6.41 -3.27
C GLU A 79 12.09 6.81 -3.32
N TYR A 80 11.23 5.88 -2.95
CA TYR A 80 9.81 6.13 -2.90
C TYR A 80 9.27 5.88 -1.50
N ILE A 81 8.35 6.73 -1.07
CA ILE A 81 7.68 6.52 0.20
C ILE A 81 6.22 6.14 -0.06
N ILE A 82 5.92 4.87 0.09
CA ILE A 82 4.62 4.33 -0.25
C ILE A 82 3.77 4.14 1.00
N GLN A 83 2.97 5.14 1.32
CA GLN A 83 2.13 5.08 2.49
C GLN A 83 0.85 4.31 2.21
N VAL A 84 0.73 3.17 2.87
CA VAL A 84 -0.42 2.29 2.71
C VAL A 84 -1.37 2.41 3.90
N ALA A 85 -2.66 2.51 3.60
CA ALA A 85 -3.70 2.55 4.63
C ALA A 85 -4.88 1.69 4.18
N ALA A 86 -5.90 1.58 5.01
CA ALA A 86 -7.07 0.77 4.68
C ALA A 86 -8.35 1.36 5.27
N LYS A 87 -9.48 0.79 4.83
CA LYS A 87 -10.80 1.20 5.30
C LYS A 87 -11.81 0.15 4.84
N ASP A 88 -12.90 -0.03 5.58
CA ASP A 88 -13.88 -1.07 5.24
C ASP A 88 -14.70 -0.68 4.02
N ASN A 89 -15.17 -1.69 3.30
CA ASN A 89 -15.90 -1.49 2.05
C ASN A 89 -17.38 -1.22 2.29
N GLU A 90 -17.85 -1.54 3.49
CA GLU A 90 -19.25 -1.32 3.83
C GLU A 90 -19.38 -0.12 4.75
N ILE A 91 -18.50 -0.04 5.73
CA ILE A 91 -18.48 1.08 6.65
C ILE A 91 -17.30 2.00 6.34
N GLY A 92 -17.56 3.30 6.34
CA GLY A 92 -16.53 4.25 5.97
C GLY A 92 -15.59 4.57 7.12
N THR A 93 -15.16 3.55 7.83
CA THR A 93 -14.22 3.73 8.92
C THR A 93 -12.80 3.82 8.39
N TRP A 94 -12.30 5.04 8.29
CA TRP A 94 -10.98 5.29 7.72
C TRP A 94 -9.89 5.11 8.76
N SER A 95 -8.85 4.35 8.40
CA SER A 95 -7.68 4.22 9.25
C SER A 95 -6.67 5.32 8.91
N ASP A 96 -5.65 5.46 9.73
CA ASP A 96 -4.65 6.52 9.53
C ASP A 96 -3.63 6.10 8.49
N TRP A 97 -2.83 7.06 8.04
CA TRP A 97 -1.73 6.79 7.12
C TRP A 97 -0.64 6.02 7.86
N SER A 98 -0.68 4.71 7.73
CA SER A 98 0.07 3.84 8.61
C SER A 98 1.47 3.53 8.06
N VAL A 99 1.55 2.57 7.16
CA VAL A 99 2.83 2.04 6.73
C VAL A 99 3.39 2.77 5.53
N ALA A 100 4.50 3.45 5.74
CA ALA A 100 5.24 4.08 4.67
C ALA A 100 6.31 3.12 4.13
N ALA A 101 5.99 2.43 3.06
CA ALA A 101 6.90 1.46 2.47
C ALA A 101 7.97 2.17 1.66
N HIS A 102 9.21 2.06 2.11
CA HIS A 102 10.33 2.72 1.44
C HIS A 102 11.03 1.74 0.51
N ALA A 103 11.11 2.09 -0.77
CA ALA A 103 11.71 1.20 -1.74
C ALA A 103 12.17 1.95 -2.99
N THR A 104 12.81 1.21 -3.88
CA THR A 104 13.35 1.74 -5.13
C THR A 104 13.42 0.63 -6.16
N PRO A 105 12.83 0.80 -7.35
CA PRO A 105 12.87 -0.22 -8.40
C PRO A 105 14.28 -0.53 -8.87
N TRP A 106 14.42 -1.47 -9.80
CA TRP A 106 15.73 -1.82 -10.32
C TRP A 106 16.36 -0.62 -11.02
N THR A 107 17.48 -0.16 -10.48
CA THR A 107 18.19 0.94 -11.07
C THR A 107 19.08 0.44 -12.18
N GLU A 108 18.51 0.40 -13.39
CA GLU A 108 19.17 -0.17 -14.56
C GLU A 108 20.56 0.44 -14.75
N GLU A 109 20.60 1.75 -14.97
CA GLU A 109 21.85 2.48 -15.11
C GLU A 109 21.55 3.95 -15.30
N GLY A 1 -22.82 -10.94 15.87
CA GLY A 1 -21.70 -10.70 14.93
C GLY A 1 -20.62 -9.86 15.54
N PRO A 2 -19.87 -9.09 14.72
CA PRO A 2 -18.81 -8.21 15.21
C PRO A 2 -19.36 -7.01 15.96
N LEU A 3 -18.51 -6.33 16.71
CA LEU A 3 -18.90 -5.15 17.44
C LEU A 3 -18.73 -3.92 16.56
N GLY A 4 -17.60 -3.86 15.86
CA GLY A 4 -17.33 -2.76 14.98
C GLY A 4 -15.88 -2.71 14.57
N SER A 5 -15.61 -2.37 13.32
CA SER A 5 -14.26 -2.31 12.79
C SER A 5 -13.57 -1.02 13.20
N VAL A 6 -13.39 -0.85 14.51
CA VAL A 6 -12.78 0.36 15.05
C VAL A 6 -11.27 0.33 14.88
N LYS A 7 -10.80 1.13 13.92
CA LYS A 7 -9.37 1.30 13.65
C LYS A 7 -8.63 -0.03 13.53
N PRO A 8 -8.66 -0.63 12.33
CA PRO A 8 -7.86 -1.82 12.03
C PRO A 8 -6.39 -1.45 11.90
N ASP A 9 -5.53 -2.43 11.75
CA ASP A 9 -4.13 -2.15 11.43
C ASP A 9 -3.98 -2.20 9.93
N PRO A 10 -3.96 -1.05 9.25
CA PRO A 10 -4.12 -1.01 7.80
C PRO A 10 -3.22 -2.01 7.05
N PRO A 11 -1.90 -1.79 6.91
CA PRO A 11 -1.05 -2.71 6.18
C PRO A 11 -0.13 -3.53 7.10
N GLU A 12 -0.28 -4.85 7.04
CA GLU A 12 0.64 -5.74 7.74
C GLU A 12 1.48 -6.50 6.72
N ASN A 13 2.75 -6.73 7.05
CA ASN A 13 3.69 -7.41 6.14
C ASN A 13 3.86 -6.61 4.85
N VAL A 14 4.02 -5.30 4.99
CA VAL A 14 4.15 -4.42 3.83
C VAL A 14 5.58 -4.40 3.32
N VAL A 15 5.78 -4.90 2.11
CA VAL A 15 7.08 -4.90 1.49
C VAL A 15 7.00 -4.56 0.00
N ALA A 16 7.68 -3.49 -0.37
CA ALA A 16 7.78 -3.10 -1.76
C ALA A 16 9.18 -3.39 -2.28
N ARG A 17 9.27 -4.22 -3.30
CA ARG A 17 10.56 -4.72 -3.75
C ARG A 17 10.82 -4.33 -5.22
N PRO A 18 12.10 -4.19 -5.60
CA PRO A 18 12.48 -3.85 -6.97
C PRO A 18 12.29 -5.02 -7.92
N VAL A 19 11.59 -4.78 -9.01
CA VAL A 19 11.34 -5.82 -10.01
C VAL A 19 12.49 -5.84 -11.02
N PRO A 20 13.23 -6.96 -11.09
CA PRO A 20 14.41 -7.09 -11.95
C PRO A 20 14.05 -7.16 -13.43
N SER A 21 12.78 -7.42 -13.73
CA SER A 21 12.31 -7.55 -15.10
C SER A 21 12.01 -6.17 -15.70
N ASN A 22 11.83 -5.18 -14.84
CA ASN A 22 11.57 -3.82 -15.30
C ASN A 22 12.07 -2.82 -14.26
N PRO A 23 13.08 -2.02 -14.62
CA PRO A 23 13.75 -1.07 -13.72
C PRO A 23 12.81 -0.07 -13.06
N ARG A 24 11.68 0.20 -13.71
CA ARG A 24 10.75 1.20 -13.21
C ARG A 24 9.70 0.57 -12.30
N ARG A 25 9.76 -0.75 -12.16
CA ARG A 25 8.69 -1.48 -11.49
C ARG A 25 9.03 -1.85 -10.05
N LEU A 26 8.06 -1.63 -9.17
CA LEU A 26 8.12 -2.07 -7.79
C LEU A 26 7.03 -3.11 -7.53
N GLU A 27 7.35 -4.12 -6.75
CA GLU A 27 6.37 -5.12 -6.34
C GLU A 27 5.90 -4.79 -4.93
N VAL A 28 4.66 -4.34 -4.83
CA VAL A 28 4.11 -3.89 -3.56
C VAL A 28 3.21 -4.95 -2.95
N THR A 29 3.79 -5.84 -2.15
CA THR A 29 3.04 -6.91 -1.54
C THR A 29 2.79 -6.62 -0.06
N TRP A 30 1.61 -7.02 0.42
CA TRP A 30 1.26 -6.82 1.83
C TRP A 30 0.20 -7.84 2.26
N GLN A 31 -0.37 -7.61 3.42
CA GLN A 31 -1.43 -8.43 3.96
C GLN A 31 -2.31 -7.57 4.86
N THR A 32 -3.42 -8.13 5.30
CA THR A 32 -4.25 -7.46 6.29
C THR A 32 -3.59 -7.54 7.65
N PRO A 33 -4.08 -6.77 8.63
CA PRO A 33 -3.55 -6.79 9.99
C PRO A 33 -3.51 -8.19 10.59
N SER A 34 -2.69 -8.36 11.61
CA SER A 34 -2.64 -9.60 12.35
C SER A 34 -3.96 -9.80 13.11
N THR A 35 -4.66 -8.69 13.32
CA THR A 35 -5.94 -8.70 14.00
C THR A 35 -7.09 -9.01 13.04
N TRP A 36 -6.77 -9.15 11.76
CA TRP A 36 -7.78 -9.42 10.74
C TRP A 36 -7.63 -10.83 10.19
N PRO A 37 -8.50 -11.76 10.62
CA PRO A 37 -8.48 -13.14 10.16
C PRO A 37 -9.07 -13.28 8.76
N ASP A 38 -10.39 -13.34 8.69
CA ASP A 38 -11.09 -13.40 7.41
C ASP A 38 -11.44 -12.00 6.92
N PRO A 39 -10.84 -11.54 5.81
CA PRO A 39 -11.07 -10.20 5.27
C PRO A 39 -12.31 -10.13 4.39
N GLU A 40 -13.07 -11.21 4.36
CA GLU A 40 -14.30 -11.26 3.59
C GLU A 40 -15.46 -10.71 4.41
N SER A 41 -15.45 -11.03 5.69
CA SER A 41 -16.47 -10.53 6.62
C SER A 41 -16.24 -9.05 6.89
N PHE A 42 -14.98 -8.69 7.07
CA PHE A 42 -14.61 -7.30 7.28
C PHE A 42 -13.72 -6.82 6.13
N PRO A 43 -14.33 -6.33 5.04
CA PRO A 43 -13.60 -5.91 3.84
C PRO A 43 -12.70 -4.71 4.08
N LEU A 44 -11.41 -4.99 4.26
CA LEU A 44 -10.42 -3.94 4.48
C LEU A 44 -10.06 -3.29 3.15
N LYS A 45 -10.58 -2.09 2.93
CA LYS A 45 -10.26 -1.32 1.74
C LYS A 45 -8.88 -0.70 1.89
N PHE A 46 -7.95 -1.09 1.02
CA PHE A 46 -6.60 -0.59 1.11
C PHE A 46 -6.44 0.69 0.31
N PHE A 47 -5.69 1.63 0.86
CA PHE A 47 -5.46 2.91 0.22
C PHE A 47 -3.96 3.15 0.07
N LEU A 48 -3.53 3.47 -1.14
CA LEU A 48 -2.13 3.57 -1.46
C LEU A 48 -1.75 4.93 -2.03
N ARG A 49 -0.56 5.39 -1.68
CA ARG A 49 0.00 6.62 -2.22
C ARG A 49 1.51 6.48 -2.31
N TYR A 50 2.07 6.76 -3.48
CA TYR A 50 3.49 6.59 -3.70
C TYR A 50 4.15 7.89 -4.19
N ARG A 51 4.75 8.61 -3.26
CA ARG A 51 5.39 9.89 -3.58
C ARG A 51 6.88 9.71 -3.87
N PRO A 52 7.36 10.23 -5.01
CA PRO A 52 8.80 10.28 -5.29
C PRO A 52 9.49 11.24 -4.32
N LEU A 53 10.64 10.83 -3.79
CA LEU A 53 11.35 11.65 -2.81
C LEU A 53 11.85 12.96 -3.43
N ILE A 54 11.74 13.08 -4.74
CA ILE A 54 12.18 14.27 -5.45
C ILE A 54 11.00 15.07 -6.00
N LEU A 55 9.79 14.55 -5.81
CA LEU A 55 8.61 15.19 -6.34
C LEU A 55 7.44 15.10 -5.36
N ASP A 56 7.02 16.24 -4.86
CA ASP A 56 5.94 16.30 -3.88
C ASP A 56 4.59 16.07 -4.55
N GLN A 57 4.35 14.85 -4.99
CA GLN A 57 3.10 14.48 -5.61
C GLN A 57 2.57 13.17 -5.04
N TRP A 58 1.48 13.27 -4.29
CA TRP A 58 0.87 12.11 -3.69
C TRP A 58 -0.04 11.41 -4.68
N GLN A 59 0.14 10.12 -4.81
CA GLN A 59 -0.62 9.34 -5.77
C GLN A 59 -1.81 8.68 -5.09
N HIS A 60 -2.89 8.50 -5.83
CA HIS A 60 -4.13 7.99 -5.24
C HIS A 60 -4.53 6.66 -5.85
N VAL A 61 -4.32 5.59 -5.11
CA VAL A 61 -4.71 4.26 -5.55
C VAL A 61 -5.57 3.58 -4.48
N GLU A 62 -6.73 3.10 -4.87
CA GLU A 62 -7.61 2.38 -3.95
C GLU A 62 -7.64 0.90 -4.30
N LEU A 63 -7.47 0.07 -3.29
CA LEU A 63 -7.43 -1.37 -3.48
C LEU A 63 -8.47 -2.03 -2.59
N SER A 64 -9.67 -2.17 -3.11
CA SER A 64 -10.78 -2.73 -2.36
C SER A 64 -10.51 -4.17 -1.94
N ASN A 65 -9.75 -4.89 -2.76
CA ASN A 65 -9.40 -6.26 -2.47
C ASN A 65 -8.03 -6.59 -3.04
N GLY A 66 -7.05 -5.75 -2.72
CA GLY A 66 -5.72 -5.94 -3.24
C GLY A 66 -4.71 -6.27 -2.16
N THR A 67 -3.82 -7.19 -2.45
CA THR A 67 -2.79 -7.60 -1.51
C THR A 67 -1.42 -7.69 -2.18
N ALA A 68 -1.43 -7.65 -3.51
CA ALA A 68 -0.19 -7.71 -4.28
C ALA A 68 -0.24 -6.72 -5.44
N HIS A 69 0.13 -5.48 -5.16
CA HIS A 69 0.12 -4.44 -6.18
C HIS A 69 1.46 -4.36 -6.90
N THR A 70 1.46 -3.73 -8.06
CA THR A 70 2.67 -3.54 -8.83
C THR A 70 2.63 -2.17 -9.50
N ILE A 71 3.76 -1.49 -9.52
CA ILE A 71 3.83 -0.17 -10.11
C ILE A 71 5.12 0.02 -10.92
N THR A 72 4.97 0.44 -12.15
CA THR A 72 6.12 0.78 -12.98
C THR A 72 6.22 2.30 -13.11
N ASP A 73 5.58 2.97 -12.17
CA ASP A 73 5.61 4.43 -12.11
C ASP A 73 6.69 4.90 -11.15
N ALA A 74 7.45 3.95 -10.63
CA ALA A 74 8.37 4.24 -9.55
C ALA A 74 9.72 4.69 -10.07
N TYR A 75 10.37 5.56 -9.31
CA TYR A 75 11.66 6.10 -9.68
C TYR A 75 12.79 5.25 -9.10
N ALA A 76 13.41 4.43 -9.94
CA ALA A 76 14.50 3.57 -9.53
C ALA A 76 15.74 4.37 -9.15
N GLY A 77 15.82 5.59 -9.65
CA GLY A 77 16.98 6.42 -9.40
C GLY A 77 16.87 7.21 -8.11
N LYS A 78 15.75 7.04 -7.42
CA LYS A 78 15.51 7.74 -6.15
C LYS A 78 14.63 6.88 -5.23
N GLU A 79 14.26 7.45 -4.10
CA GLU A 79 13.41 6.76 -3.16
C GLU A 79 11.94 7.05 -3.45
N TYR A 80 11.09 6.08 -3.14
CA TYR A 80 9.67 6.22 -3.30
C TYR A 80 8.98 5.90 -1.99
N ILE A 81 8.26 6.86 -1.42
CA ILE A 81 7.55 6.64 -0.19
C ILE A 81 6.13 6.18 -0.47
N ILE A 82 5.90 4.90 -0.31
CA ILE A 82 4.61 4.30 -0.58
C ILE A 82 3.86 4.12 0.74
N GLN A 83 3.11 5.13 1.13
CA GLN A 83 2.36 5.08 2.37
C GLN A 83 1.05 4.33 2.16
N VAL A 84 0.85 3.31 2.97
CA VAL A 84 -0.30 2.44 2.84
C VAL A 84 -1.26 2.62 4.01
N ALA A 85 -2.54 2.74 3.70
CA ALA A 85 -3.58 2.86 4.71
C ALA A 85 -4.71 1.90 4.39
N ALA A 86 -5.72 1.82 5.25
CA ALA A 86 -6.82 0.90 5.07
C ALA A 86 -8.03 1.29 5.90
N LYS A 87 -9.19 0.78 5.52
CA LYS A 87 -10.44 1.04 6.23
C LYS A 87 -11.49 0.01 5.86
N ASP A 88 -12.10 -0.61 6.86
CA ASP A 88 -13.12 -1.62 6.63
C ASP A 88 -14.36 -0.98 6.01
N ASN A 89 -14.86 -1.55 4.93
CA ASN A 89 -15.92 -0.93 4.16
C ASN A 89 -17.30 -1.36 4.63
N GLU A 90 -17.41 -1.82 5.87
CA GLU A 90 -18.70 -2.19 6.43
C GLU A 90 -19.05 -1.25 7.57
N ILE A 91 -18.17 -1.19 8.54
CA ILE A 91 -18.29 -0.26 9.67
C ILE A 91 -16.90 0.19 10.08
N GLY A 92 -16.04 0.33 9.08
CA GLY A 92 -14.64 0.62 9.33
C GLY A 92 -14.36 2.09 9.54
N THR A 93 -13.51 2.37 10.50
CA THR A 93 -13.07 3.73 10.75
C THR A 93 -11.91 4.09 9.84
N TRP A 94 -11.90 5.32 9.35
CA TRP A 94 -10.88 5.77 8.42
C TRP A 94 -9.55 5.96 9.14
N SER A 95 -8.65 5.00 8.99
CA SER A 95 -7.34 5.05 9.61
C SER A 95 -6.42 5.99 8.84
N ASP A 96 -5.53 6.66 9.55
CA ASP A 96 -4.64 7.63 8.93
C ASP A 96 -3.53 6.94 8.15
N TRP A 97 -2.77 7.72 7.40
CA TRP A 97 -1.66 7.21 6.60
C TRP A 97 -0.63 6.53 7.50
N SER A 98 -0.65 5.21 7.48
CA SER A 98 0.08 4.42 8.45
C SER A 98 1.49 4.08 7.98
N VAL A 99 1.63 2.99 7.24
CA VAL A 99 2.95 2.47 6.89
C VAL A 99 3.47 3.06 5.58
N ALA A 100 4.48 3.90 5.69
CA ALA A 100 5.15 4.46 4.54
C ALA A 100 6.34 3.58 4.15
N ALA A 101 6.17 2.76 3.12
CA ALA A 101 7.24 1.89 2.66
C ALA A 101 8.22 2.66 1.78
N HIS A 102 9.47 2.71 2.21
CA HIS A 102 10.51 3.38 1.45
C HIS A 102 11.11 2.41 0.44
N ALA A 103 10.66 2.50 -0.80
CA ALA A 103 11.06 1.55 -1.82
C ALA A 103 11.85 2.21 -2.94
N THR A 104 12.48 1.38 -3.77
CA THR A 104 13.29 1.85 -4.89
C THR A 104 13.40 0.74 -5.93
N PRO A 105 12.76 0.90 -7.11
CA PRO A 105 12.78 -0.15 -8.13
C PRO A 105 14.19 -0.44 -8.65
N TRP A 106 14.31 -1.44 -9.50
CA TRP A 106 15.61 -1.90 -9.96
C TRP A 106 16.39 -0.79 -10.66
N THR A 107 17.44 -0.33 -10.02
CA THR A 107 18.33 0.67 -10.61
C THR A 107 19.19 0.01 -11.68
N GLU A 108 18.86 0.28 -12.93
CA GLU A 108 19.53 -0.35 -14.06
C GLU A 108 20.87 0.31 -14.35
N GLU A 109 21.89 -0.10 -13.61
CA GLU A 109 23.22 0.44 -13.81
C GLU A 109 23.96 -0.39 -14.85
N GLY A 1 -15.74 8.08 12.09
CA GLY A 1 -16.08 7.00 11.14
C GLY A 1 -17.48 6.44 11.40
N PRO A 2 -18.02 5.65 10.47
CA PRO A 2 -19.36 5.05 10.59
C PRO A 2 -19.39 3.98 11.67
N LEU A 3 -20.58 3.49 11.98
CA LEU A 3 -20.73 2.46 12.99
C LEU A 3 -21.16 1.14 12.36
N GLY A 4 -20.53 0.06 12.80
CA GLY A 4 -20.80 -1.24 12.25
C GLY A 4 -19.59 -2.15 12.41
N SER A 5 -18.74 -2.16 11.40
CA SER A 5 -17.49 -2.91 11.47
C SER A 5 -16.44 -2.08 12.21
N VAL A 6 -15.36 -2.74 12.61
CA VAL A 6 -14.26 -2.05 13.26
C VAL A 6 -13.29 -1.53 12.21
N LYS A 7 -12.57 -0.47 12.55
CA LYS A 7 -11.59 0.12 11.65
C LYS A 7 -10.38 -0.80 11.51
N PRO A 8 -10.01 -1.14 10.27
CA PRO A 8 -8.87 -2.03 10.02
C PRO A 8 -7.58 -1.48 10.59
N ASP A 9 -6.70 -2.37 11.00
CA ASP A 9 -5.42 -1.98 11.60
C ASP A 9 -4.39 -1.77 10.50
N PRO A 10 -3.44 -0.84 10.71
CA PRO A 10 -2.37 -0.56 9.73
C PRO A 10 -1.82 -1.84 9.11
N PRO A 11 -1.83 -1.90 7.76
CA PRO A 11 -1.44 -3.09 7.00
C PRO A 11 -0.21 -3.79 7.56
N GLU A 12 -0.19 -5.10 7.44
CA GLU A 12 0.95 -5.90 7.88
C GLU A 12 1.66 -6.49 6.67
N ASN A 13 2.85 -7.01 6.90
CA ASN A 13 3.66 -7.62 5.83
C ASN A 13 3.88 -6.63 4.67
N VAL A 14 4.00 -5.36 4.99
CA VAL A 14 4.15 -4.33 3.98
C VAL A 14 5.58 -4.24 3.51
N VAL A 15 5.81 -4.67 2.29
CA VAL A 15 7.14 -4.63 1.70
C VAL A 15 7.06 -4.24 0.22
N ALA A 16 7.65 -3.11 -0.10
CA ALA A 16 7.74 -2.66 -1.49
C ALA A 16 8.96 -3.29 -2.12
N ARG A 17 8.76 -4.00 -3.21
CA ARG A 17 9.83 -4.80 -3.77
C ARG A 17 10.16 -4.39 -5.19
N PRO A 18 11.40 -3.96 -5.43
CA PRO A 18 11.88 -3.62 -6.76
C PRO A 18 12.03 -4.86 -7.61
N VAL A 19 11.31 -4.90 -8.72
CA VAL A 19 11.36 -6.05 -9.61
C VAL A 19 12.68 -6.06 -10.37
N PRO A 20 13.52 -7.10 -10.14
CA PRO A 20 14.86 -7.18 -10.72
C PRO A 20 14.82 -7.30 -12.24
N SER A 21 13.65 -7.60 -12.78
CA SER A 21 13.47 -7.78 -14.20
C SER A 21 12.83 -6.54 -14.83
N ASN A 22 12.52 -5.55 -14.01
CA ASN A 22 11.87 -4.34 -14.49
C ASN A 22 12.34 -3.11 -13.73
N PRO A 23 13.06 -2.21 -14.42
CA PRO A 23 13.66 -1.02 -13.82
C PRO A 23 12.67 -0.10 -13.10
N ARG A 24 11.47 0.04 -13.64
CA ARG A 24 10.51 1.00 -13.09
C ARG A 24 9.46 0.33 -12.21
N ARG A 25 9.58 -0.98 -12.04
CA ARG A 25 8.55 -1.75 -11.35
C ARG A 25 8.80 -1.88 -9.85
N LEU A 26 7.83 -1.39 -9.08
CA LEU A 26 7.82 -1.62 -7.64
C LEU A 26 6.63 -2.49 -7.26
N GLU A 27 6.91 -3.69 -6.78
CA GLU A 27 5.86 -4.58 -6.34
C GLU A 27 5.59 -4.38 -4.85
N VAL A 28 4.66 -3.50 -4.55
CA VAL A 28 4.30 -3.23 -3.16
C VAL A 28 3.40 -4.34 -2.65
N THR A 29 3.93 -5.19 -1.81
CA THR A 29 3.19 -6.32 -1.30
C THR A 29 2.86 -6.12 0.17
N TRP A 30 1.72 -6.63 0.60
CA TRP A 30 1.28 -6.50 1.98
C TRP A 30 0.31 -7.61 2.33
N GLN A 31 -0.25 -7.54 3.53
CA GLN A 31 -1.24 -8.47 4.00
C GLN A 31 -2.19 -7.75 4.95
N THR A 32 -3.32 -8.37 5.26
CA THR A 32 -4.24 -7.78 6.20
C THR A 32 -3.65 -7.81 7.60
N PRO A 33 -4.01 -6.83 8.45
CA PRO A 33 -3.53 -6.76 9.82
C PRO A 33 -3.97 -7.95 10.66
N SER A 34 -3.31 -8.15 11.79
CA SER A 34 -3.65 -9.24 12.69
C SER A 34 -5.04 -9.04 13.29
N THR A 35 -5.41 -7.77 13.50
CA THR A 35 -6.70 -7.44 14.08
C THR A 35 -7.84 -7.59 13.09
N TRP A 36 -7.52 -7.91 11.84
CA TRP A 36 -8.54 -8.18 10.84
C TRP A 36 -8.94 -9.65 10.88
N PRO A 37 -10.23 -9.94 11.07
CA PRO A 37 -10.72 -11.32 11.22
C PRO A 37 -10.60 -12.15 9.93
N ASP A 38 -11.70 -12.33 9.22
CA ASP A 38 -11.69 -13.11 7.99
C ASP A 38 -11.41 -12.22 6.78
N PRO A 39 -10.27 -12.43 6.12
CA PRO A 39 -9.85 -11.60 4.98
C PRO A 39 -10.55 -11.99 3.68
N GLU A 40 -11.26 -13.11 3.70
CA GLU A 40 -11.98 -13.57 2.53
C GLU A 40 -13.39 -13.01 2.51
N SER A 41 -14.04 -13.07 3.66
CA SER A 41 -15.38 -12.55 3.81
C SER A 41 -15.35 -11.02 3.88
N PHE A 42 -14.26 -10.48 4.40
CA PHE A 42 -14.10 -9.03 4.49
C PHE A 42 -12.86 -8.60 3.72
N PRO A 43 -13.00 -8.36 2.40
CA PRO A 43 -11.89 -7.90 1.56
C PRO A 43 -11.49 -6.48 1.90
N LEU A 44 -10.34 -6.34 2.53
CA LEU A 44 -9.88 -5.04 3.01
C LEU A 44 -9.58 -4.11 1.85
N LYS A 45 -10.04 -2.86 1.99
CA LYS A 45 -9.77 -1.83 1.02
C LYS A 45 -8.49 -1.09 1.39
N PHE A 46 -7.41 -1.40 0.70
CA PHE A 46 -6.12 -0.79 0.96
C PHE A 46 -5.93 0.44 0.09
N PHE A 47 -5.28 1.45 0.63
CA PHE A 47 -5.02 2.68 -0.13
C PHE A 47 -3.52 2.94 -0.19
N LEU A 48 -3.06 3.45 -1.32
CA LEU A 48 -1.63 3.58 -1.56
C LEU A 48 -1.26 4.94 -2.14
N ARG A 49 -0.22 5.54 -1.57
CA ARG A 49 0.38 6.75 -2.14
C ARG A 49 1.88 6.56 -2.23
N TYR A 50 2.47 6.94 -3.34
CA TYR A 50 3.90 6.73 -3.53
C TYR A 50 4.57 8.02 -4.03
N ARG A 51 5.13 8.78 -3.08
CA ARG A 51 5.78 10.04 -3.39
C ARG A 51 7.28 9.85 -3.64
N PRO A 52 7.77 10.29 -4.81
CA PRO A 52 9.20 10.23 -5.11
C PRO A 52 10.01 11.20 -4.24
N LEU A 53 11.21 10.79 -3.86
CA LEU A 53 12.09 11.60 -3.00
C LEU A 53 12.70 12.76 -3.78
N ILE A 54 11.84 13.59 -4.35
CA ILE A 54 12.26 14.76 -5.12
C ILE A 54 11.18 15.84 -5.09
N LEU A 55 9.93 15.42 -4.95
CA LEU A 55 8.80 16.35 -4.94
C LEU A 55 7.84 16.00 -3.81
N ASP A 56 6.63 16.55 -3.89
CA ASP A 56 5.55 16.19 -2.96
C ASP A 56 4.38 15.65 -3.75
N GLN A 57 4.67 14.71 -4.63
CA GLN A 57 3.67 14.11 -5.50
C GLN A 57 3.01 12.94 -4.80
N TRP A 58 1.91 13.22 -4.14
CA TRP A 58 1.17 12.21 -3.43
C TRP A 58 0.11 11.61 -4.33
N GLN A 59 0.09 10.30 -4.38
CA GLN A 59 -0.79 9.60 -5.28
C GLN A 59 -1.98 9.04 -4.53
N HIS A 60 -2.98 8.56 -5.26
CA HIS A 60 -4.20 8.07 -4.65
C HIS A 60 -4.65 6.77 -5.30
N VAL A 61 -3.98 5.69 -4.98
CA VAL A 61 -4.34 4.37 -5.48
C VAL A 61 -5.26 3.66 -4.51
N GLU A 62 -6.42 3.24 -4.99
CA GLU A 62 -7.38 2.56 -4.15
C GLU A 62 -7.49 1.09 -4.55
N LEU A 63 -7.27 0.21 -3.59
CA LEU A 63 -7.32 -1.22 -3.83
C LEU A 63 -8.50 -1.84 -3.10
N SER A 64 -9.54 -2.18 -3.84
CA SER A 64 -10.76 -2.75 -3.27
C SER A 64 -10.47 -4.04 -2.51
N ASN A 65 -9.49 -4.79 -3.00
CA ASN A 65 -9.07 -6.04 -2.37
C ASN A 65 -7.73 -6.48 -2.93
N GLY A 66 -6.72 -5.65 -2.72
CA GLY A 66 -5.41 -5.95 -3.25
C GLY A 66 -4.43 -6.34 -2.17
N THR A 67 -3.45 -7.16 -2.53
CA THR A 67 -2.45 -7.62 -1.58
C THR A 67 -1.05 -7.45 -2.15
N ALA A 68 -0.95 -7.25 -3.45
CA ALA A 68 0.32 -7.06 -4.12
C ALA A 68 0.17 -6.11 -5.29
N HIS A 69 0.41 -4.84 -5.05
CA HIS A 69 0.29 -3.83 -6.09
C HIS A 69 1.62 -3.61 -6.81
N THR A 70 1.65 -3.97 -8.07
CA THR A 70 2.82 -3.75 -8.90
C THR A 70 2.69 -2.45 -9.68
N ILE A 71 3.56 -1.50 -9.39
CA ILE A 71 3.53 -0.21 -10.06
C ILE A 71 4.81 0.03 -10.82
N THR A 72 4.70 0.14 -12.13
CA THR A 72 5.83 0.51 -12.98
C THR A 72 5.90 2.03 -13.11
N ASP A 73 5.33 2.68 -12.12
CA ASP A 73 5.22 4.13 -12.08
C ASP A 73 6.35 4.75 -11.26
N ALA A 74 7.22 3.90 -10.75
CA ALA A 74 8.20 4.33 -9.77
C ALA A 74 9.50 4.79 -10.42
N TYR A 75 10.17 5.70 -9.75
CA TYR A 75 11.46 6.20 -10.21
C TYR A 75 12.57 5.27 -9.72
N ALA A 76 13.15 4.53 -10.66
CA ALA A 76 14.21 3.59 -10.33
C ALA A 76 15.35 4.26 -9.57
N GLY A 77 15.68 5.48 -10.00
CA GLY A 77 16.81 6.19 -9.43
C GLY A 77 16.44 7.08 -8.26
N LYS A 78 15.18 7.07 -7.86
CA LYS A 78 14.74 7.92 -6.75
C LYS A 78 13.92 7.13 -5.75
N GLU A 79 14.27 7.28 -4.47
CA GLU A 79 13.59 6.56 -3.41
C GLU A 79 12.12 6.97 -3.32
N TYR A 80 11.27 6.02 -2.98
CA TYR A 80 9.83 6.28 -2.91
C TYR A 80 9.32 6.02 -1.51
N ILE A 81 8.44 6.89 -1.04
CA ILE A 81 7.74 6.67 0.20
C ILE A 81 6.30 6.25 -0.11
N ILE A 82 6.04 4.97 0.04
CA ILE A 82 4.76 4.40 -0.35
C ILE A 82 3.94 4.07 0.89
N GLN A 83 3.06 4.98 1.29
CA GLN A 83 2.25 4.78 2.47
C GLN A 83 0.97 4.05 2.14
N VAL A 84 0.65 3.05 2.95
CA VAL A 84 -0.52 2.23 2.78
C VAL A 84 -1.53 2.50 3.89
N ALA A 85 -2.78 2.72 3.49
CA ALA A 85 -3.88 2.93 4.43
C ALA A 85 -4.83 1.74 4.39
N ALA A 86 -5.94 1.83 5.11
CA ALA A 86 -6.89 0.72 5.17
C ALA A 86 -8.33 1.20 5.32
N LYS A 87 -9.26 0.31 5.02
CA LYS A 87 -10.69 0.57 5.11
C LYS A 87 -11.46 -0.73 4.95
N ASP A 88 -12.63 -0.83 5.59
CA ASP A 88 -13.46 -2.02 5.47
C ASP A 88 -14.27 -1.95 4.18
N ASN A 89 -14.72 -3.10 3.69
CA ASN A 89 -15.48 -3.15 2.46
C ASN A 89 -16.95 -2.87 2.70
N GLU A 90 -17.42 -3.22 3.88
CA GLU A 90 -18.83 -3.00 4.24
C GLU A 90 -19.03 -1.59 4.78
N ILE A 91 -18.29 -1.25 5.83
CA ILE A 91 -18.36 0.06 6.43
C ILE A 91 -17.13 0.86 6.03
N GLY A 92 -17.31 2.14 5.73
CA GLY A 92 -16.21 2.97 5.31
C GLY A 92 -15.36 3.44 6.48
N THR A 93 -14.86 2.49 7.25
CA THR A 93 -14.01 2.79 8.39
C THR A 93 -12.60 3.13 7.92
N TRP A 94 -12.44 4.39 7.53
CA TRP A 94 -11.18 4.86 6.97
C TRP A 94 -10.08 4.91 8.02
N SER A 95 -9.01 4.20 7.76
CA SER A 95 -7.83 4.27 8.60
C SER A 95 -6.90 5.36 8.07
N ASP A 96 -5.91 5.74 8.86
CA ASP A 96 -4.97 6.78 8.46
C ASP A 96 -3.89 6.17 7.57
N TRP A 97 -3.16 7.04 6.87
CA TRP A 97 -2.02 6.60 6.08
C TRP A 97 -0.95 6.05 7.01
N SER A 98 -0.88 4.74 7.08
CA SER A 98 -0.12 4.08 8.11
C SER A 98 1.32 3.76 7.68
N VAL A 99 1.47 2.66 6.98
CA VAL A 99 2.81 2.12 6.69
C VAL A 99 3.43 2.75 5.46
N ALA A 100 4.46 3.54 5.69
CA ALA A 100 5.21 4.18 4.61
C ALA A 100 6.37 3.29 4.18
N ALA A 101 6.14 2.50 3.15
CA ALA A 101 7.16 1.60 2.63
C ALA A 101 8.23 2.37 1.88
N HIS A 102 9.48 1.92 1.98
CA HIS A 102 10.60 2.58 1.32
C HIS A 102 11.23 1.65 0.30
N ALA A 103 11.28 2.05 -0.95
CA ALA A 103 11.87 1.22 -1.99
C ALA A 103 12.31 2.02 -3.20
N THR A 104 13.14 1.39 -4.02
CA THR A 104 13.64 1.98 -5.25
C THR A 104 13.72 0.89 -6.32
N PRO A 105 12.91 0.98 -7.38
CA PRO A 105 12.89 -0.05 -8.42
C PRO A 105 14.25 -0.20 -9.09
N TRP A 106 14.43 -1.31 -9.80
CA TRP A 106 15.74 -1.68 -10.35
C TRP A 106 16.37 -0.54 -11.15
N THR A 107 17.38 0.09 -10.55
CA THR A 107 18.11 1.14 -11.20
C THR A 107 19.18 0.56 -12.11
N GLU A 108 18.82 0.30 -13.36
CA GLU A 108 19.77 -0.25 -14.31
C GLU A 108 20.81 0.79 -14.69
N GLU A 109 22.02 0.60 -14.21
CA GLU A 109 23.12 1.52 -14.47
C GLU A 109 24.34 0.75 -14.93
N GLY A 1 -16.68 8.18 9.19
CA GLY A 1 -16.31 8.95 10.39
C GLY A 1 -16.01 8.05 11.57
N PRO A 2 -14.85 8.21 12.22
CA PRO A 2 -14.45 7.37 13.35
C PRO A 2 -15.22 7.68 14.62
N LEU A 3 -16.35 7.00 14.79
CA LEU A 3 -17.19 7.18 15.97
C LEU A 3 -17.53 5.83 16.59
N GLY A 4 -18.09 4.95 15.77
CA GLY A 4 -18.44 3.63 16.23
C GLY A 4 -18.25 2.60 15.13
N SER A 5 -17.09 2.66 14.49
CA SER A 5 -16.78 1.75 13.40
C SER A 5 -15.71 0.74 13.84
N VAL A 6 -15.20 -0.03 12.90
CA VAL A 6 -14.21 -1.05 13.20
C VAL A 6 -12.83 -0.43 13.36
N LYS A 7 -12.43 0.37 12.37
CA LYS A 7 -11.10 0.98 12.34
C LYS A 7 -10.03 -0.10 12.20
N PRO A 8 -9.63 -0.42 10.96
CA PRO A 8 -8.62 -1.44 10.69
C PRO A 8 -7.27 -1.09 11.29
N ASP A 9 -6.43 -2.09 11.46
CA ASP A 9 -5.09 -1.86 11.97
C ASP A 9 -4.14 -1.63 10.81
N PRO A 10 -2.95 -1.04 11.05
CA PRO A 10 -1.97 -0.82 10.00
C PRO A 10 -1.60 -2.13 9.30
N PRO A 11 -1.63 -2.13 7.96
CA PRO A 11 -1.36 -3.31 7.12
C PRO A 11 -0.15 -4.11 7.61
N GLU A 12 -0.23 -5.42 7.46
CA GLU A 12 0.84 -6.29 7.89
C GLU A 12 1.53 -6.91 6.68
N ASN A 13 2.80 -7.26 6.85
CA ASN A 13 3.59 -7.89 5.78
C ASN A 13 3.74 -6.95 4.60
N VAL A 14 3.97 -5.68 4.88
CA VAL A 14 4.09 -4.68 3.83
C VAL A 14 5.53 -4.54 3.37
N VAL A 15 5.78 -4.93 2.13
CA VAL A 15 7.12 -4.87 1.56
C VAL A 15 7.07 -4.55 0.07
N ALA A 16 7.64 -3.40 -0.30
CA ALA A 16 7.79 -3.05 -1.70
C ALA A 16 9.13 -3.54 -2.20
N ARG A 17 9.11 -4.37 -3.23
CA ARG A 17 10.32 -5.04 -3.68
C ARG A 17 10.66 -4.65 -5.11
N PRO A 18 11.90 -4.22 -5.35
CA PRO A 18 12.36 -3.82 -6.69
C PRO A 18 12.51 -5.03 -7.61
N VAL A 19 12.05 -4.88 -8.84
CA VAL A 19 12.14 -5.94 -9.82
C VAL A 19 13.28 -5.66 -10.80
N PRO A 20 14.32 -6.50 -10.80
CA PRO A 20 15.51 -6.31 -11.64
C PRO A 20 15.22 -6.45 -13.13
N SER A 21 14.04 -6.98 -13.45
CA SER A 21 13.67 -7.18 -14.84
C SER A 21 13.02 -5.93 -15.43
N ASN A 22 12.63 -5.01 -14.56
CA ASN A 22 12.00 -3.77 -15.00
C ASN A 22 12.42 -2.60 -14.10
N PRO A 23 13.16 -1.65 -14.68
CA PRO A 23 13.75 -0.50 -13.95
C PRO A 23 12.77 0.23 -13.02
N ARG A 24 11.53 0.37 -13.44
CA ARG A 24 10.57 1.17 -12.69
C ARG A 24 9.53 0.29 -11.99
N ARG A 25 9.77 -1.01 -11.96
CA ARG A 25 8.82 -1.95 -11.38
C ARG A 25 9.07 -2.21 -9.91
N LEU A 26 8.06 -1.88 -9.10
CA LEU A 26 8.09 -2.19 -7.67
C LEU A 26 6.99 -3.18 -7.34
N GLU A 27 7.38 -4.35 -6.87
CA GLU A 27 6.44 -5.36 -6.44
C GLU A 27 5.99 -5.08 -5.00
N VAL A 28 5.00 -4.23 -4.86
CA VAL A 28 4.51 -3.84 -3.56
C VAL A 28 3.54 -4.87 -3.03
N THR A 29 4.00 -5.71 -2.13
CA THR A 29 3.18 -6.78 -1.60
C THR A 29 2.88 -6.55 -0.12
N TRP A 30 1.66 -6.89 0.29
CA TRP A 30 1.25 -6.70 1.68
C TRP A 30 0.09 -7.63 2.01
N GLN A 31 -0.33 -7.61 3.26
CA GLN A 31 -1.48 -8.37 3.71
C GLN A 31 -2.30 -7.50 4.66
N THR A 32 -3.49 -7.94 5.03
CA THR A 32 -4.30 -7.21 5.98
C THR A 32 -3.69 -7.32 7.37
N PRO A 33 -4.03 -6.40 8.28
CA PRO A 33 -3.52 -6.43 9.65
C PRO A 33 -3.98 -7.69 10.38
N SER A 34 -3.32 -8.00 11.49
CA SER A 34 -3.67 -9.18 12.27
C SER A 34 -5.03 -9.01 12.94
N THR A 35 -5.48 -7.76 13.06
CA THR A 35 -6.77 -7.47 13.65
C THR A 35 -7.88 -7.48 12.60
N TRP A 36 -7.52 -7.80 11.36
CA TRP A 36 -8.50 -7.92 10.29
C TRP A 36 -8.58 -9.36 9.81
N PRO A 37 -9.64 -10.08 10.21
CA PRO A 37 -9.79 -11.51 9.92
C PRO A 37 -10.21 -11.78 8.48
N ASP A 38 -11.16 -10.98 7.99
CA ASP A 38 -11.72 -11.18 6.64
C ASP A 38 -10.94 -10.37 5.61
N PRO A 39 -10.11 -11.04 4.80
CA PRO A 39 -9.28 -10.36 3.80
C PRO A 39 -10.06 -9.96 2.55
N GLU A 40 -11.10 -10.72 2.21
CA GLU A 40 -11.87 -10.46 1.00
C GLU A 40 -13.31 -10.11 1.33
N SER A 41 -13.90 -10.82 2.29
CA SER A 41 -15.27 -10.57 2.70
C SER A 41 -15.45 -9.16 3.23
N PHE A 42 -14.36 -8.62 3.78
CA PHE A 42 -14.33 -7.23 4.20
C PHE A 42 -13.31 -6.47 3.35
N PRO A 43 -13.75 -5.89 2.22
CA PRO A 43 -12.86 -5.27 1.24
C PRO A 43 -12.21 -4.00 1.76
N LEU A 44 -11.19 -4.17 2.59
CA LEU A 44 -10.42 -3.05 3.13
C LEU A 44 -9.77 -2.28 1.99
N LYS A 45 -10.15 -1.01 1.88
CA LYS A 45 -9.60 -0.17 0.83
C LYS A 45 -8.21 0.31 1.22
N PHE A 46 -7.21 -0.25 0.58
CA PHE A 46 -5.83 0.11 0.87
C PHE A 46 -5.43 1.31 0.04
N PHE A 47 -5.35 2.46 0.69
CA PHE A 47 -5.04 3.70 0.02
C PHE A 47 -3.53 3.88 -0.11
N LEU A 48 -2.96 3.23 -1.10
CA LEU A 48 -1.54 3.29 -1.34
C LEU A 48 -1.16 4.53 -2.10
N ARG A 49 -0.42 5.41 -1.45
CA ARG A 49 0.10 6.59 -2.11
C ARG A 49 1.61 6.50 -2.18
N TYR A 50 2.17 6.69 -3.36
CA TYR A 50 3.60 6.61 -3.54
C TYR A 50 4.17 7.91 -4.10
N ARG A 51 4.71 8.72 -3.21
CA ARG A 51 5.31 9.99 -3.58
C ARG A 51 6.80 9.83 -3.83
N PRO A 52 7.30 10.36 -4.95
CA PRO A 52 8.73 10.40 -5.21
C PRO A 52 9.43 11.29 -4.18
N LEU A 53 10.53 10.82 -3.64
CA LEU A 53 11.22 11.52 -2.55
C LEU A 53 11.73 12.90 -2.98
N ILE A 54 11.62 13.21 -4.26
CA ILE A 54 12.11 14.47 -4.79
C ILE A 54 10.99 15.30 -5.41
N LEU A 55 9.74 14.89 -5.20
CA LEU A 55 8.62 15.59 -5.80
C LEU A 55 7.37 15.42 -4.95
N ASP A 56 6.64 16.51 -4.77
CA ASP A 56 5.39 16.49 -4.00
C ASP A 56 4.25 15.98 -4.86
N GLN A 57 4.30 14.72 -5.22
CA GLN A 57 3.29 14.12 -6.07
C GLN A 57 2.69 12.87 -5.41
N TRP A 58 1.71 13.08 -4.54
CA TRP A 58 1.06 11.99 -3.84
C TRP A 58 0.19 11.19 -4.79
N GLN A 59 0.61 9.96 -5.06
CA GLN A 59 -0.13 9.12 -5.98
C GLN A 59 -0.99 8.13 -5.22
N HIS A 60 -2.17 8.59 -4.80
CA HIS A 60 -3.06 7.77 -3.98
C HIS A 60 -3.88 6.82 -4.86
N VAL A 61 -3.79 5.54 -4.53
CA VAL A 61 -4.53 4.51 -5.25
C VAL A 61 -5.34 3.67 -4.26
N GLU A 62 -6.62 3.53 -4.52
CA GLU A 62 -7.50 2.77 -3.64
C GLU A 62 -7.57 1.32 -4.07
N LEU A 63 -6.89 0.45 -3.33
CA LEU A 63 -6.84 -0.96 -3.65
C LEU A 63 -7.71 -1.76 -2.70
N SER A 64 -8.95 -1.98 -3.09
CA SER A 64 -9.92 -2.69 -2.28
C SER A 64 -9.54 -4.15 -2.11
N ASN A 65 -9.12 -4.50 -0.89
CA ASN A 65 -8.70 -5.86 -0.53
C ASN A 65 -7.57 -6.36 -1.44
N GLY A 66 -6.82 -5.42 -2.00
CA GLY A 66 -5.64 -5.76 -2.77
C GLY A 66 -4.53 -6.31 -1.89
N THR A 67 -3.58 -6.99 -2.51
CA THR A 67 -2.50 -7.62 -1.76
C THR A 67 -1.16 -7.49 -2.48
N ALA A 68 -1.20 -7.16 -3.76
CA ALA A 68 0.02 -7.07 -4.56
C ALA A 68 -0.08 -5.95 -5.59
N HIS A 69 0.35 -4.76 -5.18
CA HIS A 69 0.38 -3.62 -6.08
C HIS A 69 1.74 -3.50 -6.77
N THR A 70 1.94 -4.32 -7.78
CA THR A 70 3.14 -4.22 -8.59
C THR A 70 3.01 -3.05 -9.54
N ILE A 71 3.83 -2.03 -9.35
CA ILE A 71 3.73 -0.81 -10.14
C ILE A 71 5.03 -0.51 -10.87
N THR A 72 4.91 -0.20 -12.16
CA THR A 72 6.03 0.29 -12.93
C THR A 72 6.01 1.81 -12.95
N ASP A 73 5.29 2.37 -11.98
CA ASP A 73 5.09 3.80 -11.84
C ASP A 73 6.09 4.42 -10.88
N ALA A 74 7.07 3.64 -10.47
CA ALA A 74 8.00 4.06 -9.44
C ALA A 74 9.18 4.80 -10.04
N TYR A 75 9.90 5.51 -9.21
CA TYR A 75 11.11 6.19 -9.65
C TYR A 75 12.31 5.27 -9.47
N ALA A 76 12.92 4.89 -10.57
CA ALA A 76 14.02 3.94 -10.55
C ALA A 76 15.19 4.48 -9.72
N GLY A 77 15.61 5.70 -10.03
CA GLY A 77 16.75 6.29 -9.37
C GLY A 77 16.38 7.11 -8.15
N LYS A 78 15.09 7.30 -7.93
CA LYS A 78 14.63 8.14 -6.83
C LYS A 78 13.76 7.35 -5.87
N GLU A 79 14.10 7.41 -4.60
CA GLU A 79 13.40 6.67 -3.57
C GLU A 79 11.91 7.01 -3.55
N TYR A 80 11.10 5.99 -3.35
CA TYR A 80 9.66 6.13 -3.35
C TYR A 80 9.12 5.88 -1.94
N ILE A 81 8.27 6.78 -1.46
CA ILE A 81 7.62 6.57 -0.18
C ILE A 81 6.16 6.18 -0.39
N ILE A 82 5.85 4.93 -0.07
CA ILE A 82 4.53 4.37 -0.32
C ILE A 82 3.79 4.17 0.99
N GLN A 83 2.80 5.01 1.24
CA GLN A 83 2.00 4.89 2.44
C GLN A 83 0.79 4.02 2.20
N VAL A 84 0.53 3.15 3.14
CA VAL A 84 -0.58 2.23 3.05
C VAL A 84 -1.59 2.50 4.15
N ALA A 85 -2.68 3.17 3.79
CA ALA A 85 -3.76 3.45 4.71
C ALA A 85 -4.90 2.45 4.48
N ALA A 86 -5.76 2.28 5.48
CA ALA A 86 -6.83 1.30 5.39
C ALA A 86 -8.17 1.88 5.85
N LYS A 87 -9.22 1.53 5.12
CA LYS A 87 -10.59 1.91 5.45
C LYS A 87 -11.56 0.96 4.78
N ASP A 88 -12.56 0.49 5.50
CA ASP A 88 -13.51 -0.47 4.94
C ASP A 88 -14.37 0.16 3.85
N ASN A 89 -14.87 -0.67 2.95
CA ASN A 89 -15.63 -0.20 1.80
C ASN A 89 -16.99 0.34 2.20
N GLU A 90 -17.62 -0.27 3.21
CA GLU A 90 -18.94 0.18 3.65
C GLU A 90 -18.85 0.89 4.99
N ILE A 91 -17.98 0.41 5.87
CA ILE A 91 -17.76 1.05 7.15
C ILE A 91 -16.60 2.05 7.04
N GLY A 92 -16.94 3.26 6.63
CA GLY A 92 -15.94 4.26 6.33
C GLY A 92 -15.23 4.81 7.55
N THR A 93 -14.20 4.09 7.99
CA THR A 93 -13.34 4.59 9.05
C THR A 93 -12.03 5.08 8.47
N TRP A 94 -11.96 6.38 8.21
CA TRP A 94 -10.79 6.97 7.57
C TRP A 94 -9.62 7.05 8.54
N SER A 95 -8.79 6.02 8.54
CA SER A 95 -7.61 5.99 9.39
C SER A 95 -6.52 6.88 8.80
N ASP A 96 -5.54 7.24 9.61
CA ASP A 96 -4.45 8.11 9.16
C ASP A 96 -3.39 7.29 8.43
N TRP A 97 -2.37 7.97 7.92
CA TRP A 97 -1.30 7.32 7.18
C TRP A 97 -0.58 6.31 8.08
N SER A 98 -0.76 5.04 7.79
CA SER A 98 -0.27 3.98 8.65
C SER A 98 1.16 3.55 8.27
N VAL A 99 1.27 2.59 7.37
CA VAL A 99 2.58 2.03 7.02
C VAL A 99 3.22 2.76 5.85
N ALA A 100 4.30 3.47 6.13
CA ALA A 100 5.10 4.11 5.09
C ALA A 100 6.21 3.17 4.63
N ALA A 101 6.12 2.69 3.41
CA ALA A 101 7.13 1.79 2.87
C ALA A 101 8.14 2.55 2.04
N HIS A 102 9.37 2.07 2.03
CA HIS A 102 10.45 2.67 1.28
C HIS A 102 10.94 1.70 0.20
N ALA A 103 11.10 2.18 -1.02
CA ALA A 103 11.54 1.31 -2.10
C ALA A 103 12.05 2.10 -3.30
N THR A 104 12.97 1.49 -4.04
CA THR A 104 13.53 2.06 -5.26
C THR A 104 13.76 0.95 -6.27
N PRO A 105 12.99 0.92 -7.37
CA PRO A 105 13.11 -0.15 -8.37
C PRO A 105 14.47 -0.14 -9.07
N TRP A 106 14.66 -1.07 -10.00
CA TRP A 106 15.96 -1.28 -10.65
C TRP A 106 16.57 0.02 -11.17
N THR A 107 17.63 0.46 -10.52
CA THR A 107 18.35 1.65 -10.91
C THR A 107 19.50 1.31 -11.85
N GLU A 108 19.21 1.32 -13.15
CA GLU A 108 20.21 1.02 -14.17
C GLU A 108 21.37 2.01 -14.09
N GLU A 109 22.55 1.50 -13.81
CA GLU A 109 23.73 2.33 -13.68
C GLU A 109 24.29 2.67 -15.05
N GLY A 1 -19.89 -12.38 14.59
CA GLY A 1 -18.58 -12.99 14.29
C GLY A 1 -17.44 -12.05 14.61
N PRO A 2 -16.61 -11.70 13.61
CA PRO A 2 -15.48 -10.79 13.79
C PRO A 2 -15.95 -9.38 14.15
N LEU A 3 -15.60 -8.95 15.36
CA LEU A 3 -16.03 -7.64 15.84
C LEU A 3 -14.88 -6.65 15.82
N GLY A 4 -13.72 -7.10 15.37
CA GLY A 4 -12.56 -6.23 15.27
C GLY A 4 -12.47 -5.56 13.91
N SER A 5 -13.63 -5.34 13.30
CA SER A 5 -13.70 -4.79 11.96
C SER A 5 -13.76 -3.27 11.98
N VAL A 6 -13.86 -2.70 13.17
CA VAL A 6 -13.99 -1.26 13.31
C VAL A 6 -12.61 -0.58 13.25
N LYS A 7 -12.30 -0.05 12.06
CA LYS A 7 -11.04 0.66 11.81
C LYS A 7 -9.86 -0.31 11.79
N PRO A 8 -9.49 -0.76 10.58
CA PRO A 8 -8.36 -1.68 10.40
C PRO A 8 -7.05 -1.05 10.84
N ASP A 9 -6.09 -1.88 11.21
CA ASP A 9 -4.79 -1.38 11.65
C ASP A 9 -3.85 -1.26 10.46
N PRO A 10 -2.76 -0.48 10.60
CA PRO A 10 -1.77 -0.30 9.53
C PRO A 10 -1.33 -1.63 8.93
N PRO A 11 -1.55 -1.80 7.61
CA PRO A 11 -1.25 -3.06 6.90
C PRO A 11 0.07 -3.67 7.33
N GLU A 12 0.03 -4.95 7.64
CA GLU A 12 1.21 -5.67 8.07
C GLU A 12 1.94 -6.25 6.87
N ASN A 13 3.25 -6.41 7.00
CA ASN A 13 4.07 -6.99 5.94
C ASN A 13 4.00 -6.13 4.67
N VAL A 14 4.12 -4.82 4.85
CA VAL A 14 4.10 -3.90 3.71
C VAL A 14 5.49 -3.80 3.09
N VAL A 15 5.81 -4.76 2.23
CA VAL A 15 7.13 -4.82 1.62
C VAL A 15 7.04 -4.69 0.10
N ALA A 16 7.64 -3.64 -0.43
CA ALA A 16 7.70 -3.44 -1.87
C ALA A 16 8.97 -4.06 -2.43
N ARG A 17 8.82 -4.86 -3.46
CA ARG A 17 9.96 -5.58 -4.03
C ARG A 17 10.22 -5.13 -5.46
N PRO A 18 11.37 -4.50 -5.71
CA PRO A 18 11.74 -4.01 -7.04
C PRO A 18 11.77 -5.12 -8.07
N VAL A 19 11.10 -4.90 -9.19
CA VAL A 19 11.13 -5.83 -10.30
C VAL A 19 12.45 -5.68 -11.06
N PRO A 20 13.28 -6.73 -11.06
CA PRO A 20 14.63 -6.67 -11.64
C PRO A 20 14.64 -6.40 -13.14
N SER A 21 13.53 -6.68 -13.78
CA SER A 21 13.42 -6.54 -15.22
C SER A 21 12.90 -5.15 -15.60
N ASN A 22 12.40 -4.41 -14.62
CA ASN A 22 11.83 -3.09 -14.87
C ASN A 22 12.36 -2.07 -13.87
N PRO A 23 13.06 -1.03 -14.37
CA PRO A 23 13.65 0.02 -13.53
C PRO A 23 12.62 1.04 -13.05
N ARG A 24 11.36 0.65 -13.05
CA ARG A 24 10.28 1.53 -12.65
C ARG A 24 9.21 0.76 -11.90
N ARG A 25 9.38 -0.55 -11.82
CA ARG A 25 8.34 -1.41 -11.27
C ARG A 25 8.65 -1.86 -9.84
N LEU A 26 7.70 -1.60 -8.95
CA LEU A 26 7.77 -2.06 -7.58
C LEU A 26 6.63 -3.04 -7.31
N GLU A 27 6.98 -4.22 -6.83
CA GLU A 27 5.97 -5.20 -6.45
C GLU A 27 5.63 -5.02 -4.97
N VAL A 28 4.76 -4.05 -4.70
CA VAL A 28 4.36 -3.74 -3.33
C VAL A 28 3.44 -4.83 -2.81
N THR A 29 3.96 -5.67 -1.96
CA THR A 29 3.20 -6.75 -1.38
C THR A 29 2.94 -6.50 0.10
N TRP A 30 1.73 -6.72 0.54
CA TRP A 30 1.36 -6.51 1.92
C TRP A 30 0.38 -7.57 2.38
N GLN A 31 -0.05 -7.44 3.61
CA GLN A 31 -1.05 -8.32 4.18
C GLN A 31 -1.93 -7.52 5.11
N THR A 32 -2.99 -8.12 5.62
CA THR A 32 -3.85 -7.43 6.56
C THR A 32 -3.16 -7.36 7.92
N PRO A 33 -3.52 -6.37 8.75
CA PRO A 33 -2.96 -6.22 10.09
C PRO A 33 -3.21 -7.48 10.93
N SER A 34 -2.34 -7.74 11.89
CA SER A 34 -2.49 -8.88 12.76
C SER A 34 -3.75 -8.74 13.62
N THR A 35 -4.10 -7.50 13.93
CA THR A 35 -5.28 -7.20 14.72
C THR A 35 -6.57 -7.49 13.95
N TRP A 36 -6.45 -7.60 12.63
CA TRP A 36 -7.58 -7.93 11.78
C TRP A 36 -7.91 -9.41 11.88
N PRO A 37 -9.17 -9.74 12.20
CA PRO A 37 -9.60 -11.13 12.39
C PRO A 37 -9.71 -11.90 11.06
N ASP A 38 -10.93 -12.21 10.65
CA ASP A 38 -11.15 -12.97 9.42
C ASP A 38 -11.33 -12.04 8.22
N PRO A 39 -10.34 -12.00 7.32
CA PRO A 39 -10.38 -11.14 6.12
C PRO A 39 -11.30 -11.70 5.04
N GLU A 40 -12.15 -12.64 5.41
CA GLU A 40 -13.11 -13.22 4.50
C GLU A 40 -14.45 -12.51 4.62
N SER A 41 -14.95 -12.41 5.85
CA SER A 41 -16.18 -11.68 6.10
C SER A 41 -15.97 -10.19 5.92
N PHE A 42 -14.79 -9.73 6.34
CA PHE A 42 -14.39 -8.35 6.13
C PHE A 42 -13.08 -8.32 5.35
N PRO A 43 -13.17 -8.22 4.02
CA PRO A 43 -12.02 -8.40 3.12
C PRO A 43 -11.06 -7.22 3.12
N LEU A 44 -11.55 -6.06 3.59
CA LEU A 44 -10.73 -4.84 3.64
C LEU A 44 -10.45 -4.29 2.25
N LYS A 45 -10.09 -3.02 2.19
CA LYS A 45 -9.69 -2.36 0.96
C LYS A 45 -8.45 -1.52 1.24
N PHE A 46 -7.49 -1.53 0.31
CA PHE A 46 -6.24 -0.86 0.56
C PHE A 46 -6.07 0.36 -0.35
N PHE A 47 -5.63 1.46 0.26
CA PHE A 47 -5.39 2.69 -0.47
C PHE A 47 -3.91 3.01 -0.39
N LEU A 48 -3.31 3.32 -1.54
CA LEU A 48 -1.86 3.45 -1.61
C LEU A 48 -1.45 4.71 -2.36
N ARG A 49 -0.40 5.37 -1.87
CA ARG A 49 0.21 6.48 -2.59
C ARG A 49 1.72 6.28 -2.61
N TYR A 50 2.38 6.74 -3.65
CA TYR A 50 3.82 6.61 -3.76
C TYR A 50 4.48 7.94 -4.09
N ARG A 51 5.09 8.54 -3.09
CA ARG A 51 5.73 9.84 -3.24
C ARG A 51 7.21 9.68 -3.61
N PRO A 52 7.64 10.29 -4.72
CA PRO A 52 9.04 10.29 -5.13
C PRO A 52 9.88 11.16 -4.20
N LEU A 53 11.10 10.73 -3.91
CA LEU A 53 11.98 11.48 -3.00
C LEU A 53 12.52 12.74 -3.68
N ILE A 54 12.01 13.05 -4.85
CA ILE A 54 12.43 14.24 -5.58
C ILE A 54 11.27 15.21 -5.77
N LEU A 55 10.10 14.85 -5.25
CA LEU A 55 8.93 15.67 -5.43
C LEU A 55 8.02 15.57 -4.21
N ASP A 56 6.95 16.33 -4.24
CA ASP A 56 5.92 16.25 -3.21
C ASP A 56 4.62 15.82 -3.87
N GLN A 57 4.62 14.62 -4.40
CA GLN A 57 3.53 14.13 -5.20
C GLN A 57 2.95 12.86 -4.59
N TRP A 58 1.85 13.00 -3.89
CA TRP A 58 1.19 11.88 -3.27
C TRP A 58 0.18 11.29 -4.23
N GLN A 59 0.39 10.02 -4.56
CA GLN A 59 -0.39 9.38 -5.60
C GLN A 59 -1.68 8.79 -5.03
N HIS A 60 -2.43 8.08 -5.85
CA HIS A 60 -3.71 7.56 -5.43
C HIS A 60 -4.04 6.24 -6.13
N VAL A 61 -3.85 5.15 -5.42
CA VAL A 61 -4.16 3.82 -5.93
C VAL A 61 -5.17 3.14 -5.02
N GLU A 62 -6.27 2.69 -5.59
CA GLU A 62 -7.32 2.02 -4.85
C GLU A 62 -7.48 0.59 -5.35
N LEU A 63 -7.50 -0.36 -4.42
CA LEU A 63 -7.63 -1.76 -4.78
C LEU A 63 -8.52 -2.49 -3.80
N SER A 64 -9.32 -3.42 -4.30
CA SER A 64 -10.19 -4.20 -3.46
C SER A 64 -9.39 -5.17 -2.59
N ASN A 65 -8.53 -5.96 -3.22
CA ASN A 65 -7.71 -6.91 -2.49
C ASN A 65 -6.47 -7.27 -3.29
N GLY A 66 -5.89 -6.27 -3.94
CA GLY A 66 -4.64 -6.48 -4.65
C GLY A 66 -3.45 -6.44 -3.70
N THR A 67 -3.25 -7.53 -2.99
CA THR A 67 -2.24 -7.60 -1.94
C THR A 67 -0.84 -7.56 -2.53
N ALA A 68 -0.72 -8.02 -3.76
CA ALA A 68 0.52 -7.95 -4.50
C ALA A 68 0.37 -6.96 -5.64
N HIS A 69 0.41 -5.68 -5.31
CA HIS A 69 0.19 -4.65 -6.30
C HIS A 69 1.51 -4.25 -6.97
N THR A 70 1.47 -4.09 -8.28
CA THR A 70 2.66 -3.74 -9.04
C THR A 70 2.53 -2.35 -9.65
N ILE A 71 3.43 -1.45 -9.28
CA ILE A 71 3.43 -0.10 -9.83
C ILE A 71 4.69 0.12 -10.66
N THR A 72 4.53 0.67 -11.85
CA THR A 72 5.65 0.94 -12.73
C THR A 72 5.87 2.45 -12.86
N ASP A 73 5.34 3.18 -11.88
CA ASP A 73 5.47 4.63 -11.85
C ASP A 73 6.63 5.05 -10.97
N ALA A 74 7.25 4.07 -10.33
CA ALA A 74 8.27 4.33 -9.33
C ALA A 74 9.61 4.66 -9.95
N TYR A 75 10.34 5.54 -9.29
CA TYR A 75 11.66 5.94 -9.74
C TYR A 75 12.73 5.04 -9.13
N ALA A 76 13.62 4.52 -9.96
CA ALA A 76 14.67 3.65 -9.48
C ALA A 76 15.87 4.46 -8.99
N GLY A 77 16.02 5.65 -9.55
CA GLY A 77 17.13 6.50 -9.19
C GLY A 77 16.97 7.14 -7.83
N LYS A 78 15.72 7.40 -7.44
CA LYS A 78 15.43 7.99 -6.15
C LYS A 78 14.35 7.20 -5.43
N GLU A 79 14.59 6.91 -4.16
CA GLU A 79 13.68 6.08 -3.36
C GLU A 79 12.25 6.60 -3.40
N TYR A 80 11.31 5.69 -3.25
CA TYR A 80 9.90 6.02 -3.25
C TYR A 80 9.29 5.68 -1.89
N ILE A 81 8.57 6.63 -1.32
CA ILE A 81 7.85 6.39 -0.08
C ILE A 81 6.39 6.09 -0.40
N ILE A 82 5.99 4.86 -0.10
CA ILE A 82 4.67 4.38 -0.44
C ILE A 82 3.81 4.24 0.81
N GLN A 83 2.90 5.18 1.01
CA GLN A 83 2.06 5.19 2.21
C GLN A 83 0.76 4.44 1.96
N VAL A 84 0.41 3.55 2.87
CA VAL A 84 -0.76 2.69 2.72
C VAL A 84 -1.79 2.94 3.84
N ALA A 85 -3.05 3.04 3.45
CA ALA A 85 -4.15 3.20 4.41
C ALA A 85 -5.00 1.93 4.45
N ALA A 86 -5.82 1.81 5.49
CA ALA A 86 -6.66 0.64 5.66
C ALA A 86 -8.10 1.00 6.00
N LYS A 87 -9.03 0.54 5.18
CA LYS A 87 -10.45 0.67 5.45
C LYS A 87 -11.16 -0.55 4.89
N ASP A 88 -12.07 -1.14 5.65
CA ASP A 88 -12.73 -2.36 5.22
C ASP A 88 -13.66 -2.10 4.03
N ASN A 89 -13.90 -3.15 3.26
CA ASN A 89 -14.78 -3.07 2.10
C ASN A 89 -16.24 -2.91 2.53
N GLU A 90 -16.56 -3.47 3.69
CA GLU A 90 -17.92 -3.39 4.22
C GLU A 90 -18.02 -2.23 5.22
N ILE A 91 -17.26 -2.31 6.30
CA ILE A 91 -17.26 -1.26 7.30
C ILE A 91 -16.35 -0.11 6.88
N GLY A 92 -16.96 1.00 6.51
CA GLY A 92 -16.20 2.14 6.00
C GLY A 92 -15.53 2.94 7.09
N THR A 93 -14.70 2.27 7.88
CA THR A 93 -13.92 2.96 8.91
C THR A 93 -12.60 3.43 8.30
N TRP A 94 -12.58 4.71 7.94
CA TRP A 94 -11.46 5.26 7.20
C TRP A 94 -10.26 5.57 8.10
N SER A 95 -9.29 4.69 8.08
CA SER A 95 -8.03 4.93 8.78
C SER A 95 -7.05 5.63 7.85
N ASP A 96 -6.24 6.51 8.41
CA ASP A 96 -5.30 7.29 7.60
C ASP A 96 -4.18 6.41 7.06
N TRP A 97 -3.50 6.90 6.02
CA TRP A 97 -2.38 6.20 5.42
C TRP A 97 -1.25 6.09 6.43
N SER A 98 -1.16 4.93 7.06
CA SER A 98 -0.27 4.74 8.19
C SER A 98 1.10 4.22 7.78
N VAL A 99 1.13 3.10 7.06
CA VAL A 99 2.38 2.43 6.77
C VAL A 99 3.09 3.03 5.56
N ALA A 100 4.17 3.72 5.84
CA ALA A 100 5.01 4.31 4.82
C ALA A 100 6.13 3.35 4.42
N ALA A 101 5.95 2.65 3.31
CA ALA A 101 6.97 1.75 2.80
C ALA A 101 8.03 2.53 2.03
N HIS A 102 9.25 2.04 2.05
CA HIS A 102 10.36 2.69 1.34
C HIS A 102 11.02 1.70 0.41
N ALA A 103 10.91 1.94 -0.89
CA ALA A 103 11.45 1.01 -1.87
C ALA A 103 11.90 1.73 -3.13
N THR A 104 12.66 1.02 -3.95
CA THR A 104 13.15 1.55 -5.22
C THR A 104 13.24 0.44 -6.25
N PRO A 105 12.67 0.64 -7.46
CA PRO A 105 12.75 -0.37 -8.53
C PRO A 105 14.20 -0.69 -8.90
N TRP A 106 14.39 -1.66 -9.79
CA TRP A 106 15.74 -2.08 -10.16
C TRP A 106 16.59 -0.89 -10.60
N THR A 107 17.76 -0.77 -10.00
CA THR A 107 18.67 0.32 -10.29
C THR A 107 19.34 0.16 -11.66
N GLU A 108 18.65 0.63 -12.70
CA GLU A 108 19.20 0.62 -14.05
C GLU A 108 20.31 1.66 -14.16
N GLU A 109 20.29 2.58 -13.21
CA GLU A 109 21.26 3.67 -13.12
C GLU A 109 21.23 4.52 -14.39
N GLY A 1 -20.58 -11.62 17.27
CA GLY A 1 -21.29 -10.58 16.48
C GLY A 1 -20.51 -9.29 16.41
N PRO A 2 -19.86 -9.01 15.28
CA PRO A 2 -19.00 -7.83 15.12
C PRO A 2 -19.81 -6.54 14.96
N LEU A 3 -20.45 -6.11 16.03
CA LEU A 3 -21.22 -4.87 16.02
C LEU A 3 -20.30 -3.70 16.35
N GLY A 4 -19.33 -3.47 15.49
CA GLY A 4 -18.37 -2.42 15.72
C GLY A 4 -17.26 -2.48 14.69
N SER A 5 -17.62 -2.26 13.45
CA SER A 5 -16.68 -2.32 12.35
C SER A 5 -15.81 -1.06 12.30
N VAL A 6 -14.89 -0.96 13.25
CA VAL A 6 -14.00 0.18 13.34
C VAL A 6 -13.01 0.16 12.18
N LYS A 7 -12.21 1.21 12.07
CA LYS A 7 -11.19 1.28 11.03
C LYS A 7 -10.11 0.26 11.32
N PRO A 8 -9.76 -0.56 10.31
CA PRO A 8 -8.78 -1.63 10.47
C PRO A 8 -7.43 -1.09 10.94
N ASP A 9 -6.58 -1.98 11.43
CA ASP A 9 -5.26 -1.57 11.87
C ASP A 9 -4.33 -1.45 10.67
N PRO A 10 -3.23 -0.69 10.80
CA PRO A 10 -2.28 -0.47 9.71
C PRO A 10 -1.87 -1.79 9.05
N PRO A 11 -1.97 -1.85 7.71
CA PRO A 11 -1.66 -3.06 6.95
C PRO A 11 -0.35 -3.71 7.37
N GLU A 12 -0.38 -5.00 7.60
CA GLU A 12 0.81 -5.73 8.00
C GLU A 12 1.52 -6.29 6.78
N ASN A 13 2.72 -6.83 7.01
CA ASN A 13 3.51 -7.46 5.94
C ASN A 13 3.75 -6.50 4.79
N VAL A 14 3.84 -5.22 5.09
CA VAL A 14 4.05 -4.20 4.07
C VAL A 14 5.50 -4.14 3.65
N VAL A 15 5.81 -4.78 2.55
CA VAL A 15 7.17 -4.81 2.03
C VAL A 15 7.19 -4.51 0.54
N ALA A 16 7.91 -3.46 0.17
CA ALA A 16 8.02 -3.05 -1.22
C ALA A 16 9.36 -3.53 -1.80
N ARG A 17 9.29 -4.21 -2.93
CA ARG A 17 10.48 -4.80 -3.53
C ARG A 17 10.59 -4.45 -5.00
N PRO A 18 11.76 -4.01 -5.44
CA PRO A 18 11.98 -3.64 -6.84
C PRO A 18 11.92 -4.84 -7.78
N VAL A 19 11.29 -4.64 -8.93
CA VAL A 19 11.20 -5.68 -9.94
C VAL A 19 12.38 -5.55 -10.89
N PRO A 20 13.28 -6.54 -10.90
CA PRO A 20 14.50 -6.51 -11.72
C PRO A 20 14.20 -6.61 -13.22
N SER A 21 12.97 -6.98 -13.55
CA SER A 21 12.58 -7.16 -14.93
C SER A 21 12.19 -5.83 -15.58
N ASN A 22 12.03 -4.79 -14.77
CA ASN A 22 11.64 -3.48 -15.27
C ASN A 22 12.21 -2.37 -14.39
N PRO A 23 13.04 -1.48 -14.98
CA PRO A 23 13.72 -0.40 -14.24
C PRO A 23 12.77 0.73 -13.81
N ARG A 24 11.56 0.36 -13.45
CA ARG A 24 10.55 1.34 -13.03
C ARG A 24 9.47 0.68 -12.18
N ARG A 25 9.62 -0.61 -11.92
CA ARG A 25 8.57 -1.36 -11.22
C ARG A 25 8.93 -1.65 -9.77
N LEU A 26 7.94 -1.44 -8.90
CA LEU A 26 8.04 -1.82 -7.50
C LEU A 26 6.89 -2.76 -7.15
N GLU A 27 7.20 -3.85 -6.50
CA GLU A 27 6.20 -4.79 -6.03
C GLU A 27 5.83 -4.46 -4.59
N VAL A 28 4.62 -3.93 -4.41
CA VAL A 28 4.15 -3.58 -3.09
C VAL A 28 3.24 -4.67 -2.56
N THR A 29 3.76 -5.47 -1.66
CA THR A 29 3.02 -6.57 -1.08
C THR A 29 2.62 -6.24 0.35
N TRP A 30 1.42 -6.63 0.75
CA TRP A 30 0.96 -6.37 2.10
C TRP A 30 -0.06 -7.42 2.53
N GLN A 31 -0.52 -7.30 3.76
CA GLN A 31 -1.49 -8.20 4.34
C GLN A 31 -2.37 -7.42 5.30
N THR A 32 -3.39 -8.07 5.84
CA THR A 32 -4.23 -7.43 6.84
C THR A 32 -3.55 -7.51 8.20
N PRO A 33 -3.88 -6.56 9.10
CA PRO A 33 -3.31 -6.52 10.45
C PRO A 33 -3.61 -7.79 11.24
N SER A 34 -2.76 -8.09 12.22
CA SER A 34 -2.97 -9.25 13.08
C SER A 34 -4.17 -9.01 14.01
N THR A 35 -4.51 -7.74 14.20
CA THR A 35 -5.67 -7.35 14.97
C THR A 35 -6.96 -7.76 14.26
N TRP A 36 -6.87 -7.96 12.96
CA TRP A 36 -7.99 -8.41 12.16
C TRP A 36 -8.05 -9.93 12.13
N PRO A 37 -9.20 -10.51 12.51
CA PRO A 37 -9.35 -11.97 12.54
C PRO A 37 -9.53 -12.57 11.15
N ASP A 38 -10.77 -12.62 10.69
CA ASP A 38 -11.08 -13.20 9.38
C ASP A 38 -11.04 -12.15 8.28
N PRO A 39 -10.05 -12.24 7.38
CA PRO A 39 -9.89 -11.28 6.29
C PRO A 39 -10.57 -11.73 4.99
N GLU A 40 -11.41 -12.74 5.09
CA GLU A 40 -12.13 -13.24 3.93
C GLU A 40 -13.61 -12.86 4.02
N SER A 41 -14.17 -12.97 5.22
CA SER A 41 -15.54 -12.58 5.46
C SER A 41 -15.64 -11.05 5.52
N PHE A 42 -14.50 -10.40 5.67
CA PHE A 42 -14.43 -8.95 5.61
C PHE A 42 -13.52 -8.54 4.46
N PRO A 43 -14.12 -8.14 3.32
CA PRO A 43 -13.38 -7.85 2.09
C PRO A 43 -12.33 -6.76 2.29
N LEU A 44 -12.66 -5.76 3.11
CA LEU A 44 -11.76 -4.65 3.41
C LEU A 44 -11.48 -3.82 2.15
N LYS A 45 -10.68 -2.78 2.33
CA LYS A 45 -10.33 -1.87 1.26
C LYS A 45 -8.92 -1.35 1.48
N PHE A 46 -8.18 -1.15 0.40
CA PHE A 46 -6.79 -0.71 0.50
C PHE A 46 -6.51 0.41 -0.49
N PHE A 47 -5.99 1.52 0.00
CA PHE A 47 -5.57 2.60 -0.87
C PHE A 47 -4.08 2.81 -0.75
N LEU A 48 -3.48 3.46 -1.73
CA LEU A 48 -2.04 3.61 -1.72
C LEU A 48 -1.61 4.94 -2.30
N ARG A 49 -0.36 5.30 -2.05
CA ARG A 49 0.28 6.44 -2.67
C ARG A 49 1.78 6.24 -2.59
N TYR A 50 2.52 6.77 -3.55
CA TYR A 50 3.98 6.61 -3.55
C TYR A 50 4.66 7.92 -3.91
N ARG A 51 5.28 8.52 -2.91
CA ARG A 51 5.95 9.80 -3.07
C ARG A 51 7.42 9.62 -3.43
N PRO A 52 7.87 10.18 -4.57
CA PRO A 52 9.27 10.20 -4.93
C PRO A 52 10.04 11.21 -4.10
N LEU A 53 11.27 10.88 -3.71
CA LEU A 53 12.06 11.76 -2.85
C LEU A 53 12.58 12.98 -3.62
N ILE A 54 11.65 13.71 -4.21
CA ILE A 54 11.95 14.94 -4.93
C ILE A 54 10.74 15.86 -4.88
N LEU A 55 9.56 15.28 -4.99
CA LEU A 55 8.32 16.04 -4.96
C LEU A 55 7.37 15.47 -3.90
N ASP A 56 6.55 16.33 -3.33
CA ASP A 56 5.56 15.91 -2.35
C ASP A 56 4.33 15.35 -3.06
N GLN A 57 4.55 14.32 -3.85
CA GLN A 57 3.51 13.75 -4.68
C GLN A 57 2.89 12.52 -4.02
N TRP A 58 1.98 12.77 -3.09
CA TRP A 58 1.26 11.69 -2.44
C TRP A 58 0.10 11.26 -3.30
N GLN A 59 0.25 10.12 -3.97
CA GLN A 59 -0.75 9.72 -4.96
C GLN A 59 -0.62 8.27 -5.40
N HIS A 60 -1.77 7.69 -5.68
CA HIS A 60 -1.88 6.43 -6.40
C HIS A 60 -3.34 6.16 -6.77
N VAL A 61 -4.04 5.43 -5.90
CA VAL A 61 -5.38 4.99 -6.21
C VAL A 61 -6.04 4.34 -4.99
N GLU A 62 -7.35 4.16 -5.09
CA GLU A 62 -8.11 3.40 -4.11
C GLU A 62 -8.40 2.02 -4.68
N LEU A 63 -7.77 1.00 -4.11
CA LEU A 63 -7.94 -0.36 -4.58
C LEU A 63 -9.09 -1.04 -3.85
N SER A 64 -9.75 -1.95 -4.54
CA SER A 64 -10.90 -2.65 -3.98
C SER A 64 -10.48 -3.48 -2.77
N ASN A 65 -9.52 -4.37 -2.96
CA ASN A 65 -9.00 -5.22 -1.88
C ASN A 65 -7.73 -5.92 -2.32
N GLY A 66 -6.80 -5.17 -2.87
CA GLY A 66 -5.55 -5.74 -3.33
C GLY A 66 -4.67 -6.20 -2.19
N THR A 67 -3.72 -7.07 -2.50
CA THR A 67 -2.81 -7.59 -1.48
C THR A 67 -1.36 -7.62 -1.98
N ALA A 68 -1.19 -7.54 -3.30
CA ALA A 68 0.13 -7.56 -3.90
C ALA A 68 0.12 -6.76 -5.19
N HIS A 69 0.25 -5.45 -5.07
CA HIS A 69 0.21 -4.58 -6.24
C HIS A 69 1.61 -4.33 -6.80
N THR A 70 1.68 -4.13 -8.10
CA THR A 70 2.92 -3.77 -8.75
C THR A 70 2.78 -2.42 -9.43
N ILE A 71 3.67 -1.49 -9.12
CA ILE A 71 3.63 -0.17 -9.70
C ILE A 71 4.86 0.08 -10.55
N THR A 72 4.66 0.68 -11.72
CA THR A 72 5.76 0.98 -12.62
C THR A 72 5.87 2.49 -12.83
N ASP A 73 5.31 3.24 -11.89
CA ASP A 73 5.41 4.69 -11.90
C ASP A 73 6.56 5.13 -11.01
N ALA A 74 7.34 4.17 -10.56
CA ALA A 74 8.40 4.45 -9.60
C ALA A 74 9.70 4.76 -10.33
N TYR A 75 10.42 5.74 -9.84
CA TYR A 75 11.67 6.15 -10.44
C TYR A 75 12.83 5.37 -9.83
N ALA A 76 13.50 4.57 -10.66
CA ALA A 76 14.58 3.70 -10.20
C ALA A 76 15.72 4.49 -9.55
N GLY A 77 15.88 5.74 -9.98
CA GLY A 77 16.96 6.56 -9.47
C GLY A 77 16.58 7.36 -8.25
N LYS A 78 15.28 7.46 -7.99
CA LYS A 78 14.79 8.25 -6.87
C LYS A 78 14.12 7.37 -5.83
N GLU A 79 14.49 7.56 -4.58
CA GLU A 79 13.91 6.81 -3.48
C GLU A 79 12.40 7.06 -3.41
N TYR A 80 11.63 5.98 -3.40
CA TYR A 80 10.19 6.09 -3.39
C TYR A 80 9.64 5.61 -2.06
N ILE A 81 8.78 6.41 -1.47
CA ILE A 81 8.13 6.02 -0.23
C ILE A 81 6.65 5.74 -0.48
N ILE A 82 6.25 4.51 -0.23
CA ILE A 82 4.90 4.06 -0.48
C ILE A 82 4.11 4.07 0.82
N GLN A 83 2.92 4.63 0.79
CA GLN A 83 2.09 4.70 1.98
C GLN A 83 0.77 3.97 1.76
N VAL A 84 0.46 3.04 2.65
CA VAL A 84 -0.74 2.21 2.55
C VAL A 84 -1.74 2.55 3.65
N ALA A 85 -3.02 2.60 3.30
CA ALA A 85 -4.09 2.83 4.28
C ALA A 85 -5.09 1.68 4.27
N ALA A 86 -5.76 1.48 5.39
CA ALA A 86 -6.77 0.44 5.52
C ALA A 86 -8.15 1.03 5.77
N LYS A 87 -9.17 0.31 5.35
CA LYS A 87 -10.56 0.71 5.53
C LYS A 87 -11.44 -0.49 5.22
N ASP A 88 -12.68 -0.49 5.67
CA ASP A 88 -13.57 -1.59 5.35
C ASP A 88 -14.19 -1.36 3.97
N ASN A 89 -14.70 -2.42 3.36
CA ASN A 89 -15.26 -2.34 2.02
C ASN A 89 -16.69 -1.83 2.05
N GLU A 90 -17.37 -2.03 3.16
CA GLU A 90 -18.75 -1.60 3.31
C GLU A 90 -18.84 -0.37 4.22
N ILE A 91 -18.25 -0.48 5.38
CA ILE A 91 -18.21 0.62 6.32
C ILE A 91 -17.09 1.59 5.95
N GLY A 92 -17.45 2.86 5.82
CA GLY A 92 -16.52 3.84 5.35
C GLY A 92 -15.60 4.38 6.44
N THR A 93 -14.91 3.47 7.10
CA THR A 93 -13.97 3.85 8.16
C THR A 93 -12.62 4.21 7.57
N TRP A 94 -12.50 5.44 7.09
CA TRP A 94 -11.30 5.89 6.39
C TRP A 94 -10.17 6.20 7.36
N SER A 95 -9.19 5.32 7.42
CA SER A 95 -8.00 5.54 8.23
C SER A 95 -6.94 6.24 7.40
N ASP A 96 -5.90 6.73 8.06
CA ASP A 96 -4.80 7.40 7.37
C ASP A 96 -3.83 6.38 6.79
N TRP A 97 -3.09 6.79 5.78
CA TRP A 97 -2.08 5.95 5.18
C TRP A 97 -0.92 5.78 6.17
N SER A 98 -0.98 4.67 6.89
CA SER A 98 -0.16 4.48 8.06
C SER A 98 1.18 3.83 7.75
N VAL A 99 1.15 2.77 6.95
CA VAL A 99 2.35 1.97 6.74
C VAL A 99 3.16 2.48 5.54
N ALA A 100 4.34 2.97 5.86
CA ALA A 100 5.27 3.47 4.85
C ALA A 100 6.24 2.38 4.42
N ALA A 101 6.48 2.30 3.12
CA ALA A 101 7.42 1.34 2.58
C ALA A 101 8.40 2.04 1.64
N HIS A 102 9.69 1.91 1.93
CA HIS A 102 10.72 2.55 1.12
C HIS A 102 11.28 1.56 0.11
N ALA A 103 11.30 1.96 -1.16
CA ALA A 103 11.82 1.10 -2.21
C ALA A 103 12.30 1.92 -3.40
N THR A 104 13.14 1.30 -4.21
CA THR A 104 13.69 1.93 -5.40
C THR A 104 13.78 0.90 -6.52
N PRO A 105 13.03 1.08 -7.63
CA PRO A 105 12.97 0.09 -8.70
C PRO A 105 14.36 -0.24 -9.27
N TRP A 106 14.44 -1.31 -10.05
CA TRP A 106 15.72 -1.76 -10.60
C TRP A 106 16.46 -0.62 -11.28
N THR A 107 17.63 -0.30 -10.77
CA THR A 107 18.41 0.79 -11.31
C THR A 107 19.24 0.34 -12.51
N GLU A 108 18.63 0.43 -13.68
CA GLU A 108 19.29 0.05 -14.92
C GLU A 108 20.36 1.07 -15.28
N GLU A 109 21.61 0.71 -15.09
CA GLU A 109 22.73 1.59 -15.36
C GLU A 109 24.00 0.77 -15.57
N GLY A 1 -21.28 4.42 16.69
CA GLY A 1 -20.04 3.64 16.42
C GLY A 1 -20.32 2.45 15.51
N PRO A 2 -19.44 2.19 14.54
CA PRO A 2 -19.62 1.11 13.57
C PRO A 2 -19.22 -0.25 14.15
N LEU A 3 -20.21 -1.06 14.47
CA LEU A 3 -19.97 -2.41 14.95
C LEU A 3 -19.95 -3.37 13.77
N GLY A 4 -18.94 -4.23 13.71
CA GLY A 4 -18.80 -5.13 12.58
C GLY A 4 -18.03 -4.50 11.44
N SER A 5 -18.51 -3.35 10.98
CA SER A 5 -17.83 -2.58 9.96
C SER A 5 -16.78 -1.67 10.60
N VAL A 6 -15.90 -2.29 11.38
CA VAL A 6 -14.91 -1.55 12.14
C VAL A 6 -13.77 -1.07 11.26
N LYS A 7 -12.95 -0.20 11.81
CA LYS A 7 -11.81 0.35 11.09
C LYS A 7 -10.64 -0.61 11.14
N PRO A 8 -10.11 -1.01 9.97
CA PRO A 8 -8.97 -1.92 9.90
C PRO A 8 -7.75 -1.37 10.64
N ASP A 9 -6.92 -2.26 11.12
CA ASP A 9 -5.66 -1.87 11.74
C ASP A 9 -4.60 -1.76 10.65
N PRO A 10 -3.54 -0.97 10.85
CA PRO A 10 -2.48 -0.82 9.85
C PRO A 10 -2.00 -2.16 9.32
N PRO A 11 -2.02 -2.33 7.97
CA PRO A 11 -1.67 -3.59 7.32
C PRO A 11 -0.37 -4.19 7.84
N GLU A 12 -0.25 -5.50 7.74
CA GLU A 12 0.93 -6.19 8.25
C GLU A 12 1.75 -6.73 7.08
N ASN A 13 3.03 -6.95 7.34
CA ASN A 13 3.96 -7.49 6.33
C ASN A 13 3.94 -6.63 5.06
N VAL A 14 3.93 -5.32 5.24
CA VAL A 14 3.91 -4.39 4.12
C VAL A 14 5.33 -4.08 3.67
N VAL A 15 5.71 -4.65 2.54
CA VAL A 15 7.05 -4.46 2.01
C VAL A 15 7.00 -4.11 0.52
N ALA A 16 7.65 -3.02 0.16
CA ALA A 16 7.77 -2.64 -1.24
C ALA A 16 9.09 -3.16 -1.79
N ARG A 17 9.04 -3.85 -2.92
CA ARG A 17 10.24 -4.46 -3.46
C ARG A 17 10.29 -4.33 -4.98
N PRO A 18 11.43 -3.91 -5.51
CA PRO A 18 11.59 -3.71 -6.95
C PRO A 18 11.50 -4.99 -7.75
N VAL A 19 11.09 -4.87 -9.00
CA VAL A 19 11.01 -6.01 -9.90
C VAL A 19 12.22 -6.00 -10.84
N PRO A 20 13.08 -7.03 -10.74
CA PRO A 20 14.30 -7.09 -11.55
C PRO A 20 13.99 -7.12 -13.04
N SER A 21 14.93 -6.62 -13.83
CA SER A 21 14.78 -6.50 -15.28
C SER A 21 13.73 -5.45 -15.64
N ASN A 22 13.25 -4.73 -14.64
CA ASN A 22 12.29 -3.66 -14.86
C ASN A 22 12.66 -2.44 -14.04
N PRO A 23 13.42 -1.51 -14.63
CA PRO A 23 13.93 -0.32 -13.92
C PRO A 23 12.87 0.74 -13.67
N ARG A 24 11.68 0.30 -13.27
CA ARG A 24 10.57 1.20 -13.01
C ARG A 24 9.49 0.54 -12.16
N ARG A 25 9.57 -0.78 -12.00
CA ARG A 25 8.54 -1.53 -11.32
C ARG A 25 8.87 -1.76 -9.84
N LEU A 26 7.91 -1.41 -8.99
CA LEU A 26 7.99 -1.67 -7.57
C LEU A 26 6.76 -2.47 -7.15
N GLU A 27 6.97 -3.59 -6.52
CA GLU A 27 5.88 -4.44 -6.07
C GLU A 27 5.66 -4.27 -4.57
N VAL A 28 4.64 -3.49 -4.23
CA VAL A 28 4.27 -3.29 -2.83
C VAL A 28 3.39 -4.44 -2.38
N THR A 29 3.95 -5.33 -1.60
CA THR A 29 3.21 -6.48 -1.12
C THR A 29 2.87 -6.33 0.36
N TRP A 30 1.64 -6.65 0.72
CA TRP A 30 1.18 -6.46 2.08
C TRP A 30 0.16 -7.53 2.46
N GLN A 31 -0.14 -7.57 3.73
CA GLN A 31 -1.15 -8.47 4.26
C GLN A 31 -2.09 -7.67 5.16
N THR A 32 -3.16 -8.28 5.60
CA THR A 32 -4.06 -7.62 6.52
C THR A 32 -3.47 -7.65 7.93
N PRO A 33 -3.89 -6.71 8.79
CA PRO A 33 -3.39 -6.64 10.17
C PRO A 33 -3.67 -7.93 10.95
N SER A 34 -2.78 -8.26 11.86
CA SER A 34 -2.93 -9.48 12.66
C SER A 34 -4.16 -9.40 13.56
N THR A 35 -4.57 -8.18 13.90
CA THR A 35 -5.74 -7.97 14.74
C THR A 35 -7.02 -8.22 13.96
N TRP A 36 -7.01 -7.90 12.67
CA TRP A 36 -8.16 -8.11 11.81
C TRP A 36 -8.48 -9.60 11.67
N PRO A 37 -9.76 -9.97 11.72
CA PRO A 37 -10.21 -11.35 11.56
C PRO A 37 -10.08 -11.83 10.10
N ASP A 38 -11.01 -12.67 9.66
CA ASP A 38 -10.99 -13.19 8.29
C ASP A 38 -11.20 -12.08 7.29
N PRO A 39 -10.23 -11.84 6.40
CA PRO A 39 -10.28 -10.76 5.41
C PRO A 39 -11.30 -11.02 4.30
N GLU A 40 -11.77 -12.26 4.21
CA GLU A 40 -12.76 -12.61 3.20
C GLU A 40 -14.17 -12.34 3.73
N SER A 41 -14.40 -12.65 4.99
CA SER A 41 -15.67 -12.35 5.63
C SER A 41 -15.79 -10.85 5.89
N PHE A 42 -14.68 -10.26 6.31
CA PHE A 42 -14.61 -8.83 6.54
C PHE A 42 -13.59 -8.20 5.59
N PRO A 43 -14.00 -7.89 4.35
CA PRO A 43 -13.09 -7.37 3.33
C PRO A 43 -12.87 -5.87 3.47
N LEU A 44 -11.65 -5.47 3.79
CA LEU A 44 -11.32 -4.06 3.89
C LEU A 44 -10.60 -3.58 2.65
N LYS A 45 -10.71 -2.30 2.35
CA LYS A 45 -10.05 -1.71 1.20
C LYS A 45 -8.61 -1.33 1.55
N PHE A 46 -7.76 -1.28 0.55
CA PHE A 46 -6.39 -0.85 0.74
C PHE A 46 -6.12 0.40 -0.08
N PHE A 47 -5.47 1.37 0.51
CA PHE A 47 -5.21 2.63 -0.16
C PHE A 47 -3.72 2.94 -0.16
N LEU A 48 -3.24 3.42 -1.29
CA LEU A 48 -1.81 3.56 -1.49
C LEU A 48 -1.41 4.97 -1.97
N ARG A 49 -0.22 5.38 -1.58
CA ARG A 49 0.40 6.61 -2.08
C ARG A 49 1.86 6.32 -2.37
N TYR A 50 2.40 6.93 -3.41
CA TYR A 50 3.77 6.64 -3.80
C TYR A 50 4.47 7.88 -4.35
N ARG A 51 4.84 8.78 -3.46
CA ARG A 51 5.59 9.97 -3.84
C ARG A 51 7.10 9.73 -3.66
N PRO A 52 7.93 9.91 -4.71
CA PRO A 52 9.38 9.80 -4.58
C PRO A 52 9.93 10.86 -3.63
N LEU A 53 11.10 10.59 -3.06
CA LEU A 53 11.72 11.48 -2.08
C LEU A 53 12.31 12.74 -2.72
N ILE A 54 11.58 13.31 -3.68
CA ILE A 54 12.00 14.52 -4.35
C ILE A 54 10.78 15.41 -4.64
N LEU A 55 9.63 15.00 -4.13
CA LEU A 55 8.39 15.69 -4.43
C LEU A 55 7.37 15.51 -3.30
N ASP A 56 6.57 16.54 -3.09
CA ASP A 56 5.49 16.48 -2.09
C ASP A 56 4.13 16.51 -2.80
N GLN A 57 3.75 15.38 -3.33
CA GLN A 57 2.47 15.25 -4.03
C GLN A 57 1.86 13.89 -3.73
N TRP A 58 1.40 13.75 -2.51
CA TRP A 58 0.88 12.48 -2.03
C TRP A 58 -0.27 11.98 -2.89
N GLN A 59 -0.35 10.67 -3.00
CA GLN A 59 -1.34 10.03 -3.83
C GLN A 59 -2.39 9.31 -3.00
N HIS A 60 -3.42 8.82 -3.66
CA HIS A 60 -4.46 8.05 -3.00
C HIS A 60 -5.15 7.14 -4.03
N VAL A 61 -4.68 5.90 -4.10
CA VAL A 61 -5.15 4.96 -5.10
C VAL A 61 -5.46 3.61 -4.48
N GLU A 62 -5.11 2.59 -5.24
CA GLU A 62 -5.20 1.20 -4.84
C GLU A 62 -6.60 0.63 -5.04
N LEU A 63 -7.07 -0.18 -4.10
CA LEU A 63 -8.20 -1.05 -4.39
C LEU A 63 -9.10 -1.29 -3.19
N SER A 64 -10.22 -1.92 -3.45
CA SER A 64 -11.15 -2.32 -2.41
C SER A 64 -10.74 -3.66 -1.82
N ASN A 65 -9.86 -4.38 -2.52
CA ASN A 65 -9.35 -5.66 -2.05
C ASN A 65 -8.14 -6.08 -2.88
N GLY A 66 -6.96 -6.01 -2.29
CA GLY A 66 -5.74 -6.37 -2.98
C GLY A 66 -4.61 -6.64 -2.02
N THR A 67 -3.59 -7.34 -2.47
CA THR A 67 -2.50 -7.75 -1.58
C THR A 67 -1.12 -7.42 -2.15
N ALA A 68 -1.03 -7.23 -3.47
CA ALA A 68 0.25 -6.94 -4.09
C ALA A 68 0.10 -5.90 -5.20
N HIS A 69 0.60 -4.70 -4.94
CA HIS A 69 0.55 -3.63 -5.93
C HIS A 69 1.81 -3.59 -6.79
N THR A 70 1.63 -3.68 -8.10
CA THR A 70 2.75 -3.54 -9.02
C THR A 70 2.73 -2.18 -9.69
N ILE A 71 3.56 -1.27 -9.21
CA ILE A 71 3.66 0.07 -9.79
C ILE A 71 4.89 0.15 -10.68
N THR A 72 4.71 0.64 -11.89
CA THR A 72 5.82 0.85 -12.80
C THR A 72 5.98 2.33 -13.10
N ASP A 73 5.50 3.14 -12.15
CA ASP A 73 5.58 4.59 -12.26
C ASP A 73 6.81 5.11 -11.54
N ALA A 74 7.52 4.21 -10.90
CA ALA A 74 8.60 4.59 -10.01
C ALA A 74 9.93 4.70 -10.74
N TYR A 75 10.64 5.78 -10.49
CA TYR A 75 11.96 5.96 -11.08
C TYR A 75 13.00 5.22 -10.25
N ALA A 76 13.68 4.27 -10.89
CA ALA A 76 14.65 3.41 -10.22
C ALA A 76 15.70 4.21 -9.43
N GLY A 77 16.01 5.40 -9.92
CA GLY A 77 17.02 6.22 -9.25
C GLY A 77 16.43 7.14 -8.20
N LYS A 78 15.13 7.02 -7.95
CA LYS A 78 14.47 7.87 -6.98
C LYS A 78 13.73 7.04 -5.95
N GLU A 79 14.14 7.17 -4.69
CA GLU A 79 13.51 6.44 -3.59
C GLU A 79 12.04 6.83 -3.48
N TYR A 80 11.18 5.84 -3.67
CA TYR A 80 9.75 6.06 -3.65
C TYR A 80 9.19 5.67 -2.29
N ILE A 81 8.57 6.61 -1.58
CA ILE A 81 7.92 6.28 -0.32
C ILE A 81 6.45 5.93 -0.57
N ILE A 82 6.15 4.65 -0.46
CA ILE A 82 4.86 4.12 -0.80
C ILE A 82 4.08 3.74 0.46
N GLN A 83 3.26 4.66 0.93
CA GLN A 83 2.52 4.47 2.15
C GLN A 83 1.17 3.81 1.88
N VAL A 84 0.80 2.87 2.73
CA VAL A 84 -0.44 2.11 2.57
C VAL A 84 -1.34 2.25 3.80
N ALA A 85 -2.64 2.40 3.56
CA ALA A 85 -3.63 2.46 4.62
C ALA A 85 -4.83 1.59 4.27
N ALA A 86 -5.91 1.71 5.06
CA ALA A 86 -7.08 0.87 4.85
C ALA A 86 -8.37 1.61 5.16
N LYS A 87 -9.49 0.92 4.94
CA LYS A 87 -10.83 1.46 5.20
C LYS A 87 -11.86 0.36 4.93
N ASP A 88 -12.98 0.37 5.64
CA ASP A 88 -14.02 -0.64 5.44
C ASP A 88 -14.71 -0.45 4.09
N ASN A 89 -15.32 -1.51 3.59
CA ASN A 89 -15.95 -1.48 2.27
C ASN A 89 -17.41 -1.06 2.36
N GLU A 90 -17.99 -1.21 3.55
CA GLU A 90 -19.40 -0.88 3.75
C GLU A 90 -19.56 0.49 4.39
N ILE A 91 -18.85 0.69 5.49
CA ILE A 91 -18.88 1.95 6.20
C ILE A 91 -17.55 2.68 5.99
N GLY A 92 -17.60 4.00 6.03
CA GLY A 92 -16.41 4.78 5.74
C GLY A 92 -15.48 4.89 6.92
N THR A 93 -15.13 3.76 7.51
CA THR A 93 -14.19 3.72 8.61
C THR A 93 -12.77 3.82 8.10
N TRP A 94 -12.35 5.04 7.77
CA TRP A 94 -11.05 5.29 7.18
C TRP A 94 -9.94 5.12 8.21
N SER A 95 -8.93 4.35 7.86
CA SER A 95 -7.75 4.21 8.70
C SER A 95 -6.71 5.24 8.29
N ASP A 96 -6.01 5.80 9.26
CA ASP A 96 -4.99 6.81 8.98
C ASP A 96 -3.84 6.20 8.19
N TRP A 97 -3.16 7.04 7.41
CA TRP A 97 -2.08 6.59 6.54
C TRP A 97 -0.97 5.96 7.38
N SER A 98 -0.95 4.64 7.37
CA SER A 98 -0.16 3.89 8.33
C SER A 98 1.25 3.54 7.82
N VAL A 99 1.36 2.42 7.12
CA VAL A 99 2.67 1.88 6.76
C VAL A 99 3.26 2.54 5.53
N ALA A 100 4.29 3.32 5.76
CA ALA A 100 5.04 3.94 4.67
C ALA A 100 6.19 3.04 4.24
N ALA A 101 6.03 2.34 3.14
CA ALA A 101 7.05 1.45 2.63
C ALA A 101 7.82 2.11 1.50
N HIS A 102 9.05 2.51 1.77
CA HIS A 102 9.87 3.14 0.73
C HIS A 102 10.74 2.10 0.03
N ALA A 103 10.96 2.30 -1.26
CA ALA A 103 11.76 1.38 -2.06
C ALA A 103 12.20 2.05 -3.35
N THR A 104 13.09 1.39 -4.07
CA THR A 104 13.58 1.89 -5.34
C THR A 104 13.56 0.78 -6.38
N PRO A 105 12.95 1.02 -7.57
CA PRO A 105 12.90 0.02 -8.63
C PRO A 105 14.30 -0.47 -9.05
N TRP A 106 14.34 -1.57 -9.79
CA TRP A 106 15.60 -2.16 -10.21
C TRP A 106 16.44 -1.13 -10.97
N THR A 107 17.58 -0.78 -10.39
CA THR A 107 18.46 0.18 -11.01
C THR A 107 19.65 -0.53 -11.64
N GLU A 108 19.60 -0.70 -12.95
CA GLU A 108 20.63 -1.44 -13.65
C GLU A 108 21.96 -0.70 -13.60
N GLU A 109 22.95 -1.33 -12.97
CA GLU A 109 24.27 -0.74 -12.84
C GLU A 109 25.21 -1.34 -13.89
N GLY A 1 -16.85 1.97 19.79
CA GLY A 1 -15.75 2.93 19.54
C GLY A 1 -16.26 4.33 19.33
N PRO A 2 -15.40 5.26 18.86
CA PRO A 2 -15.78 6.65 18.65
C PRO A 2 -16.85 6.83 17.57
N LEU A 3 -16.73 6.03 16.51
CA LEU A 3 -17.68 6.08 15.42
C LEU A 3 -18.40 4.74 15.30
N GLY A 4 -19.32 4.65 14.34
CA GLY A 4 -20.02 3.41 14.11
C GLY A 4 -19.29 2.51 13.13
N SER A 5 -17.97 2.56 13.18
CA SER A 5 -17.13 1.78 12.30
C SER A 5 -16.07 1.03 13.10
N VAL A 6 -15.61 -0.10 12.59
CA VAL A 6 -14.63 -0.92 13.29
C VAL A 6 -13.23 -0.31 13.19
N LYS A 7 -12.88 0.19 12.00
CA LYS A 7 -11.57 0.80 11.74
C LYS A 7 -10.46 -0.25 11.87
N PRO A 8 -9.94 -0.74 10.74
CA PRO A 8 -8.88 -1.75 10.74
C PRO A 8 -7.56 -1.21 11.26
N ASP A 9 -6.64 -2.12 11.55
CA ASP A 9 -5.33 -1.73 12.04
C ASP A 9 -4.38 -1.55 10.87
N PRO A 10 -3.23 -0.88 11.08
CA PRO A 10 -2.22 -0.70 10.04
C PRO A 10 -1.80 -2.04 9.42
N PRO A 11 -1.89 -2.15 8.08
CA PRO A 11 -1.56 -3.39 7.37
C PRO A 11 -0.15 -3.89 7.69
N GLU A 12 0.02 -5.19 7.59
CA GLU A 12 1.32 -5.80 7.87
C GLU A 12 1.85 -6.51 6.62
N ASN A 13 3.07 -7.03 6.73
CA ASN A 13 3.73 -7.71 5.61
C ASN A 13 3.95 -6.75 4.43
N VAL A 14 3.95 -5.46 4.72
CA VAL A 14 4.05 -4.44 3.69
C VAL A 14 5.50 -4.14 3.34
N VAL A 15 5.84 -4.35 2.07
CA VAL A 15 7.17 -4.03 1.58
C VAL A 15 7.15 -3.91 0.05
N ALA A 16 7.80 -2.88 -0.47
CA ALA A 16 7.87 -2.67 -1.91
C ALA A 16 9.12 -3.33 -2.45
N ARG A 17 8.93 -4.21 -3.41
CA ARG A 17 10.02 -5.03 -3.91
C ARG A 17 10.56 -4.51 -5.24
N PRO A 18 11.89 -4.34 -5.33
CA PRO A 18 12.55 -3.92 -6.55
C PRO A 18 12.57 -5.02 -7.59
N VAL A 19 11.85 -4.82 -8.68
CA VAL A 19 11.80 -5.79 -9.75
C VAL A 19 13.06 -5.69 -10.60
N PRO A 20 13.90 -6.75 -10.61
CA PRO A 20 15.19 -6.75 -11.31
C PRO A 20 15.02 -6.65 -12.82
N SER A 21 13.85 -7.06 -13.31
CA SER A 21 13.58 -7.06 -14.73
C SER A 21 12.88 -5.77 -15.16
N ASN A 22 12.66 -4.87 -14.21
CA ASN A 22 11.96 -3.62 -14.49
C ASN A 22 12.59 -2.46 -13.75
N PRO A 23 13.20 -1.53 -14.48
CA PRO A 23 13.89 -0.37 -13.90
C PRO A 23 12.95 0.70 -13.37
N ARG A 24 11.67 0.37 -13.27
CA ARG A 24 10.68 1.33 -12.84
C ARG A 24 9.57 0.66 -12.02
N ARG A 25 9.65 -0.65 -11.86
CA ARG A 25 8.57 -1.37 -11.17
C ARG A 25 8.90 -1.69 -9.73
N LEU A 26 7.95 -1.37 -8.86
CA LEU A 26 8.01 -1.74 -7.46
C LEU A 26 6.84 -2.65 -7.13
N GLU A 27 7.13 -3.89 -6.80
CA GLU A 27 6.09 -4.85 -6.48
C GLU A 27 5.68 -4.73 -5.02
N VAL A 28 4.62 -3.97 -4.79
CA VAL A 28 4.16 -3.68 -3.43
C VAL A 28 3.24 -4.77 -2.92
N THR A 29 3.78 -5.65 -2.09
CA THR A 29 2.98 -6.71 -1.50
C THR A 29 2.79 -6.47 -0.01
N TRP A 30 1.62 -6.85 0.50
CA TRP A 30 1.33 -6.71 1.91
C TRP A 30 0.20 -7.65 2.31
N GLN A 31 -0.25 -7.52 3.54
CA GLN A 31 -1.34 -8.30 4.07
C GLN A 31 -2.17 -7.44 5.00
N THR A 32 -3.24 -7.99 5.52
CA THR A 32 -4.04 -7.29 6.52
C THR A 32 -3.25 -7.23 7.83
N PRO A 33 -3.61 -6.32 8.74
CA PRO A 33 -2.93 -6.21 10.04
C PRO A 33 -2.93 -7.54 10.79
N SER A 34 -1.97 -7.71 11.69
CA SER A 34 -1.85 -8.93 12.47
C SER A 34 -3.09 -9.14 13.34
N THR A 35 -3.78 -8.05 13.63
CA THR A 35 -4.98 -8.09 14.43
C THR A 35 -6.19 -8.53 13.60
N TRP A 36 -6.09 -8.36 12.29
CA TRP A 36 -7.16 -8.75 11.39
C TRP A 36 -7.08 -10.23 11.06
N PRO A 37 -8.15 -10.98 11.31
CA PRO A 37 -8.21 -12.42 11.06
C PRO A 37 -8.73 -12.73 9.66
N ASP A 38 -10.05 -12.83 9.53
CA ASP A 38 -10.67 -13.13 8.25
C ASP A 38 -10.95 -11.84 7.48
N PRO A 39 -10.32 -11.67 6.31
CA PRO A 39 -10.50 -10.50 5.47
C PRO A 39 -11.55 -10.72 4.38
N GLU A 40 -12.49 -11.61 4.65
CA GLU A 40 -13.56 -11.91 3.70
C GLU A 40 -14.87 -11.34 4.21
N SER A 41 -15.10 -11.48 5.50
CA SER A 41 -16.25 -10.88 6.15
C SER A 41 -16.06 -9.37 6.18
N PHE A 42 -14.81 -8.96 6.40
CA PHE A 42 -14.43 -7.56 6.28
C PHE A 42 -13.43 -7.43 5.12
N PRO A 43 -13.93 -7.13 3.91
CA PRO A 43 -13.12 -7.12 2.68
C PRO A 43 -11.93 -6.17 2.76
N LEU A 44 -12.19 -4.97 3.29
CA LEU A 44 -11.18 -3.93 3.45
C LEU A 44 -10.80 -3.28 2.12
N LYS A 45 -10.74 -1.96 2.16
CA LYS A 45 -10.31 -1.16 1.03
C LYS A 45 -8.97 -0.50 1.37
N PHE A 46 -7.90 -0.97 0.76
CA PHE A 46 -6.57 -0.49 1.08
C PHE A 46 -6.24 0.78 0.30
N PHE A 47 -5.43 1.63 0.89
CA PHE A 47 -5.03 2.88 0.26
C PHE A 47 -3.56 2.83 -0.12
N LEU A 48 -3.26 3.13 -1.36
CA LEU A 48 -1.89 3.11 -1.85
C LEU A 48 -1.51 4.45 -2.47
N ARG A 49 -0.73 5.25 -1.75
CA ARG A 49 -0.20 6.49 -2.31
C ARG A 49 1.31 6.37 -2.45
N TYR A 50 1.82 6.66 -3.64
CA TYR A 50 3.24 6.50 -3.90
C TYR A 50 3.90 7.83 -4.25
N ARG A 51 4.54 8.43 -3.26
CA ARG A 51 5.22 9.71 -3.43
C ARG A 51 6.69 9.52 -3.79
N PRO A 52 7.14 10.09 -4.92
CA PRO A 52 8.56 10.10 -5.25
C PRO A 52 9.33 10.96 -4.24
N LEU A 53 10.45 10.46 -3.75
CA LEU A 53 11.19 11.14 -2.69
C LEU A 53 11.65 12.53 -3.11
N ILE A 54 11.65 12.79 -4.41
CA ILE A 54 12.08 14.08 -4.93
C ILE A 54 10.91 15.01 -5.24
N LEU A 55 9.70 14.47 -5.22
CA LEU A 55 8.53 15.25 -5.58
C LEU A 55 7.39 15.02 -4.61
N ASP A 56 6.87 16.11 -4.07
CA ASP A 56 5.76 16.07 -3.15
C ASP A 56 4.44 15.86 -3.91
N GLN A 57 4.28 14.67 -4.44
CA GLN A 57 3.13 14.34 -5.25
C GLN A 57 2.45 13.08 -4.74
N TRP A 58 1.33 13.25 -4.07
CA TRP A 58 0.60 12.14 -3.51
C TRP A 58 -0.42 11.61 -4.50
N GLN A 59 -0.47 10.29 -4.63
CA GLN A 59 -1.39 9.64 -5.55
C GLN A 59 -1.86 8.32 -4.95
N HIS A 60 -3.06 8.33 -4.41
CA HIS A 60 -3.57 7.16 -3.70
C HIS A 60 -4.70 6.48 -4.47
N VAL A 61 -4.63 5.15 -4.53
CA VAL A 61 -5.68 4.35 -5.14
C VAL A 61 -6.37 3.51 -4.09
N GLU A 62 -7.63 3.18 -4.34
CA GLU A 62 -8.40 2.37 -3.41
C GLU A 62 -8.46 0.93 -3.90
N LEU A 63 -7.94 0.01 -3.10
CA LEU A 63 -7.85 -1.38 -3.49
C LEU A 63 -8.69 -2.27 -2.58
N SER A 64 -9.87 -2.62 -3.04
CA SER A 64 -10.73 -3.56 -2.32
C SER A 64 -10.11 -4.95 -2.35
N ASN A 65 -9.67 -5.43 -1.19
CA ASN A 65 -8.98 -6.72 -1.08
C ASN A 65 -7.61 -6.67 -1.75
N GLY A 66 -7.17 -5.47 -2.08
CA GLY A 66 -5.88 -5.29 -2.72
C GLY A 66 -4.73 -5.52 -1.75
N THR A 67 -3.93 -6.52 -2.03
CA THR A 67 -2.83 -6.88 -1.14
C THR A 67 -1.55 -7.15 -1.92
N ALA A 68 -1.65 -7.09 -3.24
CA ALA A 68 -0.49 -7.32 -4.10
C ALA A 68 -0.50 -6.35 -5.27
N HIS A 69 -0.12 -5.11 -5.00
CA HIS A 69 -0.05 -4.09 -6.03
C HIS A 69 1.34 -4.04 -6.65
N THR A 70 1.49 -3.23 -7.68
CA THR A 70 2.77 -3.03 -8.34
C THR A 70 2.70 -1.76 -9.18
N ILE A 71 3.79 -1.01 -9.19
CA ILE A 71 3.81 0.26 -9.89
C ILE A 71 5.07 0.40 -10.73
N THR A 72 4.87 0.72 -11.99
CA THR A 72 5.99 0.99 -12.91
C THR A 72 6.26 2.48 -12.95
N ASP A 73 5.84 3.16 -11.89
CA ASP A 73 6.03 4.60 -11.76
C ASP A 73 7.27 4.89 -10.94
N ALA A 74 7.75 3.87 -10.26
CA ALA A 74 8.82 4.01 -9.29
C ALA A 74 10.14 4.38 -9.95
N TYR A 75 10.83 5.33 -9.37
CA TYR A 75 12.10 5.76 -9.89
C TYR A 75 13.22 4.90 -9.32
N ALA A 76 14.13 4.48 -10.18
CA ALA A 76 15.29 3.71 -9.75
C ALA A 76 16.38 4.65 -9.25
N GLY A 77 16.24 5.91 -9.62
CA GLY A 77 17.19 6.92 -9.21
C GLY A 77 16.81 7.59 -7.90
N LYS A 78 15.57 7.38 -7.47
CA LYS A 78 15.11 7.92 -6.20
C LYS A 78 13.93 7.12 -5.67
N GLU A 79 14.03 6.74 -4.40
CA GLU A 79 13.04 5.89 -3.77
C GLU A 79 11.62 6.44 -3.88
N TYR A 80 10.68 5.53 -3.91
CA TYR A 80 9.27 5.89 -3.90
C TYR A 80 8.67 5.47 -2.57
N ILE A 81 8.11 6.43 -1.85
CA ILE A 81 7.52 6.13 -0.55
C ILE A 81 6.02 5.85 -0.71
N ILE A 82 5.68 4.58 -0.64
CA ILE A 82 4.32 4.14 -0.83
C ILE A 82 3.65 3.93 0.52
N GLN A 83 2.84 4.90 0.92
CA GLN A 83 2.15 4.83 2.19
C GLN A 83 0.81 4.12 2.04
N VAL A 84 0.65 3.05 2.80
CA VAL A 84 -0.55 2.23 2.75
C VAL A 84 -1.40 2.42 4.00
N ALA A 85 -2.70 2.57 3.81
CA ALA A 85 -3.65 2.70 4.92
C ALA A 85 -4.81 1.75 4.72
N ALA A 86 -5.74 1.72 5.67
CA ALA A 86 -6.87 0.79 5.61
C ALA A 86 -8.20 1.49 5.78
N LYS A 87 -9.22 0.89 5.19
CA LYS A 87 -10.60 1.35 5.30
C LYS A 87 -11.51 0.16 5.02
N ASP A 88 -12.79 0.27 5.31
CA ASP A 88 -13.73 -0.79 4.97
C ASP A 88 -14.32 -0.50 3.58
N ASN A 89 -14.77 -1.54 2.91
CA ASN A 89 -15.34 -1.40 1.58
C ASN A 89 -16.68 -0.67 1.64
N GLU A 90 -17.54 -1.09 2.56
CA GLU A 90 -18.85 -0.47 2.71
C GLU A 90 -18.76 0.80 3.54
N ILE A 91 -18.26 0.67 4.76
CA ILE A 91 -18.16 1.80 5.65
C ILE A 91 -16.88 2.58 5.40
N GLY A 92 -17.04 3.86 5.12
CA GLY A 92 -15.91 4.71 4.83
C GLY A 92 -15.15 5.12 6.09
N THR A 93 -14.59 4.13 6.77
CA THR A 93 -13.81 4.39 7.97
C THR A 93 -12.35 4.63 7.61
N TRP A 94 -12.00 5.90 7.43
CA TRP A 94 -10.67 6.26 6.96
C TRP A 94 -9.67 6.26 8.11
N SER A 95 -8.85 5.22 8.15
CA SER A 95 -7.79 5.14 9.14
C SER A 95 -6.61 6.00 8.70
N ASP A 96 -5.71 6.29 9.63
CA ASP A 96 -4.59 7.15 9.32
C ASP A 96 -3.56 6.43 8.45
N TRP A 97 -2.73 7.21 7.79
CA TRP A 97 -1.71 6.68 6.90
C TRP A 97 -0.63 5.94 7.71
N SER A 98 -0.65 4.63 7.61
CA SER A 98 0.16 3.80 8.49
C SER A 98 1.55 3.51 7.90
N VAL A 99 1.63 2.49 7.06
CA VAL A 99 2.92 1.99 6.60
C VAL A 99 3.43 2.74 5.38
N ALA A 100 4.51 3.45 5.57
CA ALA A 100 5.20 4.13 4.48
C ALA A 100 6.29 3.24 3.90
N ALA A 101 5.95 2.45 2.89
CA ALA A 101 6.91 1.54 2.28
C ALA A 101 7.73 2.26 1.21
N HIS A 102 8.96 2.60 1.55
CA HIS A 102 9.83 3.30 0.61
C HIS A 102 10.86 2.34 0.03
N ALA A 103 10.87 2.24 -1.29
CA ALA A 103 11.78 1.32 -1.97
C ALA A 103 12.21 1.88 -3.33
N THR A 104 13.04 1.14 -4.03
CA THR A 104 13.58 1.56 -5.32
C THR A 104 13.72 0.37 -6.26
N PRO A 105 13.15 0.45 -7.48
CA PRO A 105 13.22 -0.64 -8.45
C PRO A 105 14.64 -0.83 -9.00
N TRP A 106 14.77 -1.65 -10.04
CA TRP A 106 16.08 -1.97 -10.59
C TRP A 106 16.80 -0.71 -11.07
N THR A 107 17.96 -0.46 -10.49
CA THR A 107 18.81 0.64 -10.91
C THR A 107 19.52 0.26 -12.22
N GLU A 108 18.84 0.54 -13.31
CA GLU A 108 19.30 0.14 -14.63
C GLU A 108 20.69 0.68 -14.93
N GLU A 109 20.93 1.93 -14.56
CA GLU A 109 22.21 2.57 -14.81
C GLU A 109 22.56 3.50 -13.65
N GLY A 1 -11.32 -1.72 19.50
CA GLY A 1 -12.24 -0.66 19.99
C GLY A 1 -12.84 0.13 18.85
N PRO A 2 -14.09 -0.16 18.47
CA PRO A 2 -14.75 0.49 17.33
C PRO A 2 -14.94 2.00 17.54
N LEU A 3 -15.71 2.34 18.57
CA LEU A 3 -16.02 3.75 18.88
C LEU A 3 -16.73 4.40 17.69
N GLY A 4 -17.89 3.86 17.34
CA GLY A 4 -18.62 4.34 16.20
C GLY A 4 -18.35 3.51 14.96
N SER A 5 -17.74 4.12 13.97
CA SER A 5 -17.36 3.42 12.76
C SER A 5 -16.06 2.66 12.99
N VAL A 6 -16.06 1.38 12.65
CA VAL A 6 -14.89 0.54 12.87
C VAL A 6 -13.91 0.65 11.71
N LYS A 7 -12.65 0.92 12.02
CA LYS A 7 -11.61 0.98 11.03
C LYS A 7 -10.61 -0.15 11.27
N PRO A 8 -10.08 -0.77 10.20
CA PRO A 8 -9.16 -1.90 10.30
C PRO A 8 -7.86 -1.52 11.00
N ASP A 9 -7.02 -2.51 11.26
CA ASP A 9 -5.74 -2.26 11.92
C ASP A 9 -4.68 -1.92 10.88
N PRO A 10 -3.55 -1.33 11.29
CA PRO A 10 -2.47 -0.99 10.36
C PRO A 10 -1.99 -2.20 9.56
N PRO A 11 -1.94 -2.06 8.22
CA PRO A 11 -1.58 -3.15 7.32
C PRO A 11 -0.28 -3.86 7.71
N GLU A 12 -0.18 -5.13 7.38
CA GLU A 12 0.98 -5.93 7.71
C GLU A 12 1.64 -6.48 6.46
N ASN A 13 2.83 -7.05 6.62
CA ASN A 13 3.55 -7.71 5.52
C ASN A 13 3.83 -6.74 4.36
N VAL A 14 3.84 -5.45 4.65
CA VAL A 14 4.01 -4.44 3.62
C VAL A 14 5.47 -4.28 3.20
N VAL A 15 5.75 -4.62 1.96
CA VAL A 15 7.08 -4.47 1.40
C VAL A 15 7.01 -4.13 -0.09
N ALA A 16 7.80 -3.15 -0.51
CA ALA A 16 7.88 -2.77 -1.90
C ALA A 16 9.23 -3.18 -2.46
N ARG A 17 9.22 -4.17 -3.34
CA ARG A 17 10.45 -4.79 -3.81
C ARG A 17 10.76 -4.43 -5.26
N PRO A 18 12.03 -4.17 -5.58
CA PRO A 18 12.45 -3.87 -6.95
C PRO A 18 12.39 -5.12 -7.83
N VAL A 19 11.63 -5.04 -8.91
CA VAL A 19 11.47 -6.17 -9.81
C VAL A 19 12.69 -6.29 -10.74
N PRO A 20 13.45 -7.39 -10.63
CA PRO A 20 14.67 -7.60 -11.41
C PRO A 20 14.44 -7.54 -12.92
N SER A 21 13.22 -7.84 -13.34
CA SER A 21 12.88 -7.84 -14.76
C SER A 21 12.63 -6.42 -15.27
N ASN A 22 12.06 -5.57 -14.43
CA ASN A 22 11.73 -4.21 -14.82
C ASN A 22 12.33 -3.18 -13.87
N PRO A 23 13.24 -2.34 -14.38
CA PRO A 23 13.93 -1.31 -13.58
C PRO A 23 13.00 -0.22 -13.04
N ARG A 24 11.76 -0.19 -13.52
CA ARG A 24 10.83 0.85 -13.11
C ARG A 24 9.70 0.29 -12.26
N ARG A 25 9.70 -1.02 -12.09
CA ARG A 25 8.60 -1.69 -11.42
C ARG A 25 8.91 -2.02 -9.97
N LEU A 26 7.95 -1.70 -9.11
CA LEU A 26 8.01 -2.06 -7.71
C LEU A 26 6.95 -3.09 -7.38
N GLU A 27 7.37 -4.20 -6.81
CA GLU A 27 6.45 -5.24 -6.36
C GLU A 27 5.97 -4.92 -4.95
N VAL A 28 4.94 -4.11 -4.88
CA VAL A 28 4.38 -3.68 -3.61
C VAL A 28 3.43 -4.75 -3.07
N THR A 29 3.93 -5.55 -2.15
CA THR A 29 3.13 -6.63 -1.60
C THR A 29 2.89 -6.44 -0.11
N TRP A 30 1.73 -6.85 0.37
CA TRP A 30 1.39 -6.74 1.78
C TRP A 30 0.29 -7.74 2.14
N GLN A 31 -0.25 -7.59 3.33
CA GLN A 31 -1.33 -8.42 3.81
C GLN A 31 -2.23 -7.61 4.72
N THR A 32 -3.37 -8.18 5.08
CA THR A 32 -4.25 -7.54 6.04
C THR A 32 -3.63 -7.61 7.44
N PRO A 33 -3.98 -6.66 8.31
CA PRO A 33 -3.45 -6.61 9.67
C PRO A 33 -3.71 -7.90 10.44
N SER A 34 -2.86 -8.19 11.41
CA SER A 34 -2.97 -9.40 12.22
C SER A 34 -4.28 -9.40 13.01
N THR A 35 -4.75 -8.22 13.38
CA THR A 35 -5.97 -8.09 14.17
C THR A 35 -7.22 -8.14 13.28
N TRP A 36 -7.04 -8.31 11.97
CA TRP A 36 -8.17 -8.38 11.05
C TRP A 36 -8.43 -9.82 10.63
N PRO A 37 -9.71 -10.22 10.56
CA PRO A 37 -10.11 -11.55 10.11
C PRO A 37 -10.00 -11.68 8.60
N ASP A 38 -10.66 -12.68 8.03
CA ASP A 38 -10.61 -12.90 6.59
C ASP A 38 -11.28 -11.75 5.84
N PRO A 39 -10.58 -11.21 4.82
CA PRO A 39 -11.06 -10.07 4.05
C PRO A 39 -12.33 -10.35 3.26
N GLU A 40 -12.71 -11.62 3.15
CA GLU A 40 -13.95 -11.98 2.48
C GLU A 40 -15.14 -11.71 3.39
N SER A 41 -14.96 -11.99 4.67
CA SER A 41 -16.00 -11.72 5.65
C SER A 41 -15.98 -10.26 6.07
N PHE A 42 -14.78 -9.71 6.17
CA PHE A 42 -14.62 -8.31 6.52
C PHE A 42 -13.78 -7.59 5.46
N PRO A 43 -14.41 -7.18 4.34
CA PRO A 43 -13.72 -6.56 3.21
C PRO A 43 -12.98 -5.29 3.59
N LEU A 44 -11.70 -5.24 3.22
CA LEU A 44 -10.85 -4.12 3.54
C LEU A 44 -10.49 -3.33 2.28
N LYS A 45 -10.58 -2.01 2.37
CA LYS A 45 -10.14 -1.16 1.29
C LYS A 45 -8.81 -0.52 1.64
N PHE A 46 -7.76 -0.90 0.92
CA PHE A 46 -6.43 -0.41 1.18
C PHE A 46 -6.15 0.85 0.38
N PHE A 47 -5.44 1.79 0.99
CA PHE A 47 -5.09 3.02 0.31
C PHE A 47 -3.58 3.14 0.18
N LEU A 48 -3.11 3.17 -1.05
CA LEU A 48 -1.69 3.21 -1.32
C LEU A 48 -1.31 4.52 -2.00
N ARG A 49 -0.48 5.32 -1.34
CA ARG A 49 0.07 6.51 -1.98
C ARG A 49 1.55 6.29 -2.23
N TYR A 50 2.00 6.67 -3.40
CA TYR A 50 3.38 6.42 -3.80
C TYR A 50 4.03 7.68 -4.38
N ARG A 51 4.52 8.53 -3.52
CA ARG A 51 5.17 9.76 -3.94
C ARG A 51 6.67 9.58 -4.09
N PRO A 52 7.24 9.90 -5.26
CA PRO A 52 8.68 9.98 -5.41
C PRO A 52 9.23 11.15 -4.62
N LEU A 53 10.37 10.97 -3.98
CA LEU A 53 10.96 12.03 -3.16
C LEU A 53 11.60 13.11 -4.04
N ILE A 54 10.91 13.48 -5.12
CA ILE A 54 11.37 14.50 -6.04
C ILE A 54 10.21 15.23 -6.70
N LEU A 55 9.05 14.57 -6.80
CA LEU A 55 7.94 15.13 -7.56
C LEU A 55 6.63 14.43 -7.20
N ASP A 56 5.64 14.63 -8.06
CA ASP A 56 4.33 13.97 -8.00
C ASP A 56 3.48 14.41 -6.80
N GLN A 57 4.07 14.35 -5.61
CA GLN A 57 3.34 14.57 -4.37
C GLN A 57 2.46 13.37 -4.07
N TRP A 58 1.60 13.48 -3.09
CA TRP A 58 0.83 12.33 -2.65
C TRP A 58 -0.19 11.91 -3.68
N GLN A 59 -0.18 10.63 -4.01
CA GLN A 59 -1.08 10.08 -5.00
C GLN A 59 -1.50 8.68 -4.57
N HIS A 60 -2.74 8.55 -4.16
CA HIS A 60 -3.22 7.30 -3.59
C HIS A 60 -4.12 6.54 -4.56
N VAL A 61 -4.04 5.22 -4.46
CA VAL A 61 -4.88 4.33 -5.25
C VAL A 61 -5.71 3.45 -4.31
N GLU A 62 -6.89 3.07 -4.75
CA GLU A 62 -7.79 2.28 -3.93
C GLU A 62 -7.67 0.80 -4.24
N LEU A 63 -7.49 0.00 -3.21
CA LEU A 63 -7.33 -1.43 -3.36
C LEU A 63 -8.39 -2.18 -2.56
N SER A 64 -9.46 -2.59 -3.23
CA SER A 64 -10.52 -3.37 -2.60
C SER A 64 -10.06 -4.80 -2.38
N ASN A 65 -9.59 -5.09 -1.17
CA ASN A 65 -9.08 -6.41 -0.81
C ASN A 65 -7.86 -6.77 -1.64
N GLY A 66 -7.11 -5.75 -2.04
CA GLY A 66 -5.89 -5.97 -2.79
C GLY A 66 -4.69 -6.09 -1.86
N THR A 67 -3.74 -6.93 -2.24
CA THR A 67 -2.59 -7.20 -1.39
C THR A 67 -1.30 -7.28 -2.19
N ALA A 68 -1.41 -7.28 -3.51
CA ALA A 68 -0.25 -7.36 -4.38
C ALA A 68 -0.30 -6.31 -5.48
N HIS A 69 0.15 -5.11 -5.17
CA HIS A 69 0.20 -4.03 -6.15
C HIS A 69 1.55 -4.01 -6.86
N THR A 70 1.56 -3.49 -8.06
CA THR A 70 2.78 -3.40 -8.85
C THR A 70 2.79 -2.08 -9.61
N ILE A 71 3.81 -1.27 -9.37
CA ILE A 71 3.89 0.06 -9.95
C ILE A 71 5.15 0.20 -10.78
N THR A 72 4.98 0.40 -12.09
CA THR A 72 6.10 0.63 -12.99
C THR A 72 6.26 2.13 -13.24
N ASP A 73 5.60 2.90 -12.39
CA ASP A 73 5.63 4.35 -12.45
C ASP A 73 6.69 4.91 -11.53
N ALA A 74 7.49 4.03 -10.96
CA ALA A 74 8.38 4.43 -9.90
C ALA A 74 9.74 4.85 -10.44
N TYR A 75 10.40 5.71 -9.69
CA TYR A 75 11.70 6.23 -10.07
C TYR A 75 12.80 5.34 -9.51
N ALA A 76 13.45 4.58 -10.38
CA ALA A 76 14.47 3.62 -9.96
C ALA A 76 15.56 4.30 -9.14
N GLY A 77 16.04 5.42 -9.66
CA GLY A 77 17.12 6.14 -9.00
C GLY A 77 16.64 7.18 -8.02
N LYS A 78 15.44 6.99 -7.47
CA LYS A 78 14.90 7.92 -6.51
C LYS A 78 14.06 7.19 -5.47
N GLU A 79 14.03 7.72 -4.26
CA GLU A 79 13.28 7.10 -3.18
C GLU A 79 11.79 7.31 -3.38
N TYR A 80 11.06 6.22 -3.33
CA TYR A 80 9.61 6.26 -3.45
C TYR A 80 8.98 5.99 -2.09
N ILE A 81 8.30 6.98 -1.53
CA ILE A 81 7.64 6.79 -0.25
C ILE A 81 6.21 6.30 -0.48
N ILE A 82 5.99 5.03 -0.18
CA ILE A 82 4.72 4.39 -0.42
C ILE A 82 4.04 4.08 0.91
N GLN A 83 3.07 4.91 1.27
CA GLN A 83 2.34 4.68 2.50
C GLN A 83 1.03 3.98 2.23
N VAL A 84 0.65 3.12 3.17
CA VAL A 84 -0.56 2.33 3.05
C VAL A 84 -1.48 2.60 4.24
N ALA A 85 -2.73 2.96 3.94
CA ALA A 85 -3.76 3.18 4.95
C ALA A 85 -4.81 2.07 4.87
N ALA A 86 -5.86 2.17 5.67
CA ALA A 86 -6.90 1.17 5.67
C ALA A 86 -8.28 1.79 5.92
N LYS A 87 -9.30 1.10 5.46
CA LYS A 87 -10.69 1.55 5.62
C LYS A 87 -11.63 0.37 5.36
N ASP A 88 -12.76 0.36 6.06
CA ASP A 88 -13.76 -0.70 5.85
C ASP A 88 -14.45 -0.48 4.51
N ASN A 89 -14.71 -1.55 3.79
CA ASN A 89 -15.27 -1.44 2.44
C ASN A 89 -16.70 -0.88 2.49
N GLU A 90 -17.36 -1.04 3.63
CA GLU A 90 -18.72 -0.54 3.80
C GLU A 90 -18.73 0.77 4.57
N ILE A 91 -18.06 0.79 5.71
CA ILE A 91 -18.01 1.98 6.54
C ILE A 91 -16.81 2.84 6.13
N GLY A 92 -17.06 4.12 5.93
CA GLY A 92 -16.02 5.02 5.47
C GLY A 92 -15.09 5.46 6.58
N THR A 93 -14.61 4.51 7.37
CA THR A 93 -13.67 4.81 8.42
C THR A 93 -12.25 4.85 7.87
N TRP A 94 -11.82 6.04 7.46
CA TRP A 94 -10.51 6.23 6.88
C TRP A 94 -9.45 6.28 7.97
N SER A 95 -8.71 5.20 8.13
CA SER A 95 -7.60 5.17 9.07
C SER A 95 -6.41 5.92 8.47
N ASP A 96 -5.66 6.62 9.30
CA ASP A 96 -4.53 7.39 8.81
C ASP A 96 -3.47 6.47 8.23
N TRP A 97 -2.84 6.93 7.15
CA TRP A 97 -1.81 6.16 6.46
C TRP A 97 -0.76 5.66 7.44
N SER A 98 -0.64 4.36 7.49
CA SER A 98 0.16 3.71 8.52
C SER A 98 1.57 3.43 8.06
N VAL A 99 1.73 2.44 7.20
CA VAL A 99 3.04 1.96 6.82
C VAL A 99 3.61 2.75 5.66
N ALA A 100 4.64 3.54 5.96
CA ALA A 100 5.36 4.29 4.95
C ALA A 100 6.55 3.48 4.46
N ALA A 101 6.36 2.74 3.38
CA ALA A 101 7.41 1.90 2.83
C ALA A 101 8.36 2.72 1.97
N HIS A 102 9.65 2.47 2.14
CA HIS A 102 10.67 3.18 1.36
C HIS A 102 11.15 2.29 0.21
N ALA A 103 10.73 2.61 -0.99
CA ALA A 103 11.00 1.77 -2.13
C ALA A 103 11.92 2.43 -3.15
N THR A 104 12.54 1.62 -3.98
CA THR A 104 13.45 2.10 -5.02
C THR A 104 13.55 1.03 -6.12
N PRO A 105 12.87 1.23 -7.27
CA PRO A 105 12.83 0.24 -8.34
C PRO A 105 14.22 -0.25 -8.75
N TRP A 106 14.25 -1.40 -9.40
CA TRP A 106 15.48 -2.05 -9.84
C TRP A 106 16.48 -1.06 -10.46
N THR A 107 17.62 -0.89 -9.81
CA THR A 107 18.62 0.07 -10.25
C THR A 107 19.99 -0.56 -10.45
N GLU A 108 20.05 -1.60 -11.27
CA GLU A 108 21.30 -2.24 -11.56
C GLU A 108 21.96 -1.65 -12.80
N GLU A 109 21.19 -0.86 -13.55
CA GLU A 109 21.71 -0.22 -14.75
C GLU A 109 21.07 1.15 -14.93
N GLY A 1 -21.62 6.22 15.60
CA GLY A 1 -20.22 5.99 15.20
C GLY A 1 -20.03 4.63 14.56
N PRO A 2 -18.83 4.31 14.08
CA PRO A 2 -18.55 3.02 13.46
C PRO A 2 -18.34 1.92 14.48
N LEU A 3 -19.00 0.79 14.27
CA LEU A 3 -18.88 -0.35 15.16
C LEU A 3 -18.72 -1.64 14.36
N GLY A 4 -17.80 -2.48 14.79
CA GLY A 4 -17.53 -3.71 14.08
C GLY A 4 -16.21 -3.63 13.33
N SER A 5 -16.27 -3.24 12.07
CA SER A 5 -15.07 -3.10 11.28
C SER A 5 -14.30 -1.85 11.67
N VAL A 6 -14.99 -0.71 11.65
CA VAL A 6 -14.37 0.58 11.93
C VAL A 6 -13.21 0.80 10.94
N LYS A 7 -12.04 1.13 11.45
CA LYS A 7 -10.87 1.29 10.62
C LYS A 7 -9.82 0.24 10.96
N PRO A 8 -9.41 -0.58 9.99
CA PRO A 8 -8.44 -1.65 10.19
C PRO A 8 -7.10 -1.11 10.69
N ASP A 9 -6.30 -2.00 11.27
CA ASP A 9 -5.00 -1.61 11.83
C ASP A 9 -3.97 -1.49 10.72
N PRO A 10 -2.80 -0.86 11.02
CA PRO A 10 -1.71 -0.75 10.05
C PRO A 10 -1.37 -2.09 9.39
N PRO A 11 -1.40 -2.13 8.06
CA PRO A 11 -1.16 -3.32 7.25
C PRO A 11 0.11 -4.07 7.65
N GLU A 12 0.11 -5.37 7.42
CA GLU A 12 1.26 -6.20 7.70
C GLU A 12 1.94 -6.63 6.41
N ASN A 13 3.10 -7.25 6.55
CA ASN A 13 3.88 -7.78 5.41
C ASN A 13 4.03 -6.74 4.30
N VAL A 14 4.21 -5.49 4.68
CA VAL A 14 4.28 -4.39 3.72
C VAL A 14 5.68 -4.25 3.16
N VAL A 15 5.85 -4.65 1.91
CA VAL A 15 7.16 -4.58 1.25
C VAL A 15 7.01 -4.20 -0.22
N ALA A 16 7.78 -3.21 -0.64
CA ALA A 16 7.84 -2.84 -2.04
C ALA A 16 9.10 -3.43 -2.66
N ARG A 17 8.91 -4.36 -3.57
CA ARG A 17 10.02 -5.17 -4.05
C ARG A 17 10.39 -4.82 -5.48
N PRO A 18 11.58 -4.24 -5.68
CA PRO A 18 12.08 -3.91 -7.01
C PRO A 18 12.22 -5.15 -7.89
N VAL A 19 11.55 -5.13 -9.03
CA VAL A 19 11.62 -6.23 -9.97
C VAL A 19 12.91 -6.14 -10.78
N PRO A 20 13.76 -7.18 -10.71
CA PRO A 20 15.06 -7.18 -11.39
C PRO A 20 14.93 -7.23 -12.91
N SER A 21 13.71 -7.38 -13.40
CA SER A 21 13.46 -7.46 -14.83
C SER A 21 12.92 -6.14 -15.37
N ASN A 22 12.49 -5.26 -14.47
CA ASN A 22 11.96 -3.97 -14.85
C ASN A 22 12.52 -2.86 -13.97
N PRO A 23 13.20 -1.88 -14.56
CA PRO A 23 13.87 -0.79 -13.82
C PRO A 23 12.90 0.17 -13.14
N ARG A 24 11.63 0.08 -13.49
CA ARG A 24 10.64 1.03 -12.97
C ARG A 24 9.58 0.32 -12.13
N ARG A 25 9.72 -1.00 -11.98
CA ARG A 25 8.68 -1.77 -11.32
C ARG A 25 8.98 -2.04 -9.86
N LEU A 26 8.03 -1.63 -9.02
CA LEU A 26 8.05 -1.97 -7.61
C LEU A 26 6.91 -2.92 -7.31
N GLU A 27 7.24 -4.13 -6.86
CA GLU A 27 6.25 -5.11 -6.50
C GLU A 27 5.75 -4.83 -5.09
N VAL A 28 4.86 -3.87 -4.97
CA VAL A 28 4.35 -3.45 -3.68
C VAL A 28 3.38 -4.50 -3.15
N THR A 29 3.83 -5.32 -2.23
CA THR A 29 3.01 -6.37 -1.68
C THR A 29 2.83 -6.19 -0.18
N TRP A 30 1.65 -6.53 0.31
CA TRP A 30 1.34 -6.39 1.72
C TRP A 30 0.25 -7.37 2.12
N GLN A 31 -0.16 -7.31 3.37
CA GLN A 31 -1.22 -8.15 3.88
C GLN A 31 -2.00 -7.38 4.93
N THR A 32 -3.10 -7.94 5.40
CA THR A 32 -3.91 -7.28 6.41
C THR A 32 -3.22 -7.34 7.77
N PRO A 33 -3.60 -6.42 8.68
CA PRO A 33 -3.00 -6.38 10.03
C PRO A 33 -3.29 -7.64 10.82
N SER A 34 -2.52 -7.86 11.88
CA SER A 34 -2.71 -9.02 12.73
C SER A 34 -4.04 -8.91 13.49
N THR A 35 -4.53 -7.70 13.67
CA THR A 35 -5.77 -7.46 14.37
C THR A 35 -6.99 -7.75 13.50
N TRP A 36 -6.76 -7.93 12.20
CA TRP A 36 -7.84 -8.24 11.28
C TRP A 36 -7.98 -9.75 11.12
N PRO A 37 -9.19 -10.28 11.35
CA PRO A 37 -9.46 -11.72 11.25
C PRO A 37 -9.56 -12.19 9.80
N ASP A 38 -10.77 -12.44 9.33
CA ASP A 38 -10.99 -12.86 7.95
C ASP A 38 -11.22 -11.65 7.05
N PRO A 39 -10.26 -11.35 6.17
CA PRO A 39 -10.35 -10.18 5.29
C PRO A 39 -11.17 -10.46 4.03
N GLU A 40 -11.87 -11.58 4.02
CA GLU A 40 -12.74 -11.91 2.89
C GLU A 40 -14.17 -11.53 3.22
N SER A 41 -14.60 -11.88 4.43
CA SER A 41 -15.91 -11.50 4.93
C SER A 41 -15.91 -10.03 5.34
N PHE A 42 -14.71 -9.48 5.47
CA PHE A 42 -14.54 -8.06 5.77
C PHE A 42 -13.84 -7.38 4.60
N PRO A 43 -14.62 -6.87 3.62
CA PRO A 43 -14.07 -6.23 2.42
C PRO A 43 -13.27 -4.97 2.74
N LEU A 44 -11.97 -5.08 2.62
CA LEU A 44 -11.09 -3.97 2.94
C LEU A 44 -10.66 -3.23 1.68
N LYS A 45 -10.95 -1.95 1.66
CA LYS A 45 -10.52 -1.08 0.58
C LYS A 45 -9.20 -0.42 0.98
N PHE A 46 -8.10 -0.99 0.51
CA PHE A 46 -6.79 -0.51 0.88
C PHE A 46 -6.48 0.78 0.14
N PHE A 47 -5.72 1.66 0.79
CA PHE A 47 -5.35 2.93 0.20
C PHE A 47 -3.84 3.04 0.11
N LEU A 48 -3.34 3.27 -1.07
CA LEU A 48 -1.91 3.38 -1.26
C LEU A 48 -1.55 4.72 -1.91
N ARG A 49 -0.40 5.25 -1.53
CA ARG A 49 0.13 6.44 -2.16
C ARG A 49 1.64 6.32 -2.21
N TYR A 50 2.21 6.51 -3.39
CA TYR A 50 3.65 6.32 -3.57
C TYR A 50 4.28 7.59 -4.14
N ARG A 51 4.70 8.47 -3.24
CA ARG A 51 5.28 9.74 -3.62
C ARG A 51 6.81 9.64 -3.74
N PRO A 52 7.39 10.14 -4.83
CA PRO A 52 8.84 10.20 -4.99
C PRO A 52 9.48 11.12 -3.94
N LEU A 53 10.67 10.76 -3.49
CA LEU A 53 11.34 11.46 -2.39
C LEU A 53 11.32 12.98 -2.57
N ILE A 54 11.64 13.46 -3.77
CA ILE A 54 11.73 14.89 -4.00
C ILE A 54 10.62 15.40 -4.92
N LEU A 55 9.60 14.59 -5.14
CA LEU A 55 8.46 14.99 -5.96
C LEU A 55 7.17 14.85 -5.16
N ASP A 56 6.45 15.94 -5.00
CA ASP A 56 5.18 15.92 -4.28
C ASP A 56 4.09 15.37 -5.17
N GLN A 57 4.09 14.06 -5.32
CA GLN A 57 3.14 13.38 -6.18
C GLN A 57 2.45 12.25 -5.42
N TRP A 58 1.55 12.61 -4.52
CA TRP A 58 0.83 11.65 -3.73
C TRP A 58 -0.14 10.87 -4.61
N GLN A 59 0.19 9.61 -4.86
CA GLN A 59 -0.60 8.80 -5.79
C GLN A 59 -1.56 7.89 -5.05
N HIS A 60 -2.72 8.43 -4.72
CA HIS A 60 -3.76 7.68 -4.01
C HIS A 60 -4.47 6.70 -4.94
N VAL A 61 -4.34 5.42 -4.65
CA VAL A 61 -5.07 4.39 -5.38
C VAL A 61 -5.91 3.57 -4.41
N GLU A 62 -7.09 3.17 -4.85
CA GLU A 62 -7.97 2.34 -4.03
C GLU A 62 -7.78 0.87 -4.39
N LEU A 63 -7.57 0.05 -3.37
CA LEU A 63 -7.31 -1.36 -3.58
C LEU A 63 -8.27 -2.23 -2.76
N SER A 64 -9.50 -2.30 -3.21
CA SER A 64 -10.50 -3.13 -2.55
C SER A 64 -10.18 -4.61 -2.77
N ASN A 65 -9.85 -5.30 -1.68
CA ASN A 65 -9.43 -6.70 -1.72
C ASN A 65 -8.13 -6.85 -2.50
N GLY A 66 -7.24 -5.89 -2.33
CA GLY A 66 -5.96 -5.92 -3.01
C GLY A 66 -4.82 -5.91 -2.03
N THR A 67 -3.78 -6.67 -2.32
CA THR A 67 -2.64 -6.78 -1.42
C THR A 67 -1.33 -6.96 -2.20
N ALA A 68 -1.37 -6.70 -3.50
CA ALA A 68 -0.19 -6.82 -4.35
C ALA A 68 -0.23 -5.80 -5.48
N HIS A 69 0.13 -4.57 -5.16
CA HIS A 69 0.12 -3.48 -6.13
C HIS A 69 1.48 -3.35 -6.84
N THR A 70 1.63 -4.07 -7.92
CA THR A 70 2.83 -3.97 -8.74
C THR A 70 2.76 -2.71 -9.61
N ILE A 71 3.65 -1.77 -9.37
CA ILE A 71 3.64 -0.51 -10.10
C ILE A 71 4.94 -0.28 -10.86
N THR A 72 4.80 0.08 -12.13
CA THR A 72 5.95 0.39 -12.97
C THR A 72 6.15 1.91 -13.05
N ASP A 73 5.53 2.61 -12.11
CA ASP A 73 5.60 4.06 -12.05
C ASP A 73 6.68 4.52 -11.09
N ALA A 74 7.39 3.57 -10.51
CA ALA A 74 8.33 3.85 -9.45
C ALA A 74 9.68 4.28 -9.99
N TYR A 75 10.30 5.23 -9.31
CA TYR A 75 11.61 5.73 -9.71
C TYR A 75 12.72 4.95 -9.02
N ALA A 76 13.59 4.35 -9.82
CA ALA A 76 14.72 3.61 -9.29
C ALA A 76 15.79 4.56 -8.77
N GLY A 77 15.87 5.72 -9.38
CA GLY A 77 16.83 6.72 -8.99
C GLY A 77 16.27 7.68 -7.95
N LYS A 78 15.03 7.45 -7.53
CA LYS A 78 14.38 8.33 -6.57
C LYS A 78 13.53 7.52 -5.59
N GLU A 79 14.00 7.44 -4.36
CA GLU A 79 13.34 6.67 -3.30
C GLU A 79 11.85 7.01 -3.22
N TYR A 80 11.04 5.98 -3.14
CA TYR A 80 9.59 6.16 -3.14
C TYR A 80 9.03 5.93 -1.74
N ILE A 81 8.20 6.85 -1.26
CA ILE A 81 7.50 6.64 -0.01
C ILE A 81 6.08 6.17 -0.30
N ILE A 82 5.86 4.88 -0.11
CA ILE A 82 4.59 4.26 -0.39
C ILE A 82 3.83 4.04 0.91
N GLN A 83 2.98 4.98 1.24
CA GLN A 83 2.23 4.94 2.48
C GLN A 83 0.93 4.17 2.29
N VAL A 84 0.74 3.18 3.15
CA VAL A 84 -0.40 2.28 3.05
C VAL A 84 -1.40 2.52 4.18
N ALA A 85 -2.68 2.54 3.80
CA ALA A 85 -3.80 2.62 4.74
C ALA A 85 -4.93 1.73 4.26
N ALA A 86 -6.08 1.77 4.93
CA ALA A 86 -7.21 0.94 4.54
C ALA A 86 -8.53 1.49 5.07
N LYS A 87 -9.63 0.82 4.72
CA LYS A 87 -10.96 1.21 5.15
C LYS A 87 -11.94 0.08 4.84
N ASP A 88 -12.94 -0.12 5.70
CA ASP A 88 -13.94 -1.15 5.45
C ASP A 88 -14.92 -0.67 4.39
N ASN A 89 -15.29 -1.56 3.48
CA ASN A 89 -16.17 -1.23 2.38
C ASN A 89 -17.62 -1.15 2.83
N GLU A 90 -17.94 -1.80 3.95
CA GLU A 90 -19.28 -1.77 4.49
C GLU A 90 -19.47 -0.52 5.35
N ILE A 91 -18.77 -0.47 6.46
CA ILE A 91 -18.77 0.71 7.31
C ILE A 91 -17.59 1.60 6.93
N GLY A 92 -17.87 2.60 6.10
CA GLY A 92 -16.84 3.45 5.53
C GLY A 92 -16.05 4.21 6.58
N THR A 93 -15.00 3.59 7.08
CA THR A 93 -14.15 4.20 8.08
C THR A 93 -12.69 4.13 7.64
N TRP A 94 -12.15 5.28 7.25
CA TRP A 94 -10.79 5.34 6.71
C TRP A 94 -9.76 5.31 7.85
N SER A 95 -8.77 4.45 7.73
CA SER A 95 -7.68 4.39 8.69
C SER A 95 -6.69 5.52 8.42
N ASP A 96 -5.73 5.68 9.31
CA ASP A 96 -4.69 6.69 9.13
C ASP A 96 -3.64 6.16 8.17
N TRP A 97 -2.92 7.08 7.54
CA TRP A 97 -1.82 6.73 6.65
C TRP A 97 -0.67 6.17 7.46
N SER A 98 -0.66 4.86 7.60
CA SER A 98 0.20 4.21 8.58
C SER A 98 1.57 3.84 8.00
N VAL A 99 1.61 2.76 7.23
CA VAL A 99 2.91 2.21 6.80
C VAL A 99 3.48 2.95 5.61
N ALA A 100 4.50 3.75 5.86
CA ALA A 100 5.23 4.45 4.80
C ALA A 100 6.41 3.60 4.33
N ALA A 101 6.22 2.81 3.30
CA ALA A 101 7.27 1.96 2.76
C ALA A 101 8.23 2.76 1.90
N HIS A 102 9.53 2.55 2.09
CA HIS A 102 10.55 3.26 1.32
C HIS A 102 11.34 2.29 0.47
N ALA A 103 11.11 2.30 -0.83
CA ALA A 103 11.78 1.38 -1.73
C ALA A 103 12.14 2.04 -3.05
N THR A 104 12.86 1.31 -3.88
CA THR A 104 13.33 1.81 -5.16
C THR A 104 13.51 0.65 -6.14
N PRO A 105 12.87 0.70 -7.32
CA PRO A 105 12.93 -0.40 -8.29
C PRO A 105 14.36 -0.61 -8.83
N TRP A 106 14.49 -1.58 -9.75
CA TRP A 106 15.79 -1.94 -10.32
C TRP A 106 16.46 -0.72 -10.94
N THR A 107 17.54 -0.28 -10.33
CA THR A 107 18.25 0.88 -10.81
C THR A 107 19.15 0.52 -11.99
N GLU A 108 18.55 0.56 -13.17
CA GLU A 108 19.24 0.19 -14.39
C GLU A 108 20.24 1.27 -14.80
N GLU A 109 21.47 1.12 -14.35
CA GLU A 109 22.53 2.06 -14.68
C GLU A 109 23.85 1.32 -14.82
N GLY A 1 -15.14 1.17 22.54
CA GLY A 1 -15.60 1.63 21.21
C GLY A 1 -14.53 1.47 20.16
N PRO A 2 -14.90 1.41 18.88
CA PRO A 2 -13.95 1.21 17.78
C PRO A 2 -13.36 2.52 17.27
N LEU A 3 -13.52 3.59 18.05
CA LEU A 3 -13.07 4.94 17.69
C LEU A 3 -13.99 5.55 16.63
N GLY A 4 -14.13 4.86 15.51
CA GLY A 4 -15.04 5.29 14.48
C GLY A 4 -16.09 4.24 14.19
N SER A 5 -16.01 3.61 13.03
CA SER A 5 -16.93 2.54 12.68
C SER A 5 -16.37 1.20 13.12
N VAL A 6 -15.12 0.95 12.77
CA VAL A 6 -14.42 -0.25 13.20
C VAL A 6 -12.92 0.02 13.30
N LYS A 7 -12.40 0.79 12.34
CA LYS A 7 -11.00 1.18 12.31
C LYS A 7 -10.07 -0.03 12.24
N PRO A 8 -9.66 -0.41 11.02
CA PRO A 8 -8.74 -1.52 10.81
C PRO A 8 -7.37 -1.25 11.43
N ASP A 9 -6.57 -2.30 11.52
CA ASP A 9 -5.21 -2.15 12.01
C ASP A 9 -4.30 -1.88 10.83
N PRO A 10 -3.28 -1.01 10.99
CA PRO A 10 -2.34 -0.69 9.92
C PRO A 10 -1.83 -1.93 9.21
N PRO A 11 -1.82 -1.90 7.86
CA PRO A 11 -1.45 -3.05 7.03
C PRO A 11 -0.27 -3.82 7.58
N GLU A 12 -0.32 -5.13 7.45
CA GLU A 12 0.73 -5.99 7.96
C GLU A 12 1.46 -6.67 6.81
N ASN A 13 2.66 -7.15 7.08
CA ASN A 13 3.48 -7.84 6.08
C ASN A 13 3.73 -6.94 4.88
N VAL A 14 3.91 -5.65 5.13
CA VAL A 14 4.07 -4.67 4.07
C VAL A 14 5.51 -4.49 3.69
N VAL A 15 5.80 -4.58 2.40
CA VAL A 15 7.13 -4.35 1.88
C VAL A 15 7.08 -4.19 0.37
N ALA A 16 7.94 -3.34 -0.16
CA ALA A 16 8.02 -3.13 -1.59
C ALA A 16 9.32 -3.72 -2.11
N ARG A 17 9.25 -4.45 -3.20
CA ARG A 17 10.41 -5.15 -3.72
C ARG A 17 10.69 -4.74 -5.16
N PRO A 18 11.95 -4.43 -5.48
CA PRO A 18 12.34 -3.99 -6.82
C PRO A 18 12.35 -5.14 -7.83
N VAL A 19 11.62 -4.96 -8.91
CA VAL A 19 11.55 -5.97 -9.96
C VAL A 19 12.68 -5.76 -10.97
N PRO A 20 13.63 -6.70 -11.04
CA PRO A 20 14.80 -6.57 -11.91
C PRO A 20 14.47 -6.71 -13.39
N SER A 21 13.22 -7.06 -13.68
CA SER A 21 12.79 -7.26 -15.07
C SER A 21 12.27 -5.94 -15.66
N ASN A 22 11.96 -4.98 -14.79
CA ASN A 22 11.52 -3.67 -15.25
C ASN A 22 12.08 -2.57 -14.36
N PRO A 23 12.84 -1.65 -14.94
CA PRO A 23 13.57 -0.59 -14.20
C PRO A 23 12.67 0.33 -13.36
N ARG A 24 11.37 0.34 -13.64
CA ARG A 24 10.46 1.24 -12.95
C ARG A 24 9.42 0.47 -12.15
N ARG A 25 9.63 -0.85 -12.03
CA ARG A 25 8.65 -1.71 -11.37
C ARG A 25 9.00 -2.01 -9.91
N LEU A 26 8.08 -1.68 -9.04
CA LEU A 26 8.17 -2.04 -7.63
C LEU A 26 6.96 -2.88 -7.25
N GLU A 27 7.20 -4.06 -6.71
CA GLU A 27 6.12 -4.92 -6.26
C GLU A 27 5.83 -4.64 -4.79
N VAL A 28 4.64 -4.13 -4.52
CA VAL A 28 4.23 -3.81 -3.17
C VAL A 28 3.32 -4.89 -2.62
N THR A 29 3.91 -5.83 -1.92
CA THR A 29 3.18 -6.95 -1.35
C THR A 29 2.90 -6.71 0.12
N TRP A 30 1.71 -7.09 0.57
CA TRP A 30 1.32 -6.96 1.96
C TRP A 30 0.22 -7.94 2.33
N GLN A 31 -0.31 -7.80 3.52
CA GLN A 31 -1.40 -8.62 4.00
C GLN A 31 -2.28 -7.79 4.92
N THR A 32 -3.49 -8.26 5.20
CA THR A 32 -4.35 -7.55 6.13
C THR A 32 -3.84 -7.74 7.55
N PRO A 33 -4.19 -6.84 8.46
CA PRO A 33 -3.79 -6.95 9.87
C PRO A 33 -4.30 -8.26 10.49
N SER A 34 -3.61 -8.73 11.52
CA SER A 34 -3.97 -9.98 12.17
C SER A 34 -5.32 -9.87 12.87
N THR A 35 -5.82 -8.65 13.04
CA THR A 35 -7.12 -8.42 13.62
C THR A 35 -8.23 -8.82 12.64
N TRP A 36 -7.95 -8.66 11.35
CA TRP A 36 -8.89 -9.01 10.30
C TRP A 36 -8.80 -10.50 9.96
N PRO A 37 -9.87 -11.25 10.19
CA PRO A 37 -9.91 -12.69 9.94
C PRO A 37 -10.20 -13.00 8.48
N ASP A 38 -11.48 -12.96 8.11
CA ASP A 38 -11.91 -13.25 6.75
C ASP A 38 -11.96 -11.96 5.92
N PRO A 39 -11.00 -11.78 5.01
CA PRO A 39 -10.93 -10.59 4.16
C PRO A 39 -11.77 -10.71 2.89
N GLU A 40 -12.47 -11.83 2.76
CA GLU A 40 -13.33 -12.05 1.60
C GLU A 40 -14.76 -11.66 1.92
N SER A 41 -15.27 -12.16 3.04
CA SER A 41 -16.61 -11.81 3.49
C SER A 41 -16.63 -10.41 4.09
N PHE A 42 -15.47 -9.96 4.55
CA PHE A 42 -15.32 -8.60 5.05
C PHE A 42 -14.34 -7.84 4.17
N PRO A 43 -14.86 -7.14 3.15
CA PRO A 43 -14.03 -6.51 2.11
C PRO A 43 -13.31 -5.24 2.56
N LEU A 44 -12.11 -5.41 3.08
CA LEU A 44 -11.28 -4.27 3.43
C LEU A 44 -10.58 -3.72 2.19
N LYS A 45 -10.44 -2.40 2.12
CA LYS A 45 -9.75 -1.76 1.01
C LYS A 45 -8.57 -0.95 1.52
N PHE A 46 -7.48 -0.99 0.77
CA PHE A 46 -6.29 -0.25 1.14
C PHE A 46 -6.15 0.98 0.25
N PHE A 47 -5.48 1.99 0.76
CA PHE A 47 -5.25 3.22 0.01
C PHE A 47 -3.77 3.49 -0.09
N LEU A 48 -3.26 3.52 -1.30
CA LEU A 48 -1.83 3.68 -1.50
C LEU A 48 -1.52 5.00 -2.17
N ARG A 49 -0.33 5.49 -1.89
CA ARG A 49 0.20 6.68 -2.53
C ARG A 49 1.71 6.57 -2.57
N TYR A 50 2.30 6.74 -3.74
CA TYR A 50 3.74 6.59 -3.88
C TYR A 50 4.37 7.87 -4.39
N ARG A 51 4.92 8.64 -3.46
CA ARG A 51 5.55 9.92 -3.79
C ARG A 51 7.04 9.75 -4.04
N PRO A 52 7.55 10.33 -5.14
CA PRO A 52 8.98 10.38 -5.38
C PRO A 52 9.65 11.35 -4.41
N LEU A 53 10.77 10.95 -3.82
CA LEU A 53 11.42 11.76 -2.80
C LEU A 53 12.15 12.97 -3.40
N ILE A 54 11.47 13.65 -4.32
CA ILE A 54 12.01 14.84 -4.96
C ILE A 54 10.89 15.83 -5.28
N LEU A 55 9.69 15.30 -5.49
CA LEU A 55 8.56 16.13 -5.87
C LEU A 55 7.31 15.67 -5.14
N ASP A 56 6.43 16.61 -4.84
CA ASP A 56 5.20 16.29 -4.13
C ASP A 56 4.13 15.83 -5.12
N GLN A 57 4.30 14.61 -5.62
CA GLN A 57 3.36 14.03 -6.56
C GLN A 57 2.68 12.82 -5.93
N TRP A 58 1.76 13.07 -5.01
CA TRP A 58 1.05 12.00 -4.33
C TRP A 58 0.21 11.22 -5.31
N GLN A 59 0.55 9.95 -5.49
CA GLN A 59 -0.12 9.11 -6.47
C GLN A 59 -1.08 8.16 -5.78
N HIS A 60 -2.33 8.56 -5.71
CA HIS A 60 -3.37 7.81 -5.03
C HIS A 60 -3.84 6.63 -5.88
N VAL A 61 -4.06 5.50 -5.22
CA VAL A 61 -4.61 4.32 -5.88
C VAL A 61 -5.40 3.49 -4.87
N GLU A 62 -6.63 3.13 -5.24
CA GLU A 62 -7.50 2.36 -4.35
C GLU A 62 -7.26 0.87 -4.54
N LEU A 63 -6.80 0.22 -3.49
CA LEU A 63 -6.48 -1.20 -3.54
C LEU A 63 -7.53 -1.99 -2.76
N SER A 64 -8.76 -1.98 -3.26
CA SER A 64 -9.85 -2.72 -2.65
C SER A 64 -9.65 -4.21 -2.84
N ASN A 65 -9.39 -4.90 -1.73
CA ASN A 65 -9.15 -6.35 -1.73
C ASN A 65 -7.90 -6.72 -2.53
N GLY A 66 -6.85 -5.91 -2.40
CA GLY A 66 -5.60 -6.21 -3.07
C GLY A 66 -4.47 -6.30 -2.07
N THR A 67 -3.60 -7.31 -2.23
CA THR A 67 -2.52 -7.53 -1.29
C THR A 67 -1.17 -7.71 -1.99
N ALA A 68 -1.17 -7.53 -3.30
CA ALA A 68 0.05 -7.64 -4.09
C ALA A 68 0.00 -6.66 -5.26
N HIS A 69 0.29 -5.41 -4.97
CA HIS A 69 0.23 -4.36 -5.99
C HIS A 69 1.58 -4.18 -6.68
N THR A 70 1.56 -3.61 -7.86
CA THR A 70 2.78 -3.31 -8.59
C THR A 70 2.80 -1.86 -9.05
N ILE A 71 3.95 -1.23 -8.93
CA ILE A 71 4.14 0.15 -9.37
C ILE A 71 5.12 0.19 -10.52
N THR A 72 4.74 0.84 -11.61
CA THR A 72 5.62 0.96 -12.77
C THR A 72 6.00 2.42 -12.98
N ASP A 73 5.57 3.26 -12.06
CA ASP A 73 5.87 4.69 -12.10
C ASP A 73 7.04 5.01 -11.20
N ALA A 74 7.58 3.98 -10.57
CA ALA A 74 8.60 4.16 -9.57
C ALA A 74 9.95 4.47 -10.21
N TYR A 75 10.50 5.61 -9.89
CA TYR A 75 11.78 6.01 -10.45
C TYR A 75 12.92 5.33 -9.69
N ALA A 76 13.64 4.46 -10.38
CA ALA A 76 14.72 3.71 -9.78
C ALA A 76 15.82 4.61 -9.22
N GLY A 77 15.90 5.83 -9.75
CA GLY A 77 16.92 6.75 -9.33
C GLY A 77 16.50 7.62 -8.16
N LYS A 78 15.26 7.44 -7.69
CA LYS A 78 14.75 8.23 -6.58
C LYS A 78 13.92 7.38 -5.64
N GLU A 79 14.23 7.43 -4.36
CA GLU A 79 13.51 6.66 -3.36
C GLU A 79 12.03 7.00 -3.36
N TYR A 80 11.19 5.98 -3.33
CA TYR A 80 9.75 6.18 -3.36
C TYR A 80 9.14 5.87 -2.00
N ILE A 81 8.36 6.81 -1.48
CA ILE A 81 7.63 6.57 -0.24
C ILE A 81 6.25 6.01 -0.57
N ILE A 82 6.08 4.74 -0.31
CA ILE A 82 4.85 4.05 -0.62
C ILE A 82 3.96 3.96 0.61
N GLN A 83 3.00 4.86 0.69
CA GLN A 83 2.17 4.99 1.86
C GLN A 83 0.91 4.13 1.73
N VAL A 84 0.74 3.23 2.68
CA VAL A 84 -0.39 2.30 2.71
C VAL A 84 -1.34 2.61 3.86
N ALA A 85 -2.59 2.96 3.52
CA ALA A 85 -3.63 3.16 4.52
C ALA A 85 -4.70 2.08 4.37
N ALA A 86 -5.62 1.99 5.32
CA ALA A 86 -6.64 0.95 5.29
C ALA A 86 -8.01 1.46 5.72
N LYS A 87 -9.05 0.83 5.19
CA LYS A 87 -10.44 1.15 5.53
C LYS A 87 -11.34 0.02 5.05
N ASP A 88 -12.41 -0.25 5.77
CA ASP A 88 -13.34 -1.31 5.39
C ASP A 88 -14.41 -0.79 4.42
N ASN A 89 -15.12 -1.68 3.76
CA ASN A 89 -16.16 -1.31 2.82
C ASN A 89 -17.50 -1.10 3.52
N GLU A 90 -17.75 -1.89 4.56
CA GLU A 90 -19.02 -1.82 5.27
C GLU A 90 -18.91 -0.93 6.50
N ILE A 91 -17.98 -1.26 7.39
CA ILE A 91 -17.73 -0.47 8.58
C ILE A 91 -16.40 0.25 8.43
N GLY A 92 -16.27 0.97 7.33
CA GLY A 92 -15.01 1.57 6.98
C GLY A 92 -14.77 2.91 7.63
N THR A 93 -13.81 2.93 8.53
CA THR A 93 -13.31 4.16 9.11
C THR A 93 -12.08 4.63 8.37
N TRP A 94 -12.04 5.91 8.02
CA TRP A 94 -10.94 6.44 7.21
C TRP A 94 -9.69 6.64 8.06
N SER A 95 -9.10 5.53 8.48
CA SER A 95 -7.89 5.55 9.29
C SER A 95 -6.77 6.30 8.58
N ASP A 96 -6.03 7.10 9.34
CA ASP A 96 -4.96 7.92 8.79
C ASP A 96 -3.85 7.08 8.17
N TRP A 97 -2.97 7.74 7.45
CA TRP A 97 -1.88 7.08 6.74
C TRP A 97 -1.07 6.18 7.66
N SER A 98 -1.16 4.87 7.42
CA SER A 98 -0.59 3.89 8.33
C SER A 98 0.86 3.55 8.00
N VAL A 99 1.06 2.68 7.01
CA VAL A 99 2.39 2.17 6.72
C VAL A 99 3.14 3.02 5.69
N ALA A 100 4.22 3.64 6.12
CA ALA A 100 5.09 4.38 5.23
C ALA A 100 6.21 3.47 4.72
N ALA A 101 5.99 2.86 3.57
CA ALA A 101 6.98 1.97 2.98
C ALA A 101 7.98 2.74 2.13
N HIS A 102 9.08 2.10 1.78
CA HIS A 102 10.13 2.73 1.00
C HIS A 102 10.81 1.71 0.10
N ALA A 103 11.12 2.12 -1.13
CA ALA A 103 11.80 1.24 -2.07
C ALA A 103 12.25 1.99 -3.32
N THR A 104 13.07 1.33 -4.12
CA THR A 104 13.56 1.87 -5.38
C THR A 104 13.68 0.72 -6.38
N PRO A 105 13.01 0.81 -7.54
CA PRO A 105 12.99 -0.29 -8.52
C PRO A 105 14.36 -0.52 -9.18
N TRP A 106 14.39 -1.44 -10.14
CA TRP A 106 15.64 -1.83 -10.79
C TRP A 106 16.36 -0.62 -11.38
N THR A 107 17.49 -0.29 -10.77
CA THR A 107 18.31 0.79 -11.25
C THR A 107 19.35 0.24 -12.23
N GLU A 108 19.27 0.72 -13.45
CA GLU A 108 20.10 0.23 -14.54
C GLU A 108 21.53 0.72 -14.39
N GLU A 109 22.21 0.21 -13.37
CA GLU A 109 23.57 0.60 -13.09
C GLU A 109 24.54 -0.41 -13.69
N GLY A 1 -11.24 5.38 18.48
CA GLY A 1 -12.16 4.24 18.31
C GLY A 1 -13.29 4.58 17.37
N PRO A 2 -13.68 3.64 16.49
CA PRO A 2 -14.74 3.88 15.50
C PRO A 2 -16.13 3.97 16.13
N LEU A 3 -17.08 4.51 15.37
CA LEU A 3 -18.45 4.65 15.85
C LEU A 3 -19.42 4.15 14.78
N GLY A 4 -20.02 3.00 15.03
CA GLY A 4 -20.92 2.39 14.07
C GLY A 4 -20.17 1.67 12.97
N SER A 5 -19.45 2.44 12.17
CA SER A 5 -18.59 1.89 11.14
C SER A 5 -17.28 1.41 11.76
N VAL A 6 -16.43 0.78 10.97
CA VAL A 6 -15.18 0.25 11.49
C VAL A 6 -13.98 0.66 10.65
N LYS A 7 -12.82 0.69 11.27
CA LYS A 7 -11.58 0.96 10.57
C LYS A 7 -10.55 -0.10 10.95
N PRO A 8 -9.93 -0.73 9.95
CA PRO A 8 -8.96 -1.82 10.17
C PRO A 8 -7.72 -1.34 10.88
N ASP A 9 -6.89 -2.29 11.30
CA ASP A 9 -5.62 -1.95 11.93
C ASP A 9 -4.58 -1.73 10.85
N PRO A 10 -3.46 -1.05 11.17
CA PRO A 10 -2.40 -0.78 10.19
C PRO A 10 -1.94 -2.06 9.50
N PRO A 11 -2.02 -2.10 8.16
CA PRO A 11 -1.65 -3.28 7.36
C PRO A 11 -0.29 -3.83 7.73
N GLU A 12 -0.17 -5.15 7.71
CA GLU A 12 1.08 -5.80 8.04
C GLU A 12 1.59 -6.59 6.85
N ASN A 13 2.78 -7.16 7.00
CA ASN A 13 3.44 -7.90 5.92
C ASN A 13 3.63 -7.00 4.70
N VAL A 14 3.84 -5.71 4.95
CA VAL A 14 3.98 -4.73 3.89
C VAL A 14 5.44 -4.57 3.50
N VAL A 15 5.73 -4.81 2.24
CA VAL A 15 7.08 -4.71 1.72
C VAL A 15 7.08 -4.21 0.27
N ALA A 16 7.80 -3.13 0.03
CA ALA A 16 7.94 -2.60 -1.31
C ALA A 16 9.18 -3.19 -1.97
N ARG A 17 8.97 -4.01 -2.99
CA ARG A 17 10.05 -4.80 -3.57
C ARG A 17 10.42 -4.32 -4.96
N PRO A 18 11.71 -4.08 -5.21
CA PRO A 18 12.19 -3.69 -6.54
C PRO A 18 12.21 -4.87 -7.50
N VAL A 19 11.50 -4.76 -8.60
CA VAL A 19 11.47 -5.81 -9.60
C VAL A 19 12.75 -5.77 -10.44
N PRO A 20 13.56 -6.84 -10.37
CA PRO A 20 14.87 -6.87 -11.04
C PRO A 20 14.75 -6.95 -12.56
N SER A 21 13.59 -7.36 -13.04
CA SER A 21 13.38 -7.52 -14.47
C SER A 21 12.72 -6.28 -15.07
N ASN A 22 12.45 -5.28 -14.23
CA ASN A 22 11.81 -4.06 -14.67
C ASN A 22 12.39 -2.85 -13.95
N PRO A 23 13.05 -1.96 -14.69
CA PRO A 23 13.69 -0.77 -14.11
C PRO A 23 12.72 0.32 -13.66
N ARG A 24 11.45 -0.05 -13.48
CA ARG A 24 10.44 0.93 -13.09
C ARG A 24 9.35 0.30 -12.22
N ARG A 25 9.47 -0.99 -11.97
CA ARG A 25 8.43 -1.72 -11.25
C ARG A 25 8.77 -1.93 -9.77
N LEU A 26 7.83 -1.54 -8.91
CA LEU A 26 7.91 -1.82 -7.49
C LEU A 26 6.77 -2.74 -7.09
N GLU A 27 7.09 -3.91 -6.57
CA GLU A 27 6.07 -4.83 -6.09
C GLU A 27 5.78 -4.54 -4.63
N VAL A 28 4.87 -3.60 -4.41
CA VAL A 28 4.44 -3.29 -3.06
C VAL A 28 3.43 -4.33 -2.59
N THR A 29 3.87 -5.22 -1.73
CA THR A 29 3.01 -6.29 -1.26
C THR A 29 2.71 -6.12 0.22
N TRP A 30 1.48 -6.45 0.60
CA TRP A 30 1.05 -6.30 1.99
C TRP A 30 0.03 -7.37 2.33
N GLN A 31 -0.53 -7.26 3.52
CA GLN A 31 -1.57 -8.15 3.97
C GLN A 31 -2.46 -7.42 4.96
N THR A 32 -3.57 -8.04 5.33
CA THR A 32 -4.43 -7.47 6.34
C THR A 32 -3.79 -7.60 7.71
N PRO A 33 -4.04 -6.66 8.62
CA PRO A 33 -3.48 -6.70 9.98
C PRO A 33 -3.84 -7.99 10.70
N SER A 34 -3.07 -8.34 11.72
CA SER A 34 -3.32 -9.56 12.49
C SER A 34 -4.68 -9.46 13.20
N THR A 35 -5.10 -8.24 13.47
CA THR A 35 -6.39 -7.99 14.09
C THR A 35 -7.54 -8.12 13.09
N TRP A 36 -7.21 -8.37 11.83
CA TRP A 36 -8.21 -8.54 10.78
C TRP A 36 -7.94 -9.80 9.98
N PRO A 37 -8.70 -10.87 10.26
CA PRO A 37 -8.51 -12.18 9.62
C PRO A 37 -8.91 -12.17 8.14
N ASP A 38 -10.20 -12.34 7.87
CA ASP A 38 -10.68 -12.44 6.49
C ASP A 38 -11.07 -11.07 5.93
N PRO A 39 -10.50 -10.68 4.79
CA PRO A 39 -10.78 -9.41 4.14
C PRO A 39 -11.87 -9.49 3.07
N GLU A 40 -12.60 -10.60 3.03
CA GLU A 40 -13.67 -10.78 2.05
C GLU A 40 -15.01 -10.46 2.69
N SER A 41 -15.19 -10.93 3.92
CA SER A 41 -16.40 -10.64 4.69
C SER A 41 -16.39 -9.16 5.11
N PHE A 42 -15.20 -8.60 5.13
CA PHE A 42 -15.00 -7.17 5.35
C PHE A 42 -14.04 -6.64 4.30
N PRO A 43 -14.58 -6.26 3.12
CA PRO A 43 -13.78 -5.86 1.96
C PRO A 43 -12.86 -4.67 2.25
N LEU A 44 -11.61 -4.97 2.51
CA LEU A 44 -10.64 -3.95 2.87
C LEU A 44 -10.13 -3.20 1.65
N LYS A 45 -10.39 -1.91 1.63
CA LYS A 45 -9.84 -1.03 0.63
C LYS A 45 -8.45 -0.59 1.07
N PHE A 46 -7.49 -0.64 0.16
CA PHE A 46 -6.13 -0.26 0.50
C PHE A 46 -5.74 1.02 -0.22
N PHE A 47 -5.36 2.02 0.56
CA PHE A 47 -4.98 3.31 0.00
C PHE A 47 -3.48 3.37 -0.23
N LEU A 48 -3.09 3.40 -1.48
CA LEU A 48 -1.67 3.43 -1.82
C LEU A 48 -1.27 4.82 -2.31
N ARG A 49 -0.29 5.38 -1.65
CA ARG A 49 0.31 6.64 -2.08
C ARG A 49 1.81 6.44 -2.22
N TYR A 50 2.37 6.87 -3.33
CA TYR A 50 3.79 6.67 -3.57
C TYR A 50 4.48 8.00 -3.84
N ARG A 51 5.12 8.53 -2.81
CA ARG A 51 5.74 9.85 -2.87
C ARG A 51 7.20 9.76 -3.32
N PRO A 52 7.49 10.19 -4.55
CA PRO A 52 8.87 10.28 -5.05
C PRO A 52 9.66 11.33 -4.29
N LEU A 53 10.86 10.98 -3.85
CA LEU A 53 11.68 11.89 -3.06
C LEU A 53 12.17 13.09 -3.88
N ILE A 54 11.79 13.14 -5.15
CA ILE A 54 12.17 14.25 -6.02
C ILE A 54 11.00 15.20 -6.26
N LEU A 55 9.78 14.73 -6.03
CA LEU A 55 8.59 15.54 -6.26
C LEU A 55 7.92 15.90 -4.95
N ASP A 56 8.00 14.97 -4.00
CA ASP A 56 7.39 15.15 -2.67
C ASP A 56 5.89 15.40 -2.78
N GLN A 57 5.22 14.60 -3.61
CA GLN A 57 3.78 14.71 -3.77
C GLN A 57 3.12 13.37 -3.51
N TRP A 58 2.00 13.39 -2.81
CA TRP A 58 1.31 12.20 -2.42
C TRP A 58 0.33 11.75 -3.49
N GLN A 59 0.00 10.47 -3.48
CA GLN A 59 -0.91 9.91 -4.47
C GLN A 59 -2.12 9.28 -3.80
N HIS A 60 -3.05 8.79 -4.61
CA HIS A 60 -4.26 8.16 -4.09
C HIS A 60 -4.69 7.02 -4.99
N VAL A 61 -4.10 5.86 -4.79
CA VAL A 61 -4.50 4.66 -5.50
C VAL A 61 -5.37 3.79 -4.60
N GLU A 62 -6.65 3.76 -4.89
CA GLU A 62 -7.61 3.04 -4.06
C GLU A 62 -7.74 1.60 -4.52
N LEU A 63 -7.03 0.70 -3.86
CA LEU A 63 -7.08 -0.71 -4.18
C LEU A 63 -8.33 -1.36 -3.62
N SER A 64 -9.14 -1.92 -4.50
CA SER A 64 -10.38 -2.56 -4.11
C SER A 64 -10.12 -3.91 -3.44
N ASN A 65 -9.14 -4.65 -3.97
CA ASN A 65 -8.82 -5.97 -3.44
C ASN A 65 -7.41 -6.39 -3.83
N GLY A 66 -6.50 -5.42 -3.90
CA GLY A 66 -5.14 -5.73 -4.28
C GLY A 66 -4.21 -5.85 -3.09
N THR A 67 -3.42 -6.91 -3.06
CA THR A 67 -2.46 -7.12 -1.99
C THR A 67 -1.04 -6.94 -2.49
N ALA A 68 -0.86 -7.11 -3.80
CA ALA A 68 0.44 -6.93 -4.42
C ALA A 68 0.34 -5.91 -5.55
N HIS A 69 0.58 -4.65 -5.22
CA HIS A 69 0.51 -3.60 -6.22
C HIS A 69 1.86 -3.37 -6.86
N THR A 70 2.10 -4.09 -7.93
CA THR A 70 3.33 -3.95 -8.70
C THR A 70 3.26 -2.75 -9.62
N ILE A 71 3.64 -1.59 -9.10
CA ILE A 71 3.56 -0.35 -9.87
C ILE A 71 4.80 -0.13 -10.72
N THR A 72 4.58 0.13 -12.00
CA THR A 72 5.66 0.45 -12.92
C THR A 72 5.81 1.97 -13.04
N ASP A 73 5.25 2.66 -12.07
CA ASP A 73 5.28 4.12 -12.04
C ASP A 73 6.42 4.63 -11.16
N ALA A 74 7.20 3.69 -10.64
CA ALA A 74 8.21 4.03 -9.68
C ALA A 74 9.54 4.34 -10.35
N TYR A 75 10.21 5.36 -9.87
CA TYR A 75 11.48 5.78 -10.44
C TYR A 75 12.63 5.06 -9.77
N ALA A 76 13.40 4.33 -10.55
CA ALA A 76 14.55 3.58 -10.03
C ALA A 76 15.69 4.53 -9.66
N GLY A 77 15.58 5.78 -10.11
CA GLY A 77 16.64 6.73 -9.87
C GLY A 77 16.46 7.51 -8.58
N LYS A 78 15.27 7.41 -7.98
CA LYS A 78 14.99 8.13 -6.74
C LYS A 78 13.96 7.39 -5.91
N GLU A 79 14.17 7.38 -4.60
CA GLU A 79 13.32 6.66 -3.67
C GLU A 79 11.85 7.07 -3.78
N TYR A 80 11.00 6.07 -3.63
CA TYR A 80 9.56 6.27 -3.60
C TYR A 80 9.00 5.75 -2.29
N ILE A 81 8.54 6.65 -1.43
CA ILE A 81 7.97 6.23 -0.16
C ILE A 81 6.49 5.96 -0.33
N ILE A 82 6.13 4.69 -0.20
CA ILE A 82 4.76 4.24 -0.44
C ILE A 82 4.03 4.04 0.88
N GLN A 83 3.10 4.92 1.17
CA GLN A 83 2.30 4.83 2.38
C GLN A 83 1.01 4.08 2.09
N VAL A 84 0.77 3.04 2.88
CA VAL A 84 -0.40 2.18 2.70
C VAL A 84 -1.34 2.27 3.90
N ALA A 85 -2.64 2.37 3.62
CA ALA A 85 -3.66 2.42 4.66
C ALA A 85 -4.83 1.51 4.30
N ALA A 86 -5.75 1.30 5.24
CA ALA A 86 -6.88 0.39 5.00
C ALA A 86 -8.20 1.00 5.47
N LYS A 87 -9.31 0.55 4.86
CA LYS A 87 -10.64 1.01 5.20
C LYS A 87 -11.68 0.05 4.61
N ASP A 88 -12.77 -0.19 5.34
CA ASP A 88 -13.81 -1.12 4.86
C ASP A 88 -14.59 -0.50 3.69
N ASN A 89 -15.22 -1.35 2.88
CA ASN A 89 -15.91 -0.88 1.70
C ASN A 89 -17.34 -0.44 1.99
N GLU A 90 -17.98 -1.06 2.98
CA GLU A 90 -19.39 -0.77 3.26
C GLU A 90 -19.51 0.19 4.42
N ILE A 91 -18.89 -0.16 5.53
CA ILE A 91 -18.90 0.68 6.72
C ILE A 91 -17.48 1.05 7.08
N GLY A 92 -16.78 1.61 6.11
CA GLY A 92 -15.37 1.88 6.28
C GLY A 92 -15.09 3.23 6.90
N THR A 93 -14.48 3.20 8.06
CA THR A 93 -13.98 4.40 8.71
C THR A 93 -12.55 4.65 8.25
N TRP A 94 -12.27 5.90 7.88
CA TRP A 94 -10.97 6.25 7.31
C TRP A 94 -9.87 6.20 8.36
N SER A 95 -8.98 5.24 8.21
CA SER A 95 -7.85 5.09 9.11
C SER A 95 -6.74 6.06 8.74
N ASP A 96 -5.74 6.18 9.60
CA ASP A 96 -4.62 7.06 9.36
C ASP A 96 -3.61 6.41 8.43
N TRP A 97 -2.66 7.19 7.97
CA TRP A 97 -1.59 6.70 7.12
C TRP A 97 -0.63 5.85 7.93
N SER A 98 -0.72 4.54 7.73
CA SER A 98 -0.07 3.59 8.61
C SER A 98 1.36 3.25 8.16
N VAL A 99 1.49 2.30 7.24
CA VAL A 99 2.80 1.79 6.87
C VAL A 99 3.43 2.57 5.70
N ALA A 100 4.49 3.29 6.02
CA ALA A 100 5.27 4.00 5.01
C ALA A 100 6.43 3.13 4.52
N ALA A 101 6.28 2.54 3.35
CA ALA A 101 7.31 1.67 2.79
C ALA A 101 8.00 2.33 1.62
N HIS A 102 9.23 2.77 1.82
CA HIS A 102 9.99 3.41 0.75
C HIS A 102 10.87 2.40 0.03
N ALA A 103 10.91 2.49 -1.30
CA ALA A 103 11.71 1.59 -2.11
C ALA A 103 12.11 2.25 -3.43
N THR A 104 12.84 1.51 -4.25
CA THR A 104 13.33 2.02 -5.53
C THR A 104 13.56 0.87 -6.50
N PRO A 105 12.91 0.87 -7.67
CA PRO A 105 13.03 -0.23 -8.66
C PRO A 105 14.45 -0.42 -9.15
N TRP A 106 14.68 -1.49 -9.90
CA TRP A 106 16.00 -1.81 -10.41
C TRP A 106 16.53 -0.70 -11.32
N THR A 107 17.64 -0.10 -10.92
CA THR A 107 18.23 0.98 -11.69
C THR A 107 19.07 0.44 -12.84
N GLU A 108 18.51 0.45 -14.03
CA GLU A 108 19.20 -0.05 -15.21
C GLU A 108 20.02 1.05 -15.85
N GLU A 109 21.34 0.94 -15.73
CA GLU A 109 22.25 1.91 -16.30
C GLU A 109 23.19 1.24 -17.27
N GLY A 1 -19.32 -1.84 19.81
CA GLY A 1 -19.27 -1.28 18.44
C GLY A 1 -19.57 -2.33 17.39
N PRO A 2 -19.59 -1.94 16.11
CA PRO A 2 -19.87 -2.88 15.01
C PRO A 2 -18.71 -3.83 14.74
N LEU A 3 -18.95 -4.82 13.90
CA LEU A 3 -17.93 -5.78 13.53
C LEU A 3 -17.46 -5.52 12.11
N GLY A 4 -16.15 -5.41 11.93
CA GLY A 4 -15.59 -5.12 10.62
C GLY A 4 -15.62 -3.65 10.30
N SER A 5 -16.80 -3.05 10.34
CA SER A 5 -16.96 -1.63 10.09
C SER A 5 -16.58 -0.79 11.31
N VAL A 6 -15.44 -1.12 11.90
CA VAL A 6 -14.97 -0.43 13.10
C VAL A 6 -13.47 -0.12 12.95
N LYS A 7 -13.01 -0.07 11.70
CA LYS A 7 -11.64 0.27 11.35
C LYS A 7 -10.69 -0.90 11.61
N PRO A 8 -9.93 -1.30 10.58
CA PRO A 8 -8.95 -2.38 10.69
C PRO A 8 -7.66 -1.92 11.37
N ASP A 9 -6.69 -2.81 11.45
CA ASP A 9 -5.39 -2.47 12.02
C ASP A 9 -4.45 -2.00 10.92
N PRO A 10 -3.26 -1.47 11.28
CA PRO A 10 -2.26 -1.10 10.29
C PRO A 10 -1.81 -2.31 9.46
N PRO A 11 -1.72 -2.14 8.13
CA PRO A 11 -1.31 -3.19 7.19
C PRO A 11 -0.09 -3.97 7.67
N GLU A 12 -0.08 -5.26 7.40
CA GLU A 12 1.02 -6.12 7.80
C GLU A 12 1.79 -6.58 6.58
N ASN A 13 3.03 -7.01 6.78
CA ASN A 13 3.88 -7.53 5.70
C ASN A 13 3.99 -6.52 4.56
N VAL A 14 4.10 -5.25 4.90
CA VAL A 14 4.12 -4.18 3.90
C VAL A 14 5.54 -3.89 3.43
N VAL A 15 5.82 -4.24 2.18
CA VAL A 15 7.13 -4.00 1.61
C VAL A 15 7.04 -3.74 0.11
N ALA A 16 7.87 -2.83 -0.37
CA ALA A 16 7.98 -2.57 -1.80
C ALA A 16 9.23 -3.26 -2.32
N ARG A 17 9.11 -3.97 -3.43
CA ARG A 17 10.21 -4.80 -3.89
C ARG A 17 10.61 -4.48 -5.33
N PRO A 18 11.89 -4.17 -5.54
CA PRO A 18 12.42 -3.89 -6.88
C PRO A 18 12.40 -5.14 -7.76
N VAL A 19 12.11 -4.95 -9.04
CA VAL A 19 12.00 -6.06 -9.97
C VAL A 19 13.13 -6.02 -10.99
N PRO A 20 14.03 -7.01 -10.96
CA PRO A 20 15.12 -7.10 -11.92
C PRO A 20 14.61 -7.20 -13.36
N SER A 21 15.33 -6.54 -14.27
CA SER A 21 14.95 -6.48 -15.69
C SER A 21 13.78 -5.53 -15.92
N ASN A 22 13.21 -4.99 -14.85
CA ASN A 22 12.13 -4.01 -14.95
C ASN A 22 12.42 -2.83 -14.04
N PRO A 23 13.20 -1.85 -14.54
CA PRO A 23 13.67 -0.70 -13.76
C PRO A 23 12.56 0.03 -13.02
N ARG A 24 11.51 0.39 -13.74
CA ARG A 24 10.45 1.22 -13.17
C ARG A 24 9.43 0.40 -12.40
N ARG A 25 9.66 -0.90 -12.28
CA ARG A 25 8.70 -1.77 -11.63
C ARG A 25 9.00 -1.96 -10.15
N LEU A 26 8.09 -1.47 -9.32
CA LEU A 26 8.13 -1.74 -7.90
C LEU A 26 7.01 -2.70 -7.54
N GLU A 27 7.38 -3.92 -7.17
CA GLU A 27 6.41 -4.94 -6.81
C GLU A 27 6.00 -4.78 -5.35
N VAL A 28 5.10 -3.85 -5.11
CA VAL A 28 4.63 -3.55 -3.77
C VAL A 28 3.69 -4.64 -3.29
N THR A 29 4.00 -5.23 -2.15
CA THR A 29 3.21 -6.33 -1.63
C THR A 29 2.98 -6.16 -0.13
N TRP A 30 1.79 -6.52 0.32
CA TRP A 30 1.43 -6.43 1.72
C TRP A 30 0.38 -7.48 2.06
N GLN A 31 0.01 -7.53 3.33
CA GLN A 31 -1.02 -8.44 3.80
C GLN A 31 -1.92 -7.72 4.81
N THR A 32 -3.02 -8.35 5.18
CA THR A 32 -3.89 -7.76 6.18
C THR A 32 -3.33 -8.00 7.58
N PRO A 33 -3.75 -7.18 8.56
CA PRO A 33 -3.25 -7.29 9.93
C PRO A 33 -3.56 -8.66 10.55
N SER A 34 -2.70 -9.11 11.45
CA SER A 34 -2.88 -10.39 12.11
C SER A 34 -4.12 -10.36 13.00
N THR A 35 -4.43 -9.19 13.54
CA THR A 35 -5.57 -9.01 14.41
C THR A 35 -6.88 -9.00 13.60
N TRP A 36 -6.76 -8.86 12.29
CA TRP A 36 -7.91 -8.88 11.41
C TRP A 36 -8.30 -10.33 11.08
N PRO A 37 -9.52 -10.73 11.44
CA PRO A 37 -9.97 -12.11 11.24
C PRO A 37 -10.32 -12.41 9.78
N ASP A 38 -11.58 -12.23 9.42
CA ASP A 38 -12.06 -12.54 8.07
C ASP A 38 -11.95 -11.34 7.15
N PRO A 39 -11.01 -11.37 6.19
CA PRO A 39 -10.78 -10.28 5.27
C PRO A 39 -11.58 -10.42 3.96
N GLU A 40 -12.40 -11.46 3.90
CA GLU A 40 -13.19 -11.71 2.70
C GLU A 40 -14.59 -11.13 2.85
N SER A 41 -15.20 -11.34 4.00
CA SER A 41 -16.52 -10.81 4.28
C SER A 41 -16.44 -9.31 4.54
N PHE A 42 -15.28 -8.86 5.00
CA PHE A 42 -15.04 -7.44 5.23
C PHE A 42 -14.14 -6.89 4.12
N PRO A 43 -14.72 -6.10 3.21
CA PRO A 43 -13.98 -5.57 2.06
C PRO A 43 -13.04 -4.43 2.47
N LEU A 44 -11.80 -4.77 2.73
CA LEU A 44 -10.81 -3.79 3.16
C LEU A 44 -10.25 -3.04 1.96
N LYS A 45 -10.71 -1.81 1.79
CA LYS A 45 -10.22 -0.95 0.71
C LYS A 45 -8.90 -0.31 1.12
N PHE A 46 -7.81 -0.75 0.51
CA PHE A 46 -6.49 -0.24 0.84
C PHE A 46 -6.18 1.00 0.03
N PHE A 47 -5.86 2.08 0.72
CA PHE A 47 -5.49 3.32 0.06
C PHE A 47 -3.98 3.47 0.07
N LEU A 48 -3.38 3.39 -1.10
CA LEU A 48 -1.94 3.39 -1.22
C LEU A 48 -1.46 4.57 -2.05
N ARG A 49 -0.67 5.45 -1.44
CA ARG A 49 -0.08 6.57 -2.18
C ARG A 49 1.41 6.38 -2.29
N TYR A 50 1.97 6.62 -3.47
CA TYR A 50 3.39 6.41 -3.71
C TYR A 50 4.08 7.69 -4.19
N ARG A 51 4.71 8.39 -3.27
CA ARG A 51 5.42 9.63 -3.58
C ARG A 51 6.91 9.38 -3.86
N PRO A 52 7.44 9.86 -5.00
CA PRO A 52 8.88 9.82 -5.26
C PRO A 52 9.62 10.75 -4.31
N LEU A 53 10.80 10.34 -3.86
CA LEU A 53 11.58 11.13 -2.90
C LEU A 53 12.26 12.33 -3.56
N ILE A 54 11.74 12.75 -4.70
CA ILE A 54 12.26 13.88 -5.43
C ILE A 54 11.15 14.86 -5.80
N LEU A 55 9.91 14.38 -5.76
CA LEU A 55 8.76 15.19 -6.14
C LEU A 55 7.57 14.88 -5.24
N ASP A 56 7.02 15.91 -4.61
CA ASP A 56 5.86 15.74 -3.74
C ASP A 56 4.59 15.59 -4.56
N GLN A 57 4.48 14.48 -5.26
CA GLN A 57 3.32 14.21 -6.09
C GLN A 57 2.60 12.98 -5.58
N TRP A 58 1.71 13.18 -4.61
CA TRP A 58 0.98 12.10 -4.00
C TRP A 58 -0.03 11.53 -4.96
N GLN A 59 -0.19 10.21 -4.92
CA GLN A 59 -1.14 9.53 -5.80
C GLN A 59 -1.60 8.24 -5.15
N HIS A 60 -2.89 8.14 -4.88
CA HIS A 60 -3.43 7.01 -4.16
C HIS A 60 -4.18 6.06 -5.08
N VAL A 61 -4.00 4.78 -4.84
CA VAL A 61 -4.72 3.75 -5.55
C VAL A 61 -5.61 2.99 -4.58
N GLU A 62 -6.90 3.03 -4.83
CA GLU A 62 -7.87 2.40 -3.93
C GLU A 62 -8.00 0.92 -4.26
N LEU A 63 -7.37 0.11 -3.44
CA LEU A 63 -7.34 -1.33 -3.67
C LEU A 63 -8.25 -2.07 -2.69
N SER A 64 -9.50 -2.21 -3.06
CA SER A 64 -10.46 -2.95 -2.25
C SER A 64 -10.11 -4.43 -2.27
N ASN A 65 -9.54 -4.90 -1.15
CA ASN A 65 -9.08 -6.27 -1.00
C ASN A 65 -7.89 -6.55 -1.90
N GLY A 66 -7.05 -5.54 -2.09
CA GLY A 66 -5.81 -5.73 -2.82
C GLY A 66 -4.65 -5.95 -1.89
N THR A 67 -3.64 -6.68 -2.34
CA THR A 67 -2.50 -7.01 -1.48
C THR A 67 -1.18 -7.03 -2.25
N ALA A 68 -1.24 -6.82 -3.56
CA ALA A 68 -0.04 -6.84 -4.38
C ALA A 68 -0.12 -5.80 -5.49
N HIS A 69 0.24 -4.57 -5.16
CA HIS A 69 0.23 -3.50 -6.15
C HIS A 69 1.58 -3.35 -6.84
N THR A 70 1.65 -3.86 -8.04
CA THR A 70 2.83 -3.69 -8.88
C THR A 70 2.74 -2.37 -9.63
N ILE A 71 3.66 -1.45 -9.33
CA ILE A 71 3.63 -0.14 -9.95
C ILE A 71 4.83 0.08 -10.86
N THR A 72 4.57 0.46 -12.10
CA THR A 72 5.62 0.76 -13.06
C THR A 72 5.87 2.27 -13.13
N ASP A 73 5.24 3.00 -12.23
CA ASP A 73 5.40 4.45 -12.15
C ASP A 73 6.52 4.81 -11.17
N ALA A 74 7.31 3.81 -10.81
CA ALA A 74 8.37 4.00 -9.84
C ALA A 74 9.65 4.42 -10.54
N TYR A 75 10.41 5.29 -9.90
CA TYR A 75 11.63 5.80 -10.50
C TYR A 75 12.81 4.91 -10.10
N ALA A 76 13.27 4.10 -11.04
CA ALA A 76 14.32 3.10 -10.80
C ALA A 76 15.42 3.61 -9.87
N GLY A 77 15.98 4.76 -10.19
CA GLY A 77 17.11 5.28 -9.44
C GLY A 77 16.70 6.18 -8.29
N LYS A 78 15.42 6.21 -7.94
CA LYS A 78 14.95 7.06 -6.87
C LYS A 78 14.05 6.29 -5.90
N GLU A 79 14.01 6.73 -4.66
CA GLU A 79 13.20 6.08 -3.65
C GLU A 79 11.75 6.53 -3.75
N TYR A 80 10.85 5.63 -3.43
CA TYR A 80 9.43 5.92 -3.46
C TYR A 80 8.83 5.63 -2.09
N ILE A 81 8.32 6.67 -1.44
CA ILE A 81 7.71 6.50 -0.13
C ILE A 81 6.23 6.19 -0.29
N ILE A 82 5.86 4.97 0.05
CA ILE A 82 4.51 4.48 -0.11
C ILE A 82 3.77 4.52 1.21
N GLN A 83 2.63 5.19 1.22
CA GLN A 83 1.83 5.29 2.42
C GLN A 83 0.60 4.39 2.31
N VAL A 84 0.51 3.43 3.22
CA VAL A 84 -0.54 2.44 3.19
C VAL A 84 -1.54 2.63 4.32
N ALA A 85 -2.82 2.68 3.96
CA ALA A 85 -3.91 2.70 4.92
C ALA A 85 -5.08 1.89 4.36
N ALA A 86 -6.13 1.71 5.15
CA ALA A 86 -7.28 0.94 4.71
C ALA A 86 -8.54 1.29 5.49
N LYS A 87 -9.67 0.81 5.00
CA LYS A 87 -10.95 0.98 5.66
C LYS A 87 -11.96 0.07 4.97
N ASP A 88 -13.02 -0.27 5.67
CA ASP A 88 -14.04 -1.16 5.12
C ASP A 88 -14.87 -0.42 4.06
N ASN A 89 -15.12 -1.10 2.95
CA ASN A 89 -15.78 -0.51 1.78
C ASN A 89 -17.24 -0.16 2.05
N GLU A 90 -17.80 -0.69 3.13
CA GLU A 90 -19.20 -0.46 3.45
C GLU A 90 -19.36 0.71 4.42
N ILE A 91 -18.94 0.48 5.65
CA ILE A 91 -19.03 1.49 6.70
C ILE A 91 -17.71 1.58 7.45
N GLY A 92 -16.62 1.50 6.70
CA GLY A 92 -15.32 1.46 7.30
C GLY A 92 -14.88 2.80 7.84
N THR A 93 -14.35 2.79 9.04
CA THR A 93 -13.82 3.98 9.66
C THR A 93 -12.41 4.26 9.13
N TRP A 94 -12.24 5.42 8.52
CA TRP A 94 -10.99 5.77 7.87
C TRP A 94 -9.81 5.72 8.83
N SER A 95 -8.85 4.84 8.56
CA SER A 95 -7.64 4.77 9.35
C SER A 95 -6.61 5.75 8.84
N ASP A 96 -5.77 6.28 9.73
CA ASP A 96 -4.77 7.27 9.35
C ASP A 96 -3.62 6.60 8.59
N TRP A 97 -2.88 7.40 7.83
CA TRP A 97 -1.74 6.92 7.07
C TRP A 97 -0.77 6.15 7.98
N SER A 98 -0.76 4.83 7.80
CA SER A 98 -0.08 3.95 8.73
C SER A 98 1.37 3.66 8.32
N VAL A 99 1.54 2.75 7.36
CA VAL A 99 2.87 2.27 7.01
C VAL A 99 3.51 3.11 5.92
N ALA A 100 4.58 3.80 6.28
CA ALA A 100 5.36 4.59 5.34
C ALA A 100 6.50 3.74 4.77
N ALA A 101 6.15 2.84 3.86
CA ALA A 101 7.13 1.96 3.25
C ALA A 101 7.78 2.61 2.05
N HIS A 102 9.03 3.02 2.20
CA HIS A 102 9.77 3.61 1.09
C HIS A 102 10.85 2.67 0.61
N ALA A 103 10.93 2.48 -0.70
CA ALA A 103 11.91 1.57 -1.29
C ALA A 103 12.41 2.10 -2.62
N THR A 104 13.35 1.38 -3.20
CA THR A 104 13.93 1.77 -4.48
C THR A 104 13.80 0.63 -5.48
N PRO A 105 13.32 0.92 -6.69
CA PRO A 105 13.17 -0.08 -7.75
C PRO A 105 14.53 -0.52 -8.29
N TRP A 106 14.53 -1.26 -9.39
CA TRP A 106 15.77 -1.73 -9.99
C TRP A 106 16.46 -0.61 -10.74
N THR A 107 17.49 -0.05 -10.14
CA THR A 107 18.27 0.98 -10.78
C THR A 107 19.16 0.37 -11.87
N GLU A 108 18.74 0.55 -13.11
CA GLU A 108 19.48 0.01 -14.24
C GLU A 108 20.60 0.96 -14.62
N GLU A 109 21.83 0.52 -14.41
CA GLU A 109 22.99 1.36 -14.62
C GLU A 109 23.83 0.84 -15.77
N GLY A 1 -20.90 -6.97 18.72
CA GLY A 1 -20.40 -6.97 17.32
C GLY A 1 -20.57 -5.61 16.66
N PRO A 2 -19.91 -5.39 15.52
CA PRO A 2 -19.95 -4.10 14.82
C PRO A 2 -21.12 -4.02 13.83
N LEU A 3 -21.23 -2.90 13.13
CA LEU A 3 -22.21 -2.76 12.06
C LEU A 3 -21.62 -3.29 10.76
N GLY A 4 -21.37 -4.60 10.74
CA GLY A 4 -20.70 -5.21 9.60
C GLY A 4 -19.20 -5.20 9.77
N SER A 5 -18.59 -4.03 9.60
CA SER A 5 -17.15 -3.89 9.77
C SER A 5 -16.81 -2.68 10.63
N VAL A 6 -15.62 -2.70 11.22
CA VAL A 6 -15.14 -1.60 12.05
C VAL A 6 -13.86 -1.02 11.45
N LYS A 7 -13.16 -0.20 12.23
CA LYS A 7 -11.90 0.37 11.77
C LYS A 7 -10.83 -0.73 11.73
N PRO A 8 -10.15 -0.88 10.59
CA PRO A 8 -9.13 -1.90 10.42
C PRO A 8 -7.86 -1.55 11.17
N ASP A 9 -6.97 -2.52 11.29
CA ASP A 9 -5.66 -2.27 11.87
C ASP A 9 -4.69 -1.92 10.76
N PRO A 10 -3.63 -1.15 11.04
CA PRO A 10 -2.64 -0.78 10.03
C PRO A 10 -2.14 -2.01 9.26
N PRO A 11 -2.10 -1.92 7.92
CA PRO A 11 -1.70 -3.03 7.06
C PRO A 11 -0.42 -3.69 7.54
N GLU A 12 -0.39 -5.02 7.49
CA GLU A 12 0.76 -5.75 7.99
C GLU A 12 1.41 -6.54 6.86
N ASN A 13 2.60 -7.05 7.14
CA ASN A 13 3.37 -7.83 6.16
C ASN A 13 3.67 -6.99 4.92
N VAL A 14 3.95 -5.72 5.14
CA VAL A 14 4.13 -4.77 4.05
C VAL A 14 5.59 -4.69 3.62
N VAL A 15 5.82 -4.92 2.33
CA VAL A 15 7.14 -4.85 1.76
C VAL A 15 7.08 -4.53 0.26
N ALA A 16 7.77 -3.47 -0.15
CA ALA A 16 7.85 -3.11 -1.54
C ALA A 16 9.17 -3.63 -2.13
N ARG A 17 9.08 -4.38 -3.22
CA ARG A 17 10.26 -5.01 -3.79
C ARG A 17 10.41 -4.65 -5.25
N PRO A 18 11.60 -4.15 -5.64
CA PRO A 18 11.88 -3.79 -7.02
C PRO A 18 11.89 -5.01 -7.93
N VAL A 19 11.25 -4.89 -9.09
CA VAL A 19 11.20 -5.99 -10.05
C VAL A 19 12.49 -6.06 -10.85
N PRO A 20 13.25 -7.16 -10.72
CA PRO A 20 14.55 -7.30 -11.36
C PRO A 20 14.47 -7.22 -12.88
N SER A 21 13.35 -7.67 -13.44
CA SER A 21 13.17 -7.65 -14.88
C SER A 21 12.35 -6.45 -15.33
N ASN A 22 12.27 -5.44 -14.47
CA ASN A 22 11.57 -4.20 -14.80
C ASN A 22 12.08 -3.06 -13.93
N PRO A 23 13.00 -2.25 -14.48
CA PRO A 23 13.66 -1.15 -13.75
C PRO A 23 12.68 -0.17 -13.10
N ARG A 24 11.61 0.18 -13.80
CA ARG A 24 10.68 1.17 -13.31
C ARG A 24 9.58 0.56 -12.44
N ARG A 25 9.68 -0.74 -12.17
CA ARG A 25 8.61 -1.44 -11.48
C ARG A 25 8.96 -1.79 -10.03
N LEU A 26 8.03 -1.45 -9.14
CA LEU A 26 8.10 -1.86 -7.75
C LEU A 26 6.88 -2.72 -7.43
N GLU A 27 7.11 -3.89 -6.87
CA GLU A 27 6.00 -4.74 -6.45
C GLU A 27 5.79 -4.61 -4.95
N VAL A 28 4.73 -3.93 -4.56
CA VAL A 28 4.42 -3.75 -3.15
C VAL A 28 3.48 -4.85 -2.68
N THR A 29 3.92 -5.61 -1.71
CA THR A 29 3.12 -6.70 -1.18
C THR A 29 2.80 -6.44 0.29
N TRP A 30 1.59 -6.77 0.69
CA TRP A 30 1.15 -6.60 2.07
C TRP A 30 0.12 -7.66 2.43
N GLN A 31 -0.56 -7.46 3.53
CA GLN A 31 -1.58 -8.39 4.00
C GLN A 31 -2.58 -7.64 4.87
N THR A 32 -3.75 -8.23 5.08
CA THR A 32 -4.70 -7.67 6.02
C THR A 32 -4.21 -7.90 7.43
N PRO A 33 -4.42 -6.94 8.33
CA PRO A 33 -3.98 -7.04 9.71
C PRO A 33 -4.61 -8.25 10.41
N SER A 34 -3.94 -8.75 11.43
CA SER A 34 -4.40 -9.91 12.18
C SER A 34 -5.73 -9.61 12.88
N THR A 35 -6.02 -8.33 13.07
CA THR A 35 -7.23 -7.91 13.75
C THR A 35 -8.41 -7.75 12.77
N TRP A 36 -8.16 -7.98 11.49
CA TRP A 36 -9.21 -7.89 10.48
C TRP A 36 -9.75 -9.27 10.15
N PRO A 37 -11.08 -9.40 10.04
CA PRO A 37 -11.74 -10.67 9.70
C PRO A 37 -11.47 -11.10 8.25
N ASP A 38 -12.42 -11.77 7.62
CA ASP A 38 -12.26 -12.25 6.25
C ASP A 38 -12.32 -11.09 5.25
N PRO A 39 -11.24 -10.89 4.47
CA PRO A 39 -11.14 -9.78 3.52
C PRO A 39 -12.01 -9.97 2.27
N GLU A 40 -12.55 -11.17 2.11
CA GLU A 40 -13.41 -11.47 0.97
C GLU A 40 -14.81 -10.91 1.22
N SER A 41 -15.37 -11.27 2.36
CA SER A 41 -16.70 -10.80 2.73
C SER A 41 -16.64 -9.35 3.23
N PHE A 42 -15.48 -8.98 3.77
CA PHE A 42 -15.27 -7.60 4.21
C PHE A 42 -14.08 -7.00 3.46
N PRO A 43 -14.35 -6.39 2.30
CA PRO A 43 -13.30 -5.87 1.41
C PRO A 43 -12.52 -4.71 2.03
N LEU A 44 -11.33 -5.01 2.52
CA LEU A 44 -10.45 -4.00 3.07
C LEU A 44 -9.76 -3.24 1.95
N LYS A 45 -10.26 -2.04 1.67
CA LYS A 45 -9.68 -1.22 0.63
C LYS A 45 -8.37 -0.58 1.11
N PHE A 46 -7.27 -1.06 0.56
CA PHE A 46 -5.97 -0.54 0.91
C PHE A 46 -5.66 0.67 0.06
N PHE A 47 -5.11 1.70 0.69
CA PHE A 47 -4.82 2.94 0.00
C PHE A 47 -3.33 3.18 -0.05
N LEU A 48 -2.74 2.83 -1.18
CA LEU A 48 -1.31 2.95 -1.38
C LEU A 48 -0.97 4.25 -2.07
N ARG A 49 -0.15 5.08 -1.43
CA ARG A 49 0.30 6.32 -2.05
C ARG A 49 1.82 6.35 -2.10
N TYR A 50 2.37 6.64 -3.27
CA TYR A 50 3.80 6.63 -3.45
C TYR A 50 4.32 7.99 -3.93
N ARG A 51 4.96 8.71 -3.04
CA ARG A 51 5.53 10.02 -3.36
C ARG A 51 6.99 9.87 -3.76
N PRO A 52 7.35 10.30 -4.98
CA PRO A 52 8.73 10.29 -5.43
C PRO A 52 9.54 11.38 -4.73
N LEU A 53 10.76 11.06 -4.33
CA LEU A 53 11.61 12.00 -3.57
C LEU A 53 12.15 13.13 -4.46
N ILE A 54 11.30 13.63 -5.35
CA ILE A 54 11.64 14.74 -6.20
C ILE A 54 10.41 15.63 -6.41
N LEU A 55 9.24 15.03 -6.32
CA LEU A 55 7.99 15.75 -6.51
C LEU A 55 7.08 15.54 -5.31
N ASP A 56 6.70 16.63 -4.68
CA ASP A 56 5.82 16.58 -3.52
C ASP A 56 4.38 16.37 -3.96
N GLN A 57 4.10 15.18 -4.47
CA GLN A 57 2.78 14.84 -4.95
C GLN A 57 2.42 13.42 -4.53
N TRP A 58 1.19 13.25 -4.07
CA TRP A 58 0.72 11.96 -3.62
C TRP A 58 0.07 11.20 -4.76
N GLN A 59 0.50 9.96 -4.93
CA GLN A 59 -0.06 9.11 -5.96
C GLN A 59 -0.69 7.89 -5.34
N HIS A 60 -1.99 7.97 -5.16
CA HIS A 60 -2.72 6.94 -4.41
C HIS A 60 -3.47 5.99 -5.33
N VAL A 61 -3.61 4.76 -4.87
CA VAL A 61 -4.40 3.75 -5.57
C VAL A 61 -5.27 3.00 -4.56
N GLU A 62 -6.51 2.76 -4.92
CA GLU A 62 -7.44 2.08 -4.01
C GLU A 62 -7.56 0.61 -4.38
N LEU A 63 -7.17 -0.25 -3.45
CA LEU A 63 -7.20 -1.69 -3.68
C LEU A 63 -8.13 -2.37 -2.68
N SER A 64 -9.40 -2.52 -3.08
CA SER A 64 -10.42 -3.10 -2.21
C SER A 64 -10.12 -4.55 -1.84
N ASN A 65 -9.35 -5.21 -2.68
CA ASN A 65 -8.96 -6.60 -2.43
C ASN A 65 -7.61 -6.89 -3.07
N GLY A 66 -6.73 -5.89 -3.01
CA GLY A 66 -5.41 -6.05 -3.57
C GLY A 66 -4.35 -6.18 -2.50
N THR A 67 -3.38 -7.06 -2.72
CA THR A 67 -2.35 -7.31 -1.72
C THR A 67 -0.97 -7.37 -2.38
N ALA A 68 -0.93 -7.39 -3.70
CA ALA A 68 0.32 -7.43 -4.45
C ALA A 68 0.27 -6.44 -5.60
N HIS A 69 0.49 -5.16 -5.28
CA HIS A 69 0.40 -4.10 -6.27
C HIS A 69 1.75 -3.84 -6.93
N THR A 70 1.83 -4.11 -8.22
CA THR A 70 3.03 -3.82 -8.99
C THR A 70 2.90 -2.46 -9.67
N ILE A 71 3.85 -1.57 -9.40
CA ILE A 71 3.83 -0.24 -9.98
C ILE A 71 5.04 -0.01 -10.85
N THR A 72 4.81 0.24 -12.14
CA THR A 72 5.87 0.61 -13.06
C THR A 72 5.94 2.13 -13.17
N ASP A 73 5.40 2.79 -12.16
CA ASP A 73 5.34 4.24 -12.11
C ASP A 73 6.51 4.81 -11.35
N ALA A 74 7.34 3.93 -10.81
CA ALA A 74 8.38 4.32 -9.89
C ALA A 74 9.69 4.62 -10.61
N TYR A 75 10.22 5.81 -10.37
CA TYR A 75 11.53 6.17 -10.89
C TYR A 75 12.62 5.36 -10.20
N ALA A 76 13.18 4.40 -10.93
CA ALA A 76 14.22 3.51 -10.40
C ALA A 76 15.36 4.27 -9.74
N GLY A 77 15.61 5.47 -10.22
CA GLY A 77 16.71 6.27 -9.72
C GLY A 77 16.32 7.19 -8.57
N LYS A 78 15.09 7.06 -8.11
CA LYS A 78 14.60 7.93 -7.05
C LYS A 78 13.89 7.13 -5.97
N GLU A 79 14.12 7.50 -4.72
CA GLU A 79 13.48 6.86 -3.60
C GLU A 79 12.01 7.26 -3.51
N TYR A 80 11.17 6.31 -3.14
CA TYR A 80 9.75 6.56 -3.03
C TYR A 80 9.27 6.32 -1.61
N ILE A 81 8.42 7.20 -1.11
CA ILE A 81 7.77 6.98 0.16
C ILE A 81 6.35 6.50 -0.07
N ILE A 82 6.13 5.22 0.16
CA ILE A 82 4.87 4.58 -0.15
C ILE A 82 4.09 4.28 1.10
N GLN A 83 3.13 5.13 1.42
CA GLN A 83 2.31 4.95 2.61
C GLN A 83 1.08 4.12 2.28
N VAL A 84 0.85 3.10 3.09
CA VAL A 84 -0.28 2.21 2.92
C VAL A 84 -1.30 2.43 4.03
N ALA A 85 -2.52 2.78 3.64
CA ALA A 85 -3.61 2.98 4.60
C ALA A 85 -4.70 1.95 4.36
N ALA A 86 -5.73 1.96 5.20
CA ALA A 86 -6.80 0.98 5.08
C ALA A 86 -8.16 1.58 5.44
N LYS A 87 -9.20 1.05 4.79
CA LYS A 87 -10.57 1.44 5.05
C LYS A 87 -11.50 0.44 4.38
N ASP A 88 -12.51 -0.02 5.09
CA ASP A 88 -13.44 -0.99 4.53
C ASP A 88 -14.21 -0.37 3.37
N ASN A 89 -14.47 -1.15 2.33
CA ASN A 89 -15.14 -0.65 1.15
C ASN A 89 -16.60 -0.34 1.44
N GLU A 90 -17.15 -1.00 2.45
CA GLU A 90 -18.52 -0.78 2.87
C GLU A 90 -18.60 0.36 3.87
N ILE A 91 -17.99 0.17 5.03
CA ILE A 91 -18.00 1.17 6.09
C ILE A 91 -16.83 2.14 5.91
N GLY A 92 -17.12 3.42 6.06
CA GLY A 92 -16.10 4.42 5.86
C GLY A 92 -15.20 4.58 7.07
N THR A 93 -14.61 3.49 7.51
CA THR A 93 -13.70 3.52 8.65
C THR A 93 -12.29 3.84 8.19
N TRP A 94 -12.07 5.11 7.84
CA TRP A 94 -10.81 5.55 7.30
C TRP A 94 -9.70 5.55 8.35
N SER A 95 -8.65 4.79 8.08
CA SER A 95 -7.48 4.77 8.95
C SER A 95 -6.47 5.81 8.49
N ASP A 96 -5.57 6.19 9.39
CA ASP A 96 -4.56 7.21 9.09
C ASP A 96 -3.42 6.61 8.26
N TRP A 97 -2.60 7.49 7.67
CA TRP A 97 -1.45 7.06 6.90
C TRP A 97 -0.49 6.26 7.76
N SER A 98 -0.58 4.94 7.66
CA SER A 98 0.13 4.06 8.56
C SER A 98 1.50 3.66 8.02
N VAL A 99 1.54 2.62 7.21
CA VAL A 99 2.80 2.05 6.75
C VAL A 99 3.48 2.91 5.72
N ALA A 100 4.51 3.62 6.15
CA ALA A 100 5.33 4.42 5.24
C ALA A 100 6.49 3.58 4.72
N ALA A 101 6.22 2.78 3.69
CA ALA A 101 7.22 1.88 3.14
C ALA A 101 8.18 2.64 2.23
N HIS A 102 9.47 2.34 2.34
CA HIS A 102 10.47 2.98 1.52
C HIS A 102 10.95 2.03 0.43
N ALA A 103 10.95 2.49 -0.81
CA ALA A 103 11.31 1.62 -1.93
C ALA A 103 11.96 2.40 -3.07
N THR A 104 12.68 1.66 -3.90
CA THR A 104 13.37 2.19 -5.08
C THR A 104 13.57 1.04 -6.08
N PRO A 105 12.92 1.10 -7.25
CA PRO A 105 13.00 -0.01 -8.20
C PRO A 105 14.40 -0.14 -8.82
N TRP A 106 14.63 -1.22 -9.55
CA TRP A 106 15.96 -1.50 -10.07
C TRP A 106 16.47 -0.36 -10.94
N THR A 107 17.47 0.33 -10.43
CA THR A 107 18.14 1.38 -11.17
C THR A 107 19.01 0.78 -12.26
N GLU A 108 18.45 0.71 -13.46
CA GLU A 108 19.12 0.10 -14.61
C GLU A 108 20.52 0.65 -14.77
N GLU A 109 20.60 1.95 -14.97
CA GLU A 109 21.86 2.64 -15.11
C GLU A 109 21.69 4.13 -14.84
N GLY A 1 -26.16 -10.24 13.61
CA GLY A 1 -25.00 -10.17 12.69
C GLY A 1 -23.69 -10.04 13.44
N PRO A 2 -22.63 -9.53 12.78
CA PRO A 2 -21.31 -9.37 13.40
C PRO A 2 -21.23 -8.15 14.31
N LEU A 3 -20.27 -8.17 15.23
CA LEU A 3 -20.02 -7.06 16.13
C LEU A 3 -19.65 -5.81 15.34
N GLY A 4 -18.74 -5.99 14.39
CA GLY A 4 -18.29 -4.88 13.58
C GLY A 4 -16.80 -4.94 13.31
N SER A 5 -16.33 -4.08 12.43
CA SER A 5 -14.93 -4.03 12.10
C SER A 5 -14.17 -3.22 13.15
N VAL A 6 -14.79 -2.13 13.58
CA VAL A 6 -14.24 -1.24 14.61
C VAL A 6 -12.83 -0.78 14.21
N LYS A 7 -12.70 -0.34 12.96
CA LYS A 7 -11.45 0.20 12.41
C LYS A 7 -10.35 -0.85 12.33
N PRO A 8 -9.94 -1.21 11.10
CA PRO A 8 -8.81 -2.11 10.89
C PRO A 8 -7.49 -1.42 11.20
N ASP A 9 -6.53 -2.19 11.64
CA ASP A 9 -5.25 -1.64 12.07
C ASP A 9 -4.29 -1.51 10.90
N PRO A 10 -3.16 -0.80 11.07
CA PRO A 10 -2.14 -0.66 10.01
C PRO A 10 -1.73 -2.02 9.45
N PRO A 11 -1.85 -2.19 8.11
CA PRO A 11 -1.53 -3.46 7.44
C PRO A 11 -0.12 -3.96 7.79
N GLU A 12 0.06 -5.26 7.73
CA GLU A 12 1.35 -5.86 8.04
C GLU A 12 1.85 -6.69 6.86
N ASN A 13 3.15 -7.01 6.90
CA ASN A 13 3.80 -7.74 5.81
C ASN A 13 3.90 -6.86 4.58
N VAL A 14 3.95 -5.55 4.83
CA VAL A 14 4.00 -4.56 3.78
C VAL A 14 5.44 -4.25 3.41
N VAL A 15 5.82 -4.61 2.20
CA VAL A 15 7.16 -4.38 1.70
C VAL A 15 7.13 -4.03 0.22
N ALA A 16 7.95 -3.05 -0.16
CA ALA A 16 8.08 -2.68 -1.55
C ALA A 16 9.36 -3.28 -2.12
N ARG A 17 9.22 -4.08 -3.17
CA ARG A 17 10.34 -4.81 -3.73
C ARG A 17 10.54 -4.47 -5.20
N PRO A 18 11.80 -4.53 -5.66
CA PRO A 18 12.14 -4.25 -7.06
C PRO A 18 11.85 -5.44 -7.96
N VAL A 19 11.19 -5.19 -9.08
CA VAL A 19 10.93 -6.24 -10.04
C VAL A 19 12.07 -6.30 -11.07
N PRO A 20 12.83 -7.41 -11.08
CA PRO A 20 13.98 -7.57 -11.97
C PRO A 20 13.60 -7.44 -13.44
N SER A 21 14.56 -7.01 -14.25
CA SER A 21 14.35 -6.79 -15.68
C SER A 21 13.43 -5.59 -15.94
N ASN A 22 13.02 -4.91 -14.87
CA ASN A 22 12.18 -3.72 -15.01
C ASN A 22 12.63 -2.65 -14.02
N PRO A 23 13.44 -1.69 -14.49
CA PRO A 23 14.03 -0.65 -13.64
C PRO A 23 13.01 0.34 -13.11
N ARG A 24 11.76 0.22 -13.56
CA ARG A 24 10.73 1.17 -13.15
C ARG A 24 9.61 0.48 -12.38
N ARG A 25 9.70 -0.84 -12.25
CA ARG A 25 8.65 -1.61 -11.62
C ARG A 25 8.87 -1.77 -10.11
N LEU A 26 8.02 -1.11 -9.34
CA LEU A 26 8.03 -1.23 -7.89
C LEU A 26 6.87 -2.08 -7.43
N GLU A 27 7.16 -3.25 -6.88
CA GLU A 27 6.10 -4.14 -6.41
C GLU A 27 5.87 -3.99 -4.92
N VAL A 28 4.75 -3.40 -4.56
CA VAL A 28 4.36 -3.29 -3.17
C VAL A 28 3.49 -4.48 -2.79
N THR A 29 3.92 -5.21 -1.78
CA THR A 29 3.19 -6.39 -1.34
C THR A 29 2.88 -6.30 0.14
N TRP A 30 1.65 -6.63 0.52
CA TRP A 30 1.22 -6.48 1.90
C TRP A 30 0.16 -7.51 2.27
N GLN A 31 -0.29 -7.43 3.51
CA GLN A 31 -1.36 -8.27 4.02
C GLN A 31 -2.18 -7.48 5.04
N THR A 32 -3.20 -8.10 5.60
CA THR A 32 -3.99 -7.43 6.63
C THR A 32 -3.19 -7.32 7.92
N PRO A 33 -3.55 -6.38 8.80
CA PRO A 33 -2.88 -6.18 10.09
C PRO A 33 -2.94 -7.42 10.97
N SER A 34 -2.02 -7.51 11.93
CA SER A 34 -2.02 -8.61 12.89
C SER A 34 -3.22 -8.49 13.83
N THR A 35 -3.78 -7.29 13.91
CA THR A 35 -4.95 -7.03 14.74
C THR A 35 -6.25 -7.35 13.99
N TRP A 36 -6.12 -7.83 12.76
CA TRP A 36 -7.29 -8.20 11.96
C TRP A 36 -7.47 -9.71 11.93
N PRO A 37 -8.62 -10.22 12.40
CA PRO A 37 -8.91 -11.65 12.40
C PRO A 37 -9.23 -12.17 10.99
N ASP A 38 -10.51 -12.37 10.70
CA ASP A 38 -10.92 -12.81 9.37
C ASP A 38 -11.22 -11.60 8.49
N PRO A 39 -10.60 -11.55 7.30
CA PRO A 39 -10.70 -10.42 6.39
C PRO A 39 -11.68 -10.66 5.25
N GLU A 40 -12.55 -11.63 5.42
CA GLU A 40 -13.53 -11.96 4.39
C GLU A 40 -14.88 -11.37 4.75
N SER A 41 -15.28 -11.51 6.01
CA SER A 41 -16.50 -10.90 6.50
C SER A 41 -16.31 -9.38 6.59
N PHE A 42 -15.06 -8.98 6.75
CA PHE A 42 -14.69 -7.57 6.75
C PHE A 42 -13.52 -7.34 5.79
N PRO A 43 -13.81 -7.18 4.49
CA PRO A 43 -12.80 -6.99 3.46
C PRO A 43 -12.10 -5.65 3.61
N LEU A 44 -10.79 -5.63 3.40
CA LEU A 44 -10.03 -4.42 3.61
C LEU A 44 -9.69 -3.73 2.30
N LYS A 45 -10.19 -2.51 2.17
CA LYS A 45 -9.83 -1.66 1.05
C LYS A 45 -8.53 -0.94 1.39
N PHE A 46 -7.48 -1.26 0.66
CA PHE A 46 -6.17 -0.69 0.93
C PHE A 46 -5.93 0.54 0.08
N PHE A 47 -5.53 1.61 0.72
CA PHE A 47 -5.29 2.87 0.03
C PHE A 47 -3.80 3.12 -0.07
N LEU A 48 -3.32 3.24 -1.31
CA LEU A 48 -1.90 3.33 -1.58
C LEU A 48 -1.53 4.70 -2.14
N ARG A 49 -0.53 5.32 -1.54
CA ARG A 49 0.04 6.55 -2.07
C ARG A 49 1.54 6.43 -2.14
N TYR A 50 2.12 6.78 -3.27
CA TYR A 50 3.55 6.60 -3.48
C TYR A 50 4.19 7.89 -3.98
N ARG A 51 4.77 8.62 -3.05
CA ARG A 51 5.43 9.90 -3.35
C ARG A 51 6.91 9.69 -3.61
N PRO A 52 7.39 10.07 -4.80
CA PRO A 52 8.82 10.03 -5.11
C PRO A 52 9.60 10.99 -4.21
N LEU A 53 10.74 10.54 -3.70
CA LEU A 53 11.55 11.33 -2.78
C LEU A 53 12.22 12.51 -3.48
N ILE A 54 11.41 13.36 -4.09
CA ILE A 54 11.89 14.55 -4.79
C ILE A 54 10.97 15.73 -4.53
N LEU A 55 9.67 15.45 -4.35
CA LEU A 55 8.72 16.50 -4.08
C LEU A 55 7.54 15.96 -3.28
N ASP A 56 6.55 16.81 -3.04
CA ASP A 56 5.38 16.43 -2.25
C ASP A 56 4.16 16.27 -3.14
N GLN A 57 4.03 15.08 -3.70
CA GLN A 57 2.91 14.76 -4.56
C GLN A 57 2.35 13.39 -4.20
N TRP A 58 1.17 13.39 -3.58
CA TRP A 58 0.58 12.17 -3.07
C TRP A 58 -0.28 11.50 -4.12
N GLN A 59 -0.47 10.21 -3.95
CA GLN A 59 -1.27 9.41 -4.86
C GLN A 59 -2.43 8.79 -4.11
N HIS A 60 -3.36 8.17 -4.82
CA HIS A 60 -4.52 7.57 -4.19
C HIS A 60 -5.00 6.35 -4.95
N VAL A 61 -4.35 5.22 -4.72
CA VAL A 61 -4.80 3.95 -5.27
C VAL A 61 -5.69 3.25 -4.26
N GLU A 62 -6.89 2.90 -4.69
CA GLU A 62 -7.85 2.26 -3.79
C GLU A 62 -8.07 0.81 -4.19
N LEU A 63 -7.36 -0.09 -3.52
CA LEU A 63 -7.44 -1.51 -3.83
C LEU A 63 -8.52 -2.18 -3.00
N SER A 64 -9.57 -2.64 -3.68
CA SER A 64 -10.69 -3.29 -3.01
C SER A 64 -10.26 -4.58 -2.33
N ASN A 65 -9.40 -5.35 -3.00
CA ASN A 65 -8.94 -6.62 -2.46
C ASN A 65 -7.55 -6.95 -2.96
N GLY A 66 -6.80 -5.92 -3.32
CA GLY A 66 -5.46 -6.11 -3.83
C GLY A 66 -4.43 -6.12 -2.71
N THR A 67 -3.46 -7.02 -2.82
CA THR A 67 -2.42 -7.14 -1.81
C THR A 67 -1.03 -7.16 -2.45
N ALA A 68 -1.01 -7.21 -3.77
CA ALA A 68 0.24 -7.22 -4.52
C ALA A 68 0.17 -6.22 -5.67
N HIS A 69 0.34 -4.95 -5.34
CA HIS A 69 0.27 -3.89 -6.35
C HIS A 69 1.65 -3.59 -6.91
N THR A 70 1.79 -3.78 -8.21
CA THR A 70 3.01 -3.43 -8.89
C THR A 70 2.85 -2.10 -9.63
N ILE A 71 3.78 -1.19 -9.39
CA ILE A 71 3.73 0.12 -10.01
C ILE A 71 4.98 0.39 -10.81
N THR A 72 4.83 0.44 -12.13
CA THR A 72 5.93 0.75 -13.03
C THR A 72 6.11 2.25 -13.14
N ASP A 73 5.63 2.96 -12.13
CA ASP A 73 5.71 4.42 -12.10
C ASP A 73 6.92 4.89 -11.30
N ALA A 74 7.63 3.94 -10.72
CA ALA A 74 8.63 4.27 -9.72
C ALA A 74 10.00 4.52 -10.33
N TYR A 75 10.74 5.39 -9.66
CA TYR A 75 12.11 5.70 -10.07
C TYR A 75 13.10 4.80 -9.35
N ALA A 76 13.93 4.11 -10.10
CA ALA A 76 14.98 3.29 -9.52
C ALA A 76 16.03 4.17 -8.85
N GLY A 77 16.15 5.39 -9.37
CA GLY A 77 17.13 6.32 -8.84
C GLY A 77 16.58 7.21 -7.74
N LYS A 78 15.30 7.07 -7.44
CA LYS A 78 14.66 7.88 -6.41
C LYS A 78 13.60 7.08 -5.67
N GLU A 79 13.83 6.85 -4.39
CA GLU A 79 12.93 6.05 -3.58
C GLU A 79 11.52 6.60 -3.58
N TYR A 80 10.55 5.70 -3.61
CA TYR A 80 9.15 6.07 -3.58
C TYR A 80 8.58 5.71 -2.20
N ILE A 81 8.14 6.71 -1.46
CA ILE A 81 7.56 6.46 -0.15
C ILE A 81 6.09 6.07 -0.30
N ILE A 82 5.85 4.78 -0.28
CA ILE A 82 4.52 4.24 -0.49
C ILE A 82 3.81 4.02 0.84
N GLN A 83 2.98 4.98 1.21
CA GLN A 83 2.23 4.90 2.44
C GLN A 83 0.90 4.20 2.21
N VAL A 84 0.60 3.23 3.05
CA VAL A 84 -0.58 2.39 2.89
C VAL A 84 -1.57 2.58 4.03
N ALA A 85 -2.83 2.80 3.68
CA ALA A 85 -3.90 2.91 4.65
C ALA A 85 -4.92 1.79 4.42
N ALA A 86 -5.92 1.70 5.28
CA ALA A 86 -6.93 0.66 5.15
C ALA A 86 -8.31 1.17 5.54
N LYS A 87 -9.33 0.40 5.17
CA LYS A 87 -10.72 0.70 5.49
C LYS A 87 -11.58 -0.52 5.19
N ASP A 88 -12.45 -0.89 6.12
CA ASP A 88 -13.31 -2.05 5.92
C ASP A 88 -14.38 -1.76 4.89
N ASN A 89 -14.70 -2.75 4.08
CA ASN A 89 -15.66 -2.60 3.00
C ASN A 89 -17.09 -2.68 3.54
N GLU A 90 -17.26 -3.33 4.67
CA GLU A 90 -18.55 -3.43 5.31
C GLU A 90 -18.91 -2.12 6.00
N ILE A 91 -18.18 -1.80 7.06
CA ILE A 91 -18.36 -0.54 7.76
C ILE A 91 -17.28 0.44 7.35
N GLY A 92 -17.70 1.58 6.82
CA GLY A 92 -16.76 2.57 6.32
C GLY A 92 -16.00 3.26 7.44
N THR A 93 -14.96 2.60 7.93
CA THR A 93 -14.11 3.15 8.96
C THR A 93 -12.70 3.35 8.43
N TRP A 94 -12.35 4.61 8.21
CA TRP A 94 -11.09 4.97 7.57
C TRP A 94 -9.94 4.95 8.58
N SER A 95 -8.95 4.11 8.31
CA SER A 95 -7.73 4.10 9.10
C SER A 95 -6.75 5.11 8.54
N ASP A 96 -5.81 5.57 9.36
CA ASP A 96 -4.84 6.56 8.95
C ASP A 96 -3.79 5.94 8.04
N TRP A 97 -3.17 6.76 7.18
CA TRP A 97 -2.09 6.31 6.31
C TRP A 97 -0.91 5.84 7.15
N SER A 98 -0.82 4.54 7.33
CA SER A 98 0.10 3.96 8.29
C SER A 98 1.46 3.62 7.68
N VAL A 99 1.49 2.52 6.95
CA VAL A 99 2.76 1.95 6.49
C VAL A 99 3.38 2.77 5.37
N ALA A 100 4.37 3.57 5.71
CA ALA A 100 5.13 4.33 4.73
C ALA A 100 6.34 3.54 4.27
N ALA A 101 6.15 2.72 3.24
CA ALA A 101 7.22 1.89 2.71
C ALA A 101 7.94 2.59 1.56
N HIS A 102 9.14 3.08 1.82
CA HIS A 102 9.93 3.73 0.78
C HIS A 102 10.97 2.76 0.23
N ALA A 103 10.93 2.55 -1.08
CA ALA A 103 11.84 1.63 -1.74
C ALA A 103 12.03 2.03 -3.21
N THR A 104 12.81 1.24 -3.93
CA THR A 104 13.11 1.53 -5.32
C THR A 104 13.04 0.26 -6.17
N PRO A 105 12.65 0.40 -7.46
CA PRO A 105 12.66 -0.73 -8.40
C PRO A 105 14.08 -1.15 -8.75
N TRP A 106 14.23 -2.02 -9.75
CA TRP A 106 15.54 -2.48 -10.17
C TRP A 106 16.40 -1.29 -10.58
N THR A 107 17.41 -1.01 -9.77
CA THR A 107 18.27 0.14 -9.99
C THR A 107 19.27 -0.13 -11.11
N GLU A 108 18.83 0.04 -12.34
CA GLU A 108 19.67 -0.15 -13.50
C GLU A 108 20.55 1.07 -13.72
N GLU A 109 21.85 0.88 -13.66
CA GLU A 109 22.79 1.98 -13.79
C GLU A 109 23.60 1.85 -15.07
N GLY A 1 -16.96 4.31 16.43
CA GLY A 1 -16.54 3.02 17.02
C GLY A 1 -16.37 1.94 15.98
N PRO A 2 -15.58 0.89 16.25
CA PRO A 2 -15.32 -0.19 15.30
C PRO A 2 -16.44 -1.23 15.25
N LEU A 3 -17.68 -0.76 15.33
CA LEU A 3 -18.84 -1.62 15.19
C LEU A 3 -19.67 -1.14 14.02
N GLY A 4 -19.78 -1.98 13.00
CA GLY A 4 -20.38 -1.56 11.75
C GLY A 4 -19.37 -0.81 10.92
N SER A 5 -18.86 0.28 11.48
CA SER A 5 -17.76 1.01 10.89
C SER A 5 -16.44 0.39 11.34
N VAL A 6 -16.12 -0.78 10.78
CA VAL A 6 -14.97 -1.55 11.24
C VAL A 6 -13.66 -1.01 10.67
N LYS A 7 -13.12 0.00 11.33
CA LYS A 7 -11.83 0.57 10.96
C LYS A 7 -10.73 -0.46 11.24
N PRO A 8 -10.03 -0.91 10.19
CA PRO A 8 -9.00 -1.94 10.30
C PRO A 8 -7.76 -1.43 11.03
N ASP A 9 -6.86 -2.35 11.32
CA ASP A 9 -5.57 -1.99 11.88
C ASP A 9 -4.59 -1.78 10.74
N PRO A 10 -3.53 -0.97 10.94
CA PRO A 10 -2.52 -0.73 9.90
C PRO A 10 -2.04 -2.04 9.28
N PRO A 11 -2.05 -2.13 7.94
CA PRO A 11 -1.71 -3.35 7.20
C PRO A 11 -0.39 -3.96 7.69
N GLU A 12 -0.31 -5.27 7.66
CA GLU A 12 0.87 -5.97 8.14
C GLU A 12 1.57 -6.68 6.99
N ASN A 13 2.82 -7.07 7.22
CA ASN A 13 3.62 -7.78 6.24
C ASN A 13 3.76 -6.97 4.94
N VAL A 14 3.79 -5.66 5.08
CA VAL A 14 3.90 -4.76 3.93
C VAL A 14 5.35 -4.52 3.55
N VAL A 15 5.68 -4.75 2.30
CA VAL A 15 7.04 -4.55 1.82
C VAL A 15 7.04 -4.13 0.35
N ALA A 16 7.84 -3.13 0.03
CA ALA A 16 8.00 -2.69 -1.36
C ALA A 16 9.27 -3.28 -1.93
N ARG A 17 9.14 -3.98 -3.05
CA ARG A 17 10.26 -4.72 -3.60
C ARG A 17 10.52 -4.32 -5.05
N PRO A 18 11.78 -4.06 -5.40
CA PRO A 18 12.17 -3.68 -6.75
C PRO A 18 12.23 -4.88 -7.69
N VAL A 19 11.46 -4.82 -8.77
CA VAL A 19 11.50 -5.87 -9.77
C VAL A 19 12.78 -5.74 -10.59
N PRO A 20 13.68 -6.72 -10.50
CA PRO A 20 15.00 -6.66 -11.13
C PRO A 20 14.92 -6.66 -12.65
N SER A 21 13.77 -7.04 -13.17
CA SER A 21 13.58 -7.12 -14.61
C SER A 21 13.07 -5.78 -15.17
N ASN A 22 12.57 -4.92 -14.30
CA ASN A 22 11.98 -3.67 -14.72
C ASN A 22 12.53 -2.47 -13.95
N PRO A 23 13.22 -1.57 -14.65
CA PRO A 23 13.79 -0.35 -14.05
C PRO A 23 12.75 0.72 -13.79
N ARG A 24 11.64 0.33 -13.16
CA ARG A 24 10.55 1.25 -12.85
C ARG A 24 9.52 0.60 -11.94
N ARG A 25 9.50 -0.73 -11.93
CA ARG A 25 8.47 -1.46 -11.21
C ARG A 25 8.84 -1.71 -9.75
N LEU A 26 7.96 -1.25 -8.87
CA LEU A 26 8.05 -1.55 -7.45
C LEU A 26 6.83 -2.38 -7.04
N GLU A 27 7.08 -3.48 -6.39
CA GLU A 27 6.01 -4.38 -5.99
C GLU A 27 5.74 -4.23 -4.50
N VAL A 28 4.56 -3.75 -4.16
CA VAL A 28 4.16 -3.56 -2.78
C VAL A 28 3.23 -4.68 -2.34
N THR A 29 3.80 -5.66 -1.67
CA THR A 29 3.04 -6.80 -1.19
C THR A 29 2.75 -6.63 0.29
N TRP A 30 1.52 -6.91 0.70
CA TRP A 30 1.13 -6.74 2.08
C TRP A 30 0.22 -7.86 2.55
N GLN A 31 -0.41 -7.64 3.69
CA GLN A 31 -1.34 -8.59 4.26
C GLN A 31 -2.26 -7.85 5.23
N THR A 32 -3.36 -8.47 5.62
CA THR A 32 -4.26 -7.85 6.56
C THR A 32 -3.70 -7.97 7.98
N PRO A 33 -4.00 -6.99 8.85
CA PRO A 33 -3.56 -7.02 10.24
C PRO A 33 -3.98 -8.30 10.95
N SER A 34 -3.12 -8.83 11.80
CA SER A 34 -3.40 -10.07 12.52
C SER A 34 -4.66 -9.94 13.38
N THR A 35 -4.97 -8.71 13.77
CA THR A 35 -6.14 -8.44 14.58
C THR A 35 -7.43 -8.57 13.76
N TRP A 36 -7.29 -8.42 12.45
CA TRP A 36 -8.44 -8.49 11.55
C TRP A 36 -8.93 -9.93 11.40
N PRO A 37 -10.26 -10.13 11.40
CA PRO A 37 -10.86 -11.45 11.20
C PRO A 37 -10.76 -11.90 9.74
N ASP A 38 -11.75 -12.64 9.24
CA ASP A 38 -11.73 -13.08 7.86
C ASP A 38 -11.87 -11.90 6.89
N PRO A 39 -10.86 -11.68 6.04
CA PRO A 39 -10.82 -10.52 5.14
C PRO A 39 -11.77 -10.62 3.95
N GLU A 40 -12.45 -11.74 3.81
CA GLU A 40 -13.41 -11.90 2.74
C GLU A 40 -14.80 -11.51 3.22
N SER A 41 -15.16 -11.98 4.41
CA SER A 41 -16.41 -11.59 5.04
C SER A 41 -16.34 -10.15 5.52
N PHE A 42 -15.15 -9.74 5.93
CA PHE A 42 -14.89 -8.36 6.31
C PHE A 42 -13.82 -7.78 5.39
N PRO A 43 -14.24 -7.23 4.24
CA PRO A 43 -13.31 -6.73 3.22
C PRO A 43 -12.49 -5.54 3.71
N LEU A 44 -11.19 -5.58 3.43
CA LEU A 44 -10.30 -4.51 3.81
C LEU A 44 -9.91 -3.68 2.59
N LYS A 45 -10.38 -2.44 2.57
CA LYS A 45 -10.05 -1.52 1.49
C LYS A 45 -8.68 -0.91 1.75
N PHE A 46 -7.83 -0.96 0.75
CA PHE A 46 -6.48 -0.43 0.86
C PHE A 46 -6.34 0.81 -0.03
N PHE A 47 -5.52 1.74 0.40
CA PHE A 47 -5.23 2.92 -0.39
C PHE A 47 -3.73 3.13 -0.45
N LEU A 48 -3.25 3.62 -1.58
CA LEU A 48 -1.81 3.73 -1.79
C LEU A 48 -1.41 5.12 -2.26
N ARG A 49 -0.30 5.61 -1.70
CA ARG A 49 0.32 6.85 -2.16
C ARG A 49 1.81 6.61 -2.34
N TYR A 50 2.35 6.97 -3.50
CA TYR A 50 3.74 6.72 -3.78
C TYR A 50 4.46 7.99 -4.25
N ARG A 51 5.00 8.72 -3.29
CA ARG A 51 5.68 9.98 -3.58
C ARG A 51 7.17 9.78 -3.80
N PRO A 52 7.72 10.31 -4.89
CA PRO A 52 9.16 10.33 -5.10
C PRO A 52 9.83 11.26 -4.10
N LEU A 53 10.90 10.80 -3.45
CA LEU A 53 11.53 11.53 -2.36
C LEU A 53 11.86 12.97 -2.72
N ILE A 54 12.25 13.20 -3.97
CA ILE A 54 12.65 14.54 -4.41
C ILE A 54 11.46 15.40 -4.80
N LEU A 55 10.27 14.82 -4.79
CA LEU A 55 9.08 15.55 -5.18
C LEU A 55 8.04 15.53 -4.06
N ASP A 56 6.92 16.17 -4.30
CA ASP A 56 5.80 16.19 -3.37
C ASP A 56 4.54 15.79 -4.11
N GLN A 57 4.61 14.65 -4.77
CA GLN A 57 3.52 14.17 -5.61
C GLN A 57 2.83 12.98 -4.95
N TRP A 58 1.77 13.26 -4.23
CA TRP A 58 1.04 12.23 -3.53
C TRP A 58 -0.07 11.67 -4.41
N GLN A 59 -0.27 10.36 -4.32
CA GLN A 59 -1.29 9.70 -5.13
C GLN A 59 -2.31 9.01 -4.23
N HIS A 60 -3.48 8.75 -4.77
CA HIS A 60 -4.52 8.06 -4.02
C HIS A 60 -5.15 6.97 -4.85
N VAL A 61 -4.51 5.80 -4.85
CA VAL A 61 -4.97 4.69 -5.65
C VAL A 61 -5.33 3.49 -4.80
N GLU A 62 -5.02 2.33 -5.36
CA GLU A 62 -5.26 1.04 -4.75
C GLU A 62 -6.69 0.58 -5.01
N LEU A 63 -7.26 -0.16 -4.06
CA LEU A 63 -8.44 -0.95 -4.35
C LEU A 63 -9.32 -1.18 -3.12
N SER A 64 -10.41 -1.90 -3.33
CA SER A 64 -11.32 -2.25 -2.26
C SER A 64 -10.94 -3.57 -1.61
N ASN A 65 -10.06 -4.31 -2.29
CA ASN A 65 -9.56 -5.57 -1.79
C ASN A 65 -8.43 -6.07 -2.68
N GLY A 66 -7.26 -6.22 -2.10
CA GLY A 66 -6.08 -6.60 -2.85
C GLY A 66 -4.90 -6.83 -1.92
N THR A 67 -3.91 -7.58 -2.38
CA THR A 67 -2.82 -7.97 -1.51
C THR A 67 -1.44 -7.69 -2.11
N ALA A 68 -1.36 -7.62 -3.43
CA ALA A 68 -0.08 -7.40 -4.09
C ALA A 68 -0.19 -6.32 -5.16
N HIS A 69 0.25 -5.11 -4.83
CA HIS A 69 0.24 -4.03 -5.80
C HIS A 69 1.57 -3.97 -6.55
N THR A 70 1.51 -3.68 -7.83
CA THR A 70 2.71 -3.49 -8.63
C THR A 70 2.68 -2.12 -9.29
N ILE A 71 3.71 -1.32 -9.05
CA ILE A 71 3.75 0.04 -9.59
C ILE A 71 4.98 0.23 -10.48
N THR A 72 4.73 0.41 -11.77
CA THR A 72 5.79 0.73 -12.72
C THR A 72 5.96 2.24 -12.82
N ASP A 73 5.42 2.92 -11.83
CA ASP A 73 5.40 4.38 -11.78
C ASP A 73 6.57 4.91 -10.97
N ALA A 74 7.34 4.00 -10.42
CA ALA A 74 8.40 4.37 -9.50
C ALA A 74 9.65 4.76 -10.26
N TYR A 75 10.44 5.63 -9.66
CA TYR A 75 11.68 6.10 -10.27
C TYR A 75 12.82 5.18 -9.85
N ALA A 76 13.39 4.48 -10.81
CA ALA A 76 14.50 3.58 -10.55
C ALA A 76 15.67 4.34 -9.93
N GLY A 77 15.84 5.59 -10.36
CA GLY A 77 16.94 6.40 -9.88
C GLY A 77 16.58 7.25 -8.66
N LYS A 78 15.39 7.06 -8.10
CA LYS A 78 14.97 7.88 -6.96
C LYS A 78 14.02 7.12 -6.04
N GLU A 79 14.39 7.02 -4.78
CA GLU A 79 13.60 6.33 -3.76
C GLU A 79 12.16 6.85 -3.71
N TYR A 80 11.23 5.92 -3.58
CA TYR A 80 9.82 6.25 -3.46
C TYR A 80 9.31 5.91 -2.07
N ILE A 81 8.43 6.76 -1.55
CA ILE A 81 7.78 6.45 -0.28
C ILE A 81 6.33 6.04 -0.56
N ILE A 82 6.08 4.74 -0.45
CA ILE A 82 4.79 4.18 -0.78
C ILE A 82 4.01 3.86 0.49
N GLN A 83 3.16 4.78 0.89
CA GLN A 83 2.39 4.61 2.11
C GLN A 83 1.03 3.99 1.82
N VAL A 84 0.68 3.00 2.63
CA VAL A 84 -0.56 2.25 2.46
C VAL A 84 -1.52 2.56 3.61
N ALA A 85 -2.81 2.74 3.28
CA ALA A 85 -3.83 3.01 4.28
C ALA A 85 -4.90 1.93 4.26
N ALA A 86 -5.85 2.02 5.19
CA ALA A 86 -6.90 1.01 5.31
C ALA A 86 -8.27 1.64 5.59
N LYS A 87 -9.32 0.89 5.27
CA LYS A 87 -10.70 1.29 5.53
C LYS A 87 -11.60 0.09 5.31
N ASP A 88 -12.77 0.08 5.94
CA ASP A 88 -13.73 -0.99 5.72
C ASP A 88 -14.49 -0.75 4.42
N ASN A 89 -14.80 -1.82 3.71
CA ASN A 89 -15.39 -1.70 2.37
C ASN A 89 -16.92 -1.69 2.42
N GLU A 90 -17.50 -1.15 3.48
CA GLU A 90 -18.94 -1.03 3.57
C GLU A 90 -19.34 0.41 3.92
N ILE A 91 -18.56 1.03 4.79
CA ILE A 91 -18.80 2.41 5.19
C ILE A 91 -17.47 3.16 5.24
N GLY A 92 -17.53 4.48 5.06
CA GLY A 92 -16.32 5.27 4.96
C GLY A 92 -15.63 5.52 6.29
N THR A 93 -15.14 4.45 6.90
CA THR A 93 -14.36 4.55 8.13
C THR A 93 -12.87 4.51 7.80
N TRP A 94 -12.34 5.66 7.41
CA TRP A 94 -10.96 5.75 6.94
C TRP A 94 -9.98 5.72 8.10
N SER A 95 -8.92 4.94 7.93
CA SER A 95 -7.80 4.98 8.85
C SER A 95 -6.78 5.99 8.35
N ASP A 96 -5.72 6.21 9.10
CA ASP A 96 -4.68 7.13 8.67
C ASP A 96 -3.69 6.42 7.76
N TRP A 97 -2.82 7.18 7.13
CA TRP A 97 -1.78 6.63 6.28
C TRP A 97 -0.78 5.89 7.16
N SER A 98 -0.82 4.56 7.09
CA SER A 98 -0.13 3.74 8.06
C SER A 98 1.29 3.40 7.62
N VAL A 99 1.43 2.41 6.75
CA VAL A 99 2.74 1.87 6.42
C VAL A 99 3.37 2.60 5.23
N ALA A 100 4.44 3.33 5.49
CA ALA A 100 5.22 3.97 4.44
C ALA A 100 6.35 3.07 3.98
N ALA A 101 6.08 2.26 2.96
CA ALA A 101 7.09 1.37 2.42
C ALA A 101 8.08 2.15 1.55
N HIS A 102 9.36 1.91 1.78
CA HIS A 102 10.40 2.61 1.04
C HIS A 102 11.14 1.65 0.13
N ALA A 103 11.28 2.02 -1.14
CA ALA A 103 11.99 1.18 -2.10
C ALA A 103 12.38 1.97 -3.34
N THR A 104 13.26 1.38 -4.14
CA THR A 104 13.71 1.99 -5.38
C THR A 104 13.87 0.92 -6.46
N PRO A 105 13.17 1.05 -7.61
CA PRO A 105 13.22 0.05 -8.66
C PRO A 105 14.64 -0.13 -9.22
N TRP A 106 14.84 -1.22 -9.95
CA TRP A 106 16.15 -1.57 -10.50
C TRP A 106 16.76 -0.42 -11.30
N THR A 107 17.87 0.11 -10.80
CA THR A 107 18.55 1.21 -11.46
C THR A 107 19.65 0.71 -12.40
N GLU A 108 19.34 0.61 -13.68
CA GLU A 108 20.30 0.17 -14.67
C GLU A 108 21.13 1.34 -15.17
N GLU A 109 22.42 1.12 -15.33
CA GLU A 109 23.33 2.15 -15.81
C GLU A 109 24.25 1.60 -16.89
N GLY A 1 -19.48 -1.62 17.74
CA GLY A 1 -19.80 -1.49 16.30
C GLY A 1 -19.64 -2.80 15.57
N PRO A 2 -19.43 -2.76 14.25
CA PRO A 2 -19.19 -3.97 13.45
C PRO A 2 -17.91 -4.68 13.87
N LEU A 3 -18.04 -5.88 14.40
CA LEU A 3 -16.88 -6.63 14.90
C LEU A 3 -16.00 -7.11 13.76
N GLY A 4 -15.17 -6.19 13.27
CA GLY A 4 -14.31 -6.49 12.16
C GLY A 4 -13.88 -5.23 11.44
N SER A 5 -14.83 -4.60 10.76
CA SER A 5 -14.55 -3.38 10.01
C SER A 5 -14.60 -2.13 10.90
N VAL A 6 -14.21 -2.31 12.17
CA VAL A 6 -14.15 -1.19 13.11
C VAL A 6 -12.81 -0.49 13.02
N LYS A 7 -12.46 -0.07 11.79
CA LYS A 7 -11.17 0.54 11.51
C LYS A 7 -10.07 -0.52 11.54
N PRO A 8 -9.60 -0.94 10.37
CA PRO A 8 -8.59 -2.00 10.26
C PRO A 8 -7.29 -1.60 10.94
N ASP A 9 -6.49 -2.59 11.29
CA ASP A 9 -5.21 -2.34 11.92
C ASP A 9 -4.17 -2.05 10.85
N PRO A 10 -3.18 -1.17 11.14
CA PRO A 10 -2.16 -0.80 10.16
C PRO A 10 -1.64 -2.00 9.37
N PRO A 11 -1.76 -1.94 8.03
CA PRO A 11 -1.41 -3.05 7.14
C PRO A 11 -0.10 -3.74 7.51
N GLU A 12 -0.07 -5.05 7.37
CA GLU A 12 1.08 -5.85 7.73
C GLU A 12 1.69 -6.51 6.51
N ASN A 13 2.94 -6.94 6.62
CA ASN A 13 3.66 -7.59 5.53
C ASN A 13 3.74 -6.69 4.31
N VAL A 14 3.89 -5.40 4.56
CA VAL A 14 3.95 -4.42 3.49
C VAL A 14 5.38 -4.24 2.99
N VAL A 15 5.66 -4.78 1.82
CA VAL A 15 6.98 -4.68 1.23
C VAL A 15 6.90 -4.39 -0.25
N ALA A 16 7.54 -3.31 -0.68
CA ALA A 16 7.65 -2.99 -2.09
C ALA A 16 8.97 -3.51 -2.62
N ARG A 17 8.91 -4.55 -3.44
CA ARG A 17 10.10 -5.26 -3.86
C ARG A 17 10.58 -4.82 -5.23
N PRO A 18 11.85 -4.42 -5.33
CA PRO A 18 12.45 -3.94 -6.58
C PRO A 18 12.70 -5.07 -7.58
N VAL A 19 12.07 -4.97 -8.74
CA VAL A 19 12.26 -5.93 -9.81
C VAL A 19 13.55 -5.61 -10.59
N PRO A 20 14.54 -6.52 -10.55
CA PRO A 20 15.86 -6.31 -11.16
C PRO A 20 15.79 -6.23 -12.69
N SER A 21 14.71 -6.74 -13.23
CA SER A 21 14.54 -6.77 -14.67
C SER A 21 13.72 -5.57 -15.15
N ASN A 22 13.25 -4.77 -14.20
CA ASN A 22 12.46 -3.60 -14.53
C ASN A 22 12.84 -2.39 -13.68
N PRO A 23 13.44 -1.38 -14.30
CA PRO A 23 13.90 -0.15 -13.62
C PRO A 23 12.79 0.60 -12.89
N ARG A 24 11.54 0.34 -13.25
CA ARG A 24 10.45 1.13 -12.70
C ARG A 24 9.46 0.28 -11.90
N ARG A 25 9.68 -1.03 -11.87
CA ARG A 25 8.72 -1.93 -11.25
C ARG A 25 9.00 -2.18 -9.78
N LEU A 26 8.01 -1.89 -8.95
CA LEU A 26 8.04 -2.25 -7.54
C LEU A 26 6.90 -3.19 -7.23
N GLU A 27 7.24 -4.38 -6.75
CA GLU A 27 6.23 -5.35 -6.33
C GLU A 27 5.71 -4.98 -4.94
N VAL A 28 4.82 -4.01 -4.88
CA VAL A 28 4.28 -3.55 -3.61
C VAL A 28 3.27 -4.57 -3.09
N THR A 29 3.75 -5.48 -2.27
CA THR A 29 2.93 -6.58 -1.80
C THR A 29 2.74 -6.49 -0.28
N TRP A 30 1.54 -6.79 0.17
CA TRP A 30 1.23 -6.73 1.59
C TRP A 30 0.23 -7.81 1.97
N GLN A 31 -0.20 -7.77 3.22
CA GLN A 31 -1.22 -8.66 3.73
C GLN A 31 -2.15 -7.88 4.64
N THR A 32 -3.19 -8.52 5.14
CA THR A 32 -4.07 -7.86 6.09
C THR A 32 -3.42 -7.86 7.46
N PRO A 33 -3.81 -6.94 8.35
CA PRO A 33 -3.26 -6.87 9.70
C PRO A 33 -3.57 -8.13 10.51
N SER A 34 -2.83 -8.30 11.60
CA SER A 34 -2.99 -9.46 12.47
C SER A 34 -4.38 -9.52 13.07
N THR A 35 -4.95 -8.36 13.39
CA THR A 35 -6.23 -8.29 14.06
C THR A 35 -7.40 -8.34 13.07
N TRP A 36 -7.11 -8.37 11.77
CA TRP A 36 -8.15 -8.44 10.76
C TRP A 36 -8.72 -9.85 10.69
N PRO A 37 -10.06 -9.97 10.76
CA PRO A 37 -10.74 -11.26 10.69
C PRO A 37 -10.77 -11.80 9.26
N ASP A 38 -11.90 -12.39 8.86
CA ASP A 38 -12.04 -12.93 7.52
C ASP A 38 -12.13 -11.82 6.48
N PRO A 39 -11.20 -11.82 5.50
CA PRO A 39 -11.16 -10.78 4.46
C PRO A 39 -12.17 -11.00 3.35
N GLU A 40 -12.93 -12.09 3.43
CA GLU A 40 -13.95 -12.37 2.44
C GLU A 40 -15.21 -11.57 2.76
N SER A 41 -15.67 -11.67 4.01
CA SER A 41 -16.83 -10.92 4.46
C SER A 41 -16.44 -9.47 4.79
N PHE A 42 -15.16 -9.25 5.03
CA PHE A 42 -14.65 -7.90 5.30
C PHE A 42 -13.65 -7.50 4.22
N PRO A 43 -14.12 -6.75 3.21
CA PRO A 43 -13.33 -6.43 2.01
C PRO A 43 -12.02 -5.71 2.31
N LEU A 44 -12.09 -4.65 3.11
CA LEU A 44 -10.93 -3.82 3.41
C LEU A 44 -10.40 -3.12 2.16
N LYS A 45 -10.62 -1.82 2.09
CA LYS A 45 -10.06 -1.01 1.02
C LYS A 45 -8.71 -0.45 1.44
N PHE A 46 -7.65 -0.93 0.82
CA PHE A 46 -6.31 -0.46 1.13
C PHE A 46 -6.02 0.81 0.32
N PHE A 47 -5.48 1.81 0.99
CA PHE A 47 -5.19 3.08 0.33
C PHE A 47 -3.71 3.26 0.16
N LEU A 48 -3.28 3.42 -1.08
CA LEU A 48 -1.88 3.49 -1.41
C LEU A 48 -1.53 4.82 -2.09
N ARG A 49 -0.47 5.45 -1.60
CA ARG A 49 0.08 6.64 -2.24
C ARG A 49 1.58 6.47 -2.34
N TYR A 50 2.16 6.80 -3.49
CA TYR A 50 3.58 6.62 -3.70
C TYR A 50 4.23 7.91 -4.20
N ARG A 51 4.84 8.63 -3.28
CA ARG A 51 5.48 9.90 -3.59
C ARG A 51 6.97 9.73 -3.90
N PRO A 52 7.43 10.24 -5.06
CA PRO A 52 8.85 10.24 -5.39
C PRO A 52 9.63 11.17 -4.45
N LEU A 53 10.84 10.78 -4.10
CA LEU A 53 11.63 11.53 -3.12
C LEU A 53 12.01 12.92 -3.62
N ILE A 54 11.83 13.18 -4.91
CA ILE A 54 12.21 14.46 -5.48
C ILE A 54 11.00 15.26 -5.98
N LEU A 55 9.80 14.74 -5.74
CA LEU A 55 8.60 15.42 -6.18
C LEU A 55 7.42 15.05 -5.29
N ASP A 56 6.66 16.05 -4.88
CA ASP A 56 5.51 15.82 -4.00
C ASP A 56 4.31 15.33 -4.81
N GLN A 57 4.41 14.11 -5.32
CA GLN A 57 3.36 13.51 -6.12
C GLN A 57 2.60 12.47 -5.32
N TRP A 58 1.73 12.93 -4.42
CA TRP A 58 0.93 12.02 -3.62
C TRP A 58 -0.17 11.40 -4.47
N GLN A 59 -0.22 10.08 -4.48
CA GLN A 59 -1.18 9.36 -5.30
C GLN A 59 -2.34 8.87 -4.45
N HIS A 60 -3.28 8.19 -5.07
CA HIS A 60 -4.45 7.68 -4.37
C HIS A 60 -5.02 6.46 -5.06
N VAL A 61 -4.65 5.29 -4.56
CA VAL A 61 -5.21 4.03 -5.06
C VAL A 61 -6.00 3.35 -3.96
N GLU A 62 -7.18 2.86 -4.29
CA GLU A 62 -8.01 2.14 -3.33
C GLU A 62 -8.14 0.68 -3.75
N LEU A 63 -7.68 -0.22 -2.90
CA LEU A 63 -7.61 -1.63 -3.23
C LEU A 63 -8.39 -2.49 -2.23
N SER A 64 -9.65 -2.77 -2.55
CA SER A 64 -10.45 -3.68 -1.74
C SER A 64 -9.98 -5.12 -1.97
N ASN A 65 -9.41 -5.68 -0.91
CA ASN A 65 -8.82 -7.03 -0.96
C ASN A 65 -7.60 -7.08 -1.86
N GLY A 66 -7.12 -5.90 -2.26
CA GLY A 66 -5.89 -5.82 -3.01
C GLY A 66 -4.72 -6.14 -2.12
N THR A 67 -3.79 -6.92 -2.63
CA THR A 67 -2.70 -7.42 -1.82
C THR A 67 -1.36 -7.28 -2.53
N ALA A 68 -1.41 -7.07 -3.84
CA ALA A 68 -0.20 -6.96 -4.64
C ALA A 68 -0.31 -5.82 -5.64
N HIS A 69 0.10 -4.63 -5.23
CA HIS A 69 0.14 -3.49 -6.14
C HIS A 69 1.51 -3.37 -6.79
N THR A 70 1.73 -4.18 -7.79
CA THR A 70 2.96 -4.13 -8.56
C THR A 70 2.92 -2.95 -9.54
N ILE A 71 3.58 -1.87 -9.15
CA ILE A 71 3.56 -0.65 -9.95
C ILE A 71 4.87 -0.46 -10.69
N THR A 72 4.77 -0.07 -11.95
CA THR A 72 5.94 0.26 -12.75
C THR A 72 6.04 1.78 -12.89
N ASP A 73 5.44 2.46 -11.93
CA ASP A 73 5.37 3.92 -11.91
C ASP A 73 6.46 4.52 -11.03
N ALA A 74 7.34 3.66 -10.53
CA ALA A 74 8.34 4.09 -9.58
C ALA A 74 9.58 4.60 -10.29
N TYR A 75 10.42 5.32 -9.56
CA TYR A 75 11.63 5.88 -10.14
C TYR A 75 12.80 4.93 -9.95
N ALA A 76 13.55 4.69 -11.01
CA ALA A 76 14.70 3.80 -10.97
C ALA A 76 15.78 4.36 -10.04
N GLY A 77 16.30 5.50 -10.44
CA GLY A 77 17.35 6.15 -9.68
C GLY A 77 16.81 7.16 -8.67
N LYS A 78 15.68 6.87 -8.06
CA LYS A 78 15.08 7.76 -7.08
C LYS A 78 14.18 6.99 -6.14
N GLU A 79 14.22 7.33 -4.86
CA GLU A 79 13.45 6.63 -3.85
C GLU A 79 11.97 7.02 -3.94
N TYR A 80 11.12 6.11 -3.49
CA TYR A 80 9.69 6.34 -3.46
C TYR A 80 9.14 5.99 -2.08
N ILE A 81 8.28 6.86 -1.55
CA ILE A 81 7.66 6.61 -0.26
C ILE A 81 6.20 6.23 -0.44
N ILE A 82 5.87 5.01 -0.05
CA ILE A 82 4.53 4.48 -0.23
C ILE A 82 3.79 4.44 1.11
N GLN A 83 2.79 5.31 1.24
CA GLN A 83 1.97 5.34 2.44
C GLN A 83 0.76 4.42 2.25
N VAL A 84 0.54 3.53 3.20
CA VAL A 84 -0.53 2.57 3.12
C VAL A 84 -1.52 2.76 4.27
N ALA A 85 -2.77 3.02 3.91
CA ALA A 85 -3.84 3.19 4.90
C ALA A 85 -4.92 2.14 4.69
N ALA A 86 -5.91 2.12 5.58
CA ALA A 86 -6.96 1.12 5.51
C ALA A 86 -8.33 1.69 5.90
N LYS A 87 -9.37 1.08 5.36
CA LYS A 87 -10.75 1.46 5.64
C LYS A 87 -11.69 0.43 5.02
N ASP A 88 -12.86 0.22 5.61
CA ASP A 88 -13.79 -0.79 5.08
C ASP A 88 -14.46 -0.29 3.80
N ASN A 89 -15.06 -1.19 3.04
CA ASN A 89 -15.67 -0.85 1.77
C ASN A 89 -17.00 -0.12 1.95
N GLU A 90 -17.82 -0.58 2.89
CA GLU A 90 -19.12 0.03 3.12
C GLU A 90 -19.07 0.97 4.31
N ILE A 91 -18.32 0.61 5.33
CA ILE A 91 -18.13 1.47 6.49
C ILE A 91 -16.93 2.37 6.26
N GLY A 92 -17.13 3.67 6.40
CA GLY A 92 -16.07 4.62 6.14
C GLY A 92 -15.13 4.78 7.32
N THR A 93 -14.62 3.67 7.82
CA THR A 93 -13.70 3.68 8.94
C THR A 93 -12.29 4.03 8.48
N TRP A 94 -12.13 5.25 8.02
CA TRP A 94 -10.85 5.72 7.48
C TRP A 94 -9.79 5.79 8.56
N SER A 95 -8.70 5.06 8.35
CA SER A 95 -7.58 5.12 9.26
C SER A 95 -6.60 6.21 8.82
N ASP A 96 -5.66 6.53 9.69
CA ASP A 96 -4.65 7.52 9.38
C ASP A 96 -3.51 6.88 8.60
N TRP A 97 -2.59 7.70 8.11
CA TRP A 97 -1.43 7.22 7.36
C TRP A 97 -0.59 6.29 8.24
N SER A 98 -0.69 5.01 7.98
CA SER A 98 -0.08 4.01 8.85
C SER A 98 1.34 3.64 8.42
N VAL A 99 1.44 2.77 7.42
CA VAL A 99 2.73 2.22 7.01
C VAL A 99 3.39 3.05 5.92
N ALA A 100 4.48 3.69 6.28
CA ALA A 100 5.31 4.41 5.32
C ALA A 100 6.39 3.50 4.76
N ALA A 101 6.07 2.86 3.63
CA ALA A 101 7.00 1.92 3.00
C ALA A 101 7.98 2.66 2.09
N HIS A 102 9.26 2.50 2.37
CA HIS A 102 10.30 3.10 1.55
C HIS A 102 10.85 2.08 0.58
N ALA A 103 10.87 2.41 -0.70
CA ALA A 103 11.31 1.46 -1.72
C ALA A 103 11.92 2.16 -2.94
N THR A 104 12.59 1.35 -3.76
CA THR A 104 13.23 1.84 -4.98
C THR A 104 13.44 0.67 -5.95
N PRO A 105 12.85 0.71 -7.15
CA PRO A 105 12.99 -0.37 -8.12
C PRO A 105 14.41 -0.47 -8.67
N TRP A 106 14.56 -1.12 -9.82
CA TRP A 106 15.88 -1.31 -10.40
C TRP A 106 16.49 0.02 -10.82
N THR A 107 17.51 0.44 -10.10
CA THR A 107 18.20 1.67 -10.41
C THR A 107 19.01 1.50 -11.69
N GLU A 108 18.48 2.07 -12.76
CA GLU A 108 19.05 1.93 -14.09
C GLU A 108 20.50 2.42 -14.13
N GLU A 109 21.42 1.48 -14.19
CA GLU A 109 22.84 1.78 -14.19
C GLU A 109 23.27 2.38 -15.52
#